data_6T24
#
_entry.id   6T24
#
loop_
_entity.id
_entity.type
_entity.pdbx_description
1 polymer 'Actin, alpha skeletal muscle'
2 non-polymer "ADENOSINE-5'-DIPHOSPHATE"
3 non-polymer 'PHOSPHATE ION'
4 non-polymer 'MAGNESIUM ION'
5 non-polymer (4~{R},7~{R},10~{S},13~{S},15~{E},19~{S})-10-(4-azanylbutyl)-4-(4-hydroxyphenyl)-7-(1~{H}-indol-3-ylmethyl)-8,13,15,19-tetramethyl-1-oxa-5,8,11-triazacyclononadec-15-ene-2,6,9,12-tetrone
#
_entity_poly.entity_id   1
_entity_poly.type   'polypeptide(L)'
_entity_poly.pdbx_seq_one_letter_code
;DEDETTALVCDNGSGLVKAGFAGDDAPRAVFPSIVGRPRHQGVMVGMGQKDSYVGDEAQSKRGILTLKYPIE(HIC)GII
TNWDDMEKIWHHTFYNELRVAPEEHPTLLTEAPLNPKANREKMTQIMFETFNVPAMYVAIQAVLSLYASGRTTGIVLDSG
DGVTHNVPIYEGYALPHAIMRLDLAGRDLTDYLMKILTERGYSFVTTAEREIVRDIKEKLCYVALDFENEMATAASSSSL
EKSYELPDGQVITIGNERFRCPETLFQPSFIGMESAGIHETTYNSIMKCDIDIRKDLYANNVMSGGTTMYPGIADRMQKE
ITALAPSTMKIKIIAPPERKYSVWIGGSILASLSTFQQMWITKQEYDEAGPSIVHRKCF
;
_entity_poly.pdbx_strand_id   A,B,C,D,E
#
loop_
_chem_comp.id
_chem_comp.type
_chem_comp.name
_chem_comp.formula
9ZK non-polymer (4~{R},7~{R},10~{S},13~{S},15~{E},19~{S})-10-(4-azanylbutyl)-4-(4-hydroxyphenyl)-7-(1~{H}-indol-3-ylmethyl)-8,13,15,19-tetramethyl-1-oxa-5,8,11-triazacyclononadec-15-ene-2,6,9,12-tetrone 'C38 H51 N5 O6'
ADP non-polymer ADENOSINE-5'-DIPHOSPHATE 'C10 H15 N5 O10 P2'
MG non-polymer 'MAGNESIUM ION' 'Mg 2'
PO4 non-polymer 'PHOSPHATE ION' 'O4 P -3'
#
# COMPACT_ATOMS: atom_id res chain seq x y z
N THR A 5 -46.74 -43.53 -30.61
CA THR A 5 -47.96 -43.95 -29.93
C THR A 5 -48.92 -42.78 -29.80
N THR A 6 -48.47 -41.71 -29.16
CA THR A 6 -49.26 -40.49 -29.02
C THR A 6 -48.50 -39.43 -29.74
N ALA A 7 -49.13 -38.71 -30.65
CA ALA A 7 -48.31 -37.75 -31.34
C ALA A 7 -47.74 -36.75 -30.38
N LEU A 8 -46.51 -36.39 -30.61
CA LEU A 8 -45.82 -35.42 -29.81
C LEU A 8 -45.93 -34.11 -30.54
N VAL A 9 -46.20 -33.05 -29.80
CA VAL A 9 -46.34 -31.75 -30.42
C VAL A 9 -45.25 -30.82 -29.93
N CYS A 10 -44.50 -30.24 -30.87
CA CYS A 10 -43.42 -29.34 -30.49
C CYS A 10 -43.34 -28.10 -31.34
N ASP A 11 -43.69 -26.98 -30.73
CA ASP A 11 -43.71 -25.69 -31.39
C ASP A 11 -42.38 -24.98 -31.19
N ASN A 12 -41.55 -24.98 -32.23
CA ASN A 12 -40.21 -24.40 -32.17
C ASN A 12 -40.30 -22.93 -32.49
N GLY A 13 -41.01 -22.23 -31.63
CA GLY A 13 -41.28 -20.83 -31.81
C GLY A 13 -40.03 -20.04 -31.56
N SER A 14 -39.89 -18.90 -32.21
CA SER A 14 -38.72 -18.17 -31.91
C SER A 14 -38.75 -17.69 -30.47
N GLY A 15 -37.68 -17.93 -29.79
CA GLY A 15 -37.52 -17.48 -28.43
C GLY A 15 -38.16 -18.39 -27.38
N LEU A 16 -38.97 -19.37 -27.77
CA LEU A 16 -39.62 -20.17 -26.74
C LEU A 16 -40.08 -21.52 -27.26
N VAL A 17 -39.69 -22.58 -26.57
CA VAL A 17 -40.06 -23.91 -27.02
C VAL A 17 -41.25 -24.38 -26.24
N LYS A 18 -42.32 -24.72 -26.95
CA LYS A 18 -43.50 -25.20 -26.26
C LYS A 18 -43.82 -26.60 -26.72
N ALA A 19 -43.73 -27.57 -25.82
CA ALA A 19 -43.95 -28.94 -26.22
C ALA A 19 -44.75 -29.75 -25.19
N GLY A 20 -45.46 -30.74 -25.68
CA GLY A 20 -46.29 -31.63 -24.86
C GLY A 20 -46.85 -32.70 -25.75
N PHE A 21 -47.88 -33.41 -25.31
CA PHE A 21 -48.38 -34.49 -26.14
C PHE A 21 -49.74 -34.21 -26.67
N ALA A 22 -50.04 -34.76 -27.82
CA ALA A 22 -51.36 -34.58 -28.36
C ALA A 22 -52.36 -35.13 -27.39
N GLY A 23 -53.42 -34.38 -27.19
CA GLY A 23 -54.49 -34.75 -26.29
C GLY A 23 -54.35 -33.96 -24.99
N ASP A 24 -53.17 -33.38 -24.78
CA ASP A 24 -52.89 -32.52 -23.60
C ASP A 24 -53.36 -31.10 -23.93
N ASP A 25 -54.06 -30.44 -23.01
CA ASP A 25 -54.59 -29.11 -23.27
C ASP A 25 -53.60 -28.00 -23.02
N ALA A 26 -52.36 -28.38 -22.76
CA ALA A 26 -51.30 -27.45 -22.51
C ALA A 26 -49.97 -28.13 -22.77
N PRO A 27 -48.92 -27.41 -23.11
CA PRO A 27 -47.59 -27.95 -23.25
C PRO A 27 -47.13 -28.36 -21.88
N ARG A 28 -46.28 -29.35 -21.80
CA ARG A 28 -45.74 -29.77 -20.52
C ARG A 28 -44.43 -29.08 -20.28
N ALA A 29 -43.72 -28.84 -21.38
CA ALA A 29 -42.41 -28.25 -21.36
C ALA A 29 -42.42 -26.89 -22.00
N VAL A 30 -42.19 -25.88 -21.20
CA VAL A 30 -42.14 -24.53 -21.73
C VAL A 30 -40.87 -23.89 -21.25
N PHE A 31 -39.98 -23.58 -22.16
CA PHE A 31 -38.71 -22.97 -21.75
C PHE A 31 -38.16 -22.16 -22.90
N PRO A 32 -37.29 -21.16 -22.67
CA PRO A 32 -36.69 -20.34 -23.70
C PRO A 32 -35.87 -21.10 -24.72
N SER A 33 -35.94 -20.65 -25.97
CA SER A 33 -35.16 -21.28 -27.06
C SER A 33 -33.78 -20.68 -27.09
N ILE A 34 -33.08 -20.87 -25.99
CA ILE A 34 -31.77 -20.27 -25.80
C ILE A 34 -30.64 -21.20 -25.44
N VAL A 35 -29.54 -21.01 -26.15
CA VAL A 35 -28.33 -21.74 -25.84
C VAL A 35 -27.27 -20.75 -25.39
N GLY A 36 -26.73 -20.93 -24.20
CA GLY A 36 -25.72 -20.01 -23.69
C GLY A 36 -24.35 -20.63 -23.57
N ARG A 37 -23.32 -19.79 -23.62
CA ARG A 37 -21.94 -20.23 -23.43
C ARG A 37 -21.17 -19.29 -22.51
N PRO A 38 -20.19 -19.75 -21.72
CA PRO A 38 -19.41 -18.92 -20.81
C PRO A 38 -18.78 -17.74 -21.50
N ARG A 39 -18.88 -16.58 -20.85
CA ARG A 39 -18.37 -15.31 -21.37
C ARG A 39 -16.95 -14.90 -20.93
N HIS A 40 -16.58 -15.16 -19.67
CA HIS A 40 -15.33 -14.60 -19.15
C HIS A 40 -14.13 -15.53 -19.00
N GLN A 41 -14.33 -16.82 -19.18
CA GLN A 41 -13.23 -17.75 -18.96
C GLN A 41 -13.48 -18.96 -19.84
N GLY A 42 -12.59 -19.93 -19.82
CA GLY A 42 -12.79 -21.12 -20.61
C GLY A 42 -13.57 -22.09 -19.76
N VAL A 43 -13.74 -23.29 -20.26
CA VAL A 43 -14.49 -24.29 -19.52
C VAL A 43 -13.53 -25.08 -18.69
N MET A 44 -13.80 -25.20 -17.42
CA MET A 44 -12.91 -25.97 -16.57
C MET A 44 -13.28 -27.42 -16.78
N VAL A 45 -12.81 -27.98 -17.88
CA VAL A 45 -13.16 -29.32 -18.34
C VAL A 45 -12.71 -30.42 -17.40
N GLY A 46 -11.70 -30.17 -16.58
CA GLY A 46 -11.22 -31.14 -15.62
C GLY A 46 -12.00 -31.02 -14.31
N MET A 47 -12.97 -30.10 -14.26
CA MET A 47 -13.79 -29.81 -13.10
C MET A 47 -15.28 -29.83 -13.48
N GLY A 48 -16.13 -29.44 -12.53
CA GLY A 48 -17.57 -29.46 -12.77
C GLY A 48 -18.09 -28.28 -13.61
N GLN A 49 -17.64 -28.18 -14.86
CA GLN A 49 -18.10 -27.12 -15.76
C GLN A 49 -18.52 -27.66 -17.11
N LYS A 50 -19.49 -26.97 -17.70
CA LYS A 50 -20.08 -27.29 -18.99
C LYS A 50 -19.66 -26.35 -20.10
N ASP A 51 -19.84 -26.81 -21.33
CA ASP A 51 -19.55 -26.01 -22.50
C ASP A 51 -20.70 -25.09 -22.84
N SER A 52 -21.91 -25.53 -22.55
CA SER A 52 -23.09 -24.74 -22.85
C SER A 52 -24.20 -25.03 -21.88
N TYR A 53 -25.14 -24.11 -21.82
CA TYR A 53 -26.31 -24.21 -20.97
C TYR A 53 -27.56 -24.00 -21.78
N VAL A 54 -28.64 -24.74 -21.49
CA VAL A 54 -29.83 -24.60 -22.32
C VAL A 54 -31.15 -24.31 -21.61
N GLY A 55 -31.89 -23.35 -22.15
CA GLY A 55 -33.21 -23.03 -21.64
C GLY A 55 -33.14 -22.45 -20.26
N ASP A 56 -33.76 -23.12 -19.30
CA ASP A 56 -33.73 -22.60 -17.96
C ASP A 56 -32.32 -22.45 -17.44
N GLU A 57 -31.40 -23.32 -17.86
CA GLU A 57 -30.06 -23.18 -17.35
C GLU A 57 -29.45 -21.88 -17.87
N ALA A 58 -29.76 -21.59 -19.13
CA ALA A 58 -29.25 -20.42 -19.81
C ALA A 58 -29.74 -19.15 -19.14
N GLN A 59 -30.97 -19.20 -18.63
CA GLN A 59 -31.50 -18.04 -17.93
C GLN A 59 -30.99 -17.91 -16.51
N SER A 60 -30.88 -19.01 -15.78
CA SER A 60 -30.45 -18.92 -14.39
C SER A 60 -29.03 -18.43 -14.27
N LYS A 61 -28.21 -18.77 -15.23
CA LYS A 61 -26.82 -18.42 -15.26
C LYS A 61 -26.54 -17.32 -16.26
N ARG A 62 -27.57 -16.62 -16.74
CA ARG A 62 -27.38 -15.67 -17.82
C ARG A 62 -26.37 -14.60 -17.53
N GLY A 63 -26.17 -14.22 -16.28
CA GLY A 63 -25.21 -13.16 -16.00
C GLY A 63 -23.76 -13.51 -16.35
N ILE A 64 -23.46 -14.79 -16.61
CA ILE A 64 -22.10 -15.13 -16.95
C ILE A 64 -22.01 -15.73 -18.35
N LEU A 65 -23.12 -15.76 -19.07
CA LEU A 65 -23.17 -16.40 -20.35
C LEU A 65 -23.51 -15.46 -21.48
N THR A 66 -22.99 -15.76 -22.64
CA THR A 66 -23.43 -15.06 -23.83
C THR A 66 -24.56 -15.90 -24.34
N LEU A 67 -25.70 -15.31 -24.61
CA LEU A 67 -26.82 -16.15 -25.03
C LEU A 67 -27.14 -15.96 -26.48
N LYS A 68 -27.43 -17.05 -27.16
CA LYS A 68 -27.79 -17.00 -28.55
C LYS A 68 -29.14 -17.64 -28.83
N TYR A 69 -29.82 -17.07 -29.80
CA TYR A 69 -31.06 -17.60 -30.30
C TYR A 69 -30.78 -18.25 -31.64
N PRO A 70 -30.98 -19.55 -31.83
CA PRO A 70 -30.70 -20.27 -33.05
C PRO A 70 -31.66 -19.92 -34.19
N ILE A 71 -32.77 -19.28 -33.82
CA ILE A 71 -33.81 -18.91 -34.76
C ILE A 71 -33.91 -17.39 -34.93
N GLU A 72 -33.78 -16.94 -36.17
CA GLU A 72 -33.88 -15.54 -36.52
C GLU A 72 -34.91 -15.35 -37.60
N HIC A 73 -35.89 -14.49 -37.32
CA HIC A 73 -37.02 -14.21 -38.23
C HIC A 73 -37.72 -15.51 -38.63
O HIC A 73 -38.13 -15.64 -39.80
CB HIC A 73 -36.56 -13.40 -39.46
CG HIC A 73 -35.92 -12.11 -39.12
ND1 HIC A 73 -36.67 -10.95 -39.01
CD2 HIC A 73 -34.60 -11.82 -38.88
CE1 HIC A 73 -35.82 -9.99 -38.71
NE2 HIC A 73 -34.55 -10.46 -38.61
CZ HIC A 73 -33.34 -9.72 -38.29
N GLY A 74 -37.80 -16.48 -37.69
CA GLY A 74 -38.48 -17.73 -37.95
C GLY A 74 -37.65 -18.78 -38.66
N ILE A 75 -36.40 -18.47 -38.97
CA ILE A 75 -35.54 -19.39 -39.70
C ILE A 75 -34.43 -19.93 -38.86
N ILE A 76 -34.28 -21.24 -38.87
CA ILE A 76 -33.22 -21.79 -38.07
C ILE A 76 -31.94 -21.64 -38.83
N THR A 77 -30.97 -20.99 -38.23
CA THR A 77 -29.70 -20.82 -38.89
C THR A 77 -28.60 -21.51 -38.12
N ASN A 78 -28.78 -21.64 -36.81
CA ASN A 78 -27.75 -22.30 -36.06
C ASN A 78 -28.22 -23.71 -35.77
N TRP A 79 -27.90 -24.61 -36.68
CA TRP A 79 -28.41 -25.95 -36.60
C TRP A 79 -27.82 -26.74 -35.46
N ASP A 80 -26.61 -26.41 -35.05
CA ASP A 80 -26.04 -27.16 -33.96
C ASP A 80 -26.76 -26.81 -32.67
N ASP A 81 -27.09 -25.54 -32.50
CA ASP A 81 -27.79 -25.13 -31.31
C ASP A 81 -29.21 -25.62 -31.35
N MET A 82 -29.79 -25.71 -32.54
CA MET A 82 -31.14 -26.18 -32.63
C MET A 82 -31.18 -27.63 -32.17
N GLU A 83 -30.16 -28.42 -32.55
CA GLU A 83 -30.15 -29.79 -32.07
C GLU A 83 -29.96 -29.84 -30.57
N LYS A 84 -29.18 -28.93 -29.98
CA LYS A 84 -29.03 -28.99 -28.54
C LYS A 84 -30.37 -28.75 -27.87
N ILE A 85 -31.16 -27.82 -28.38
CA ILE A 85 -32.45 -27.59 -27.78
C ILE A 85 -33.35 -28.79 -27.91
N TRP A 86 -33.39 -29.39 -29.09
CA TRP A 86 -34.22 -30.56 -29.26
C TRP A 86 -33.74 -31.70 -28.38
N HIS A 87 -32.42 -31.85 -28.29
CA HIS A 87 -31.80 -32.89 -27.43
C HIS A 87 -32.35 -32.79 -26.01
N HIS A 88 -32.46 -31.56 -25.47
CA HIS A 88 -32.99 -31.39 -24.14
C HIS A 88 -34.51 -31.50 -24.12
N THR A 89 -35.19 -31.02 -25.16
CA THR A 89 -36.63 -31.08 -25.16
C THR A 89 -37.08 -32.54 -25.04
N PHE A 90 -36.46 -33.41 -25.83
CA PHE A 90 -36.81 -34.81 -25.80
C PHE A 90 -36.28 -35.56 -24.59
N TYR A 91 -35.04 -35.31 -24.17
CA TYR A 91 -34.53 -36.15 -23.10
C TYR A 91 -34.57 -35.58 -21.68
N ASN A 92 -34.65 -34.28 -21.52
CA ASN A 92 -34.68 -33.72 -20.17
C ASN A 92 -36.02 -33.13 -19.79
N GLU A 93 -36.73 -32.54 -20.74
CA GLU A 93 -37.98 -31.88 -20.42
C GLU A 93 -39.20 -32.78 -20.55
N LEU A 94 -39.36 -33.42 -21.70
CA LEU A 94 -40.48 -34.34 -21.88
C LEU A 94 -40.07 -35.73 -21.44
N ARG A 95 -38.76 -35.97 -21.51
CA ARG A 95 -38.11 -37.23 -21.13
C ARG A 95 -38.67 -38.44 -21.86
N VAL A 96 -38.78 -38.31 -23.17
CA VAL A 96 -39.33 -39.30 -24.06
C VAL A 96 -38.39 -39.58 -25.22
N ALA A 97 -38.14 -40.83 -25.56
CA ALA A 97 -37.28 -41.01 -26.71
C ALA A 97 -38.07 -40.69 -27.99
N PRO A 98 -37.49 -40.06 -29.00
CA PRO A 98 -38.18 -39.71 -30.23
C PRO A 98 -38.70 -40.93 -30.99
N GLU A 99 -38.09 -42.07 -30.77
CA GLU A 99 -38.46 -43.33 -31.42
C GLU A 99 -39.81 -43.84 -30.99
N GLU A 100 -40.33 -43.30 -29.91
CA GLU A 100 -41.59 -43.74 -29.35
C GLU A 100 -42.86 -43.10 -29.95
N HIS A 101 -42.76 -41.84 -30.39
CA HIS A 101 -43.98 -41.15 -30.88
C HIS A 101 -43.72 -40.40 -32.19
N PRO A 102 -44.74 -40.16 -33.03
CA PRO A 102 -44.59 -39.37 -34.24
C PRO A 102 -44.57 -37.89 -33.80
N THR A 103 -43.95 -37.00 -34.58
CA THR A 103 -43.88 -35.61 -34.13
C THR A 103 -44.36 -34.55 -35.10
N LEU A 104 -45.19 -33.68 -34.58
CA LEU A 104 -45.72 -32.54 -35.30
C LEU A 104 -44.96 -31.27 -34.98
N LEU A 105 -44.37 -30.67 -36.01
CA LEU A 105 -43.61 -29.44 -35.90
C LEU A 105 -44.39 -28.32 -36.52
N THR A 106 -43.98 -27.10 -36.22
CA THR A 106 -44.65 -25.93 -36.72
C THR A 106 -43.70 -25.05 -37.53
N GLU A 107 -44.25 -24.20 -38.40
CA GLU A 107 -43.42 -23.28 -39.17
C GLU A 107 -44.16 -22.00 -39.62
N ALA A 108 -43.44 -20.89 -39.74
CA ALA A 108 -44.01 -19.68 -40.34
C ALA A 108 -44.10 -19.93 -41.85
N PRO A 109 -45.04 -19.34 -42.57
CA PRO A 109 -45.18 -19.45 -44.01
C PRO A 109 -44.09 -18.66 -44.71
N LEU A 110 -43.83 -19.01 -45.96
CA LEU A 110 -42.90 -18.34 -46.87
C LEU A 110 -41.44 -18.39 -46.45
N ASN A 111 -41.02 -19.43 -45.75
CA ASN A 111 -39.62 -19.58 -45.40
C ASN A 111 -38.84 -20.22 -46.52
N PRO A 112 -37.50 -20.38 -46.41
CA PRO A 112 -36.67 -21.05 -47.37
C PRO A 112 -37.09 -22.48 -47.39
N LYS A 113 -37.02 -23.16 -48.53
CA LYS A 113 -37.38 -24.56 -48.55
C LYS A 113 -36.51 -25.36 -47.63
N ALA A 114 -35.25 -24.97 -47.57
CA ALA A 114 -34.25 -25.63 -46.78
C ALA A 114 -34.65 -25.74 -45.32
N ASN A 115 -35.44 -24.81 -44.81
CA ASN A 115 -35.74 -24.87 -43.40
C ASN A 115 -36.54 -26.15 -43.12
N ARG A 116 -37.39 -26.58 -44.06
CA ARG A 116 -38.22 -27.74 -43.83
C ARG A 116 -37.43 -28.97 -44.09
N GLU A 117 -36.56 -28.87 -45.09
CA GLU A 117 -35.79 -30.00 -45.52
C GLU A 117 -34.77 -30.36 -44.43
N LYS A 118 -34.19 -29.35 -43.77
CA LYS A 118 -33.24 -29.60 -42.71
C LYS A 118 -33.93 -30.08 -41.46
N MET A 119 -35.11 -29.53 -41.12
CA MET A 119 -35.74 -30.05 -39.92
C MET A 119 -36.08 -31.50 -40.13
N THR A 120 -36.49 -31.84 -41.35
CA THR A 120 -36.85 -33.20 -41.64
C THR A 120 -35.66 -34.11 -41.55
N GLN A 121 -34.54 -33.72 -42.14
CA GLN A 121 -33.37 -34.58 -42.08
C GLN A 121 -32.98 -34.84 -40.64
N ILE A 122 -33.01 -33.82 -39.80
CA ILE A 122 -32.61 -34.01 -38.41
C ILE A 122 -33.56 -34.95 -37.69
N MET A 123 -34.84 -34.74 -37.90
CA MET A 123 -35.82 -35.59 -37.25
C MET A 123 -35.79 -37.03 -37.74
N PHE A 124 -35.29 -37.32 -38.95
CA PHE A 124 -35.16 -38.73 -39.29
C PHE A 124 -33.75 -39.31 -39.08
N GLU A 125 -32.69 -38.48 -39.11
CA GLU A 125 -31.33 -39.00 -38.98
C GLU A 125 -30.63 -38.81 -37.61
N THR A 126 -30.97 -37.78 -36.84
CA THR A 126 -30.32 -37.56 -35.54
C THR A 126 -31.23 -38.12 -34.47
N PHE A 127 -32.51 -37.88 -34.65
CA PHE A 127 -33.52 -38.36 -33.74
C PHE A 127 -34.25 -39.39 -34.54
N ASN A 128 -34.46 -40.58 -34.07
CA ASN A 128 -35.16 -41.50 -34.97
C ASN A 128 -36.67 -41.37 -34.88
N VAL A 129 -37.23 -40.30 -35.43
CA VAL A 129 -38.67 -40.08 -35.30
C VAL A 129 -39.45 -40.95 -36.29
N PRO A 130 -40.39 -41.81 -35.85
CA PRO A 130 -41.16 -42.71 -36.70
C PRO A 130 -41.82 -42.07 -37.91
N ALA A 131 -42.35 -40.87 -37.71
CA ALA A 131 -43.03 -40.11 -38.73
C ALA A 131 -43.11 -38.67 -38.30
N MET A 132 -43.25 -37.76 -39.24
CA MET A 132 -43.38 -36.36 -38.86
C MET A 132 -44.18 -35.54 -39.82
N TYR A 133 -44.55 -34.37 -39.38
CA TYR A 133 -45.26 -33.44 -40.23
C TYR A 133 -44.94 -32.05 -39.84
N VAL A 134 -44.78 -31.14 -40.79
CA VAL A 134 -44.54 -29.76 -40.42
C VAL A 134 -45.69 -28.88 -40.90
N ALA A 135 -46.39 -28.27 -39.94
CA ALA A 135 -47.58 -27.47 -40.17
C ALA A 135 -47.35 -25.98 -40.10
N ILE A 136 -48.19 -25.23 -40.77
CA ILE A 136 -48.17 -23.78 -40.65
C ILE A 136 -48.92 -23.38 -39.40
N GLN A 137 -48.30 -22.48 -38.66
CA GLN A 137 -48.86 -22.02 -37.40
C GLN A 137 -50.20 -21.33 -37.50
N ALA A 138 -50.41 -20.53 -38.52
CA ALA A 138 -51.69 -19.84 -38.64
C ALA A 138 -52.83 -20.83 -38.77
N VAL A 139 -52.58 -21.95 -39.44
CA VAL A 139 -53.59 -22.94 -39.64
C VAL A 139 -53.90 -23.60 -38.33
N LEU A 140 -52.87 -23.94 -37.57
CA LEU A 140 -53.11 -24.58 -36.30
C LEU A 140 -53.84 -23.65 -35.37
N SER A 141 -53.51 -22.37 -35.40
CA SER A 141 -54.18 -21.44 -34.55
C SER A 141 -55.66 -21.40 -34.88
N LEU A 142 -56.01 -21.43 -36.15
CA LEU A 142 -57.43 -21.40 -36.44
C LEU A 142 -58.06 -22.72 -35.90
N TYR A 143 -57.38 -23.88 -36.02
CA TYR A 143 -57.96 -25.11 -35.46
C TYR A 143 -58.25 -24.95 -33.99
N ALA A 144 -57.35 -24.30 -33.27
CA ALA A 144 -57.52 -24.06 -31.85
C ALA A 144 -58.76 -23.23 -31.54
N SER A 145 -59.13 -22.27 -32.41
CA SER A 145 -60.31 -21.46 -32.13
C SER A 145 -61.57 -22.26 -32.44
N GLY A 146 -61.46 -23.21 -33.35
CA GLY A 146 -62.55 -24.08 -33.75
C GLY A 146 -63.34 -23.58 -34.95
N ARG A 147 -62.96 -22.43 -35.48
CA ARG A 147 -63.60 -21.83 -36.62
C ARG A 147 -63.02 -22.39 -37.90
N THR A 148 -63.78 -22.35 -38.99
CA THR A 148 -63.26 -22.78 -40.29
C THR A 148 -62.96 -21.60 -41.19
N THR A 149 -63.52 -20.46 -40.82
CA THR A 149 -63.35 -19.24 -41.57
C THR A 149 -62.88 -18.14 -40.67
N GLY A 150 -61.87 -17.44 -41.13
CA GLY A 150 -61.35 -16.30 -40.42
C GLY A 150 -59.94 -16.02 -40.86
N ILE A 151 -59.41 -14.90 -40.44
CA ILE A 151 -58.05 -14.57 -40.80
C ILE A 151 -57.22 -14.63 -39.56
N VAL A 152 -56.12 -15.35 -39.63
CA VAL A 152 -55.28 -15.45 -38.45
C VAL A 152 -54.03 -14.65 -38.53
N LEU A 153 -53.87 -13.80 -37.52
CA LEU A 153 -52.71 -12.95 -37.35
C LEU A 153 -51.87 -13.51 -36.24
N ASP A 154 -50.84 -14.28 -36.59
CA ASP A 154 -49.94 -14.89 -35.58
C ASP A 154 -48.74 -13.95 -35.41
N SER A 155 -48.58 -13.33 -34.23
CA SER A 155 -47.47 -12.41 -34.07
C SER A 155 -46.65 -12.89 -32.92
N GLY A 156 -45.49 -13.42 -33.28
CA GLY A 156 -44.61 -14.05 -32.32
C GLY A 156 -43.35 -13.26 -32.12
N ASP A 157 -42.31 -14.00 -31.83
CA ASP A 157 -41.03 -13.45 -31.56
C ASP A 157 -40.23 -13.04 -32.79
N GLY A 158 -40.31 -13.81 -33.88
CA GLY A 158 -39.47 -13.51 -35.03
C GLY A 158 -40.23 -13.11 -36.29
N VAL A 159 -41.45 -13.60 -36.43
CA VAL A 159 -42.26 -13.30 -37.60
C VAL A 159 -43.68 -12.94 -37.25
N THR A 160 -44.26 -11.98 -37.98
CA THR A 160 -45.69 -11.73 -37.87
C THR A 160 -46.32 -12.10 -39.21
N HIS A 161 -47.35 -12.94 -39.18
CA HIS A 161 -47.95 -13.32 -40.45
C HIS A 161 -49.45 -13.45 -40.44
N ASN A 162 -50.03 -13.23 -41.63
CA ASN A 162 -51.46 -13.24 -41.85
C ASN A 162 -51.91 -14.21 -42.91
N VAL A 163 -52.62 -15.23 -42.46
CA VAL A 163 -53.10 -16.24 -43.37
C VAL A 163 -54.61 -16.35 -43.36
N PRO A 164 -55.32 -15.82 -44.35
CA PRO A 164 -56.75 -15.93 -44.44
C PRO A 164 -57.11 -17.34 -44.84
N ILE A 165 -58.12 -17.88 -44.18
CA ILE A 165 -58.67 -19.21 -44.44
C ILE A 165 -60.18 -19.09 -44.61
N TYR A 166 -60.73 -19.69 -45.66
CA TYR A 166 -62.17 -19.63 -45.86
C TYR A 166 -62.80 -20.99 -46.03
N GLU A 167 -63.75 -21.32 -45.16
CA GLU A 167 -64.43 -22.60 -45.22
C GLU A 167 -63.45 -23.76 -45.29
N GLY A 168 -62.37 -23.65 -44.53
CA GLY A 168 -61.34 -24.66 -44.44
C GLY A 168 -60.25 -24.57 -45.52
N TYR A 169 -60.41 -23.69 -46.50
CA TYR A 169 -59.42 -23.59 -47.57
C TYR A 169 -58.47 -22.45 -47.37
N ALA A 170 -57.24 -22.63 -47.77
CA ALA A 170 -56.30 -21.54 -47.71
C ALA A 170 -56.52 -20.61 -48.88
N LEU A 171 -56.19 -19.36 -48.68
CA LEU A 171 -56.20 -18.39 -49.76
C LEU A 171 -54.78 -17.84 -49.90
N PRO A 172 -53.82 -18.65 -50.41
CA PRO A 172 -52.38 -18.43 -50.38
C PRO A 172 -51.89 -17.20 -51.09
N HIS A 173 -52.62 -16.68 -52.05
CA HIS A 173 -52.16 -15.52 -52.77
C HIS A 173 -52.24 -14.28 -51.89
N ALA A 174 -52.98 -14.39 -50.78
CA ALA A 174 -53.20 -13.30 -49.87
C ALA A 174 -52.39 -13.47 -48.59
N ILE A 175 -51.41 -14.38 -48.58
CA ILE A 175 -50.60 -14.49 -47.37
C ILE A 175 -49.59 -13.38 -47.31
N MET A 176 -49.57 -12.71 -46.17
CA MET A 176 -48.66 -11.61 -45.97
C MET A 176 -47.77 -11.87 -44.78
N ARG A 177 -46.52 -11.46 -44.91
CA ARG A 177 -45.55 -11.62 -43.84
C ARG A 177 -44.76 -10.36 -43.56
N LEU A 178 -44.64 -10.05 -42.29
CA LEU A 178 -43.88 -8.93 -41.81
C LEU A 178 -42.68 -9.44 -41.05
N ASP A 179 -41.59 -8.69 -41.06
CA ASP A 179 -40.44 -9.07 -40.26
C ASP A 179 -40.62 -8.60 -38.84
N LEU A 180 -41.37 -7.51 -38.66
CA LEU A 180 -41.54 -6.99 -37.33
C LEU A 180 -42.19 -7.99 -36.40
N ALA A 181 -41.54 -8.20 -35.27
CA ALA A 181 -41.99 -9.15 -34.27
C ALA A 181 -41.47 -8.76 -32.87
N GLY A 182 -41.80 -9.58 -31.87
CA GLY A 182 -41.44 -9.30 -30.48
C GLY A 182 -39.96 -9.02 -30.25
N ARG A 183 -39.08 -9.66 -31.03
CA ARG A 183 -37.65 -9.46 -30.91
C ARG A 183 -37.28 -8.01 -31.21
N ASP A 184 -38.01 -7.37 -32.13
CA ASP A 184 -37.70 -6.02 -32.55
C ASP A 184 -38.30 -5.07 -31.59
N LEU A 185 -39.43 -5.44 -31.02
CA LEU A 185 -40.06 -4.54 -30.10
C LEU A 185 -39.15 -4.40 -28.90
N THR A 186 -38.52 -5.53 -28.51
CA THR A 186 -37.59 -5.52 -27.40
C THR A 186 -36.40 -4.67 -27.73
N ASP A 187 -35.86 -4.80 -28.93
CA ASP A 187 -34.68 -4.01 -29.28
C ASP A 187 -35.02 -2.53 -29.33
N TYR A 188 -36.22 -2.19 -29.81
CA TYR A 188 -36.61 -0.81 -29.86
C TYR A 188 -36.72 -0.25 -28.48
N LEU A 189 -37.31 -1.00 -27.56
CA LEU A 189 -37.43 -0.53 -26.20
C LEU A 189 -36.04 -0.35 -25.58
N MET A 190 -35.11 -1.26 -25.87
CA MET A 190 -33.78 -1.06 -25.31
C MET A 190 -33.24 0.29 -25.75
N LYS A 191 -33.48 0.66 -27.01
CA LYS A 191 -33.03 1.96 -27.47
C LYS A 191 -33.84 3.09 -26.84
N ILE A 192 -35.15 2.92 -26.68
CA ILE A 192 -35.95 4.00 -26.12
C ILE A 192 -35.46 4.33 -24.73
N LEU A 193 -35.17 3.31 -23.96
CA LEU A 193 -34.81 3.49 -22.57
C LEU A 193 -33.50 4.24 -22.34
N THR A 194 -32.68 4.45 -23.38
CA THR A 194 -31.45 5.18 -23.15
C THR A 194 -31.82 6.64 -22.89
N GLU A 195 -33.03 7.04 -23.26
CA GLU A 195 -33.51 8.39 -23.06
C GLU A 195 -33.58 8.74 -21.59
N ARG A 196 -33.80 7.73 -20.72
CA ARG A 196 -33.92 7.97 -19.30
C ARG A 196 -32.62 7.65 -18.61
N GLY A 197 -31.59 7.36 -19.41
CA GLY A 197 -30.28 6.99 -18.92
C GLY A 197 -30.14 5.54 -18.51
N TYR A 198 -30.99 4.66 -19.01
CA TYR A 198 -30.86 3.28 -18.60
C TYR A 198 -30.30 2.51 -19.75
N SER A 199 -29.02 2.19 -19.71
CA SER A 199 -28.40 1.53 -20.83
C SER A 199 -28.24 0.04 -20.65
N PHE A 200 -28.92 -0.70 -21.52
CA PHE A 200 -28.94 -2.14 -21.53
C PHE A 200 -28.23 -2.57 -22.81
N VAL A 201 -27.04 -3.12 -22.71
CA VAL A 201 -26.29 -3.46 -23.91
C VAL A 201 -25.84 -4.90 -24.02
N THR A 202 -25.87 -5.64 -22.93
CA THR A 202 -25.40 -7.01 -22.96
C THR A 202 -26.57 -7.90 -23.23
N THR A 203 -26.30 -9.15 -23.52
CA THR A 203 -27.36 -10.07 -23.79
C THR A 203 -28.23 -10.28 -22.56
N ALA A 204 -27.64 -10.46 -21.37
CA ALA A 204 -28.50 -10.64 -20.20
C ALA A 204 -29.36 -9.39 -19.99
N GLU A 205 -28.80 -8.23 -20.26
CA GLU A 205 -29.56 -7.00 -20.11
C GLU A 205 -30.75 -6.97 -21.08
N ARG A 206 -30.58 -7.56 -22.26
CA ARG A 206 -31.65 -7.68 -23.23
C ARG A 206 -32.78 -8.49 -22.64
N GLU A 207 -32.44 -9.53 -21.88
CA GLU A 207 -33.44 -10.39 -21.28
C GLU A 207 -34.20 -9.61 -20.21
N ILE A 208 -33.50 -8.72 -19.52
CA ILE A 208 -34.18 -7.89 -18.53
C ILE A 208 -35.18 -6.99 -19.21
N VAL A 209 -34.77 -6.36 -20.32
CA VAL A 209 -35.71 -5.49 -20.99
C VAL A 209 -36.88 -6.28 -21.46
N ARG A 210 -36.66 -7.48 -21.98
CA ARG A 210 -37.78 -8.29 -22.36
C ARG A 210 -38.73 -8.46 -21.17
N ASP A 211 -38.20 -8.74 -19.98
CA ASP A 211 -39.09 -8.90 -18.83
C ASP A 211 -39.84 -7.61 -18.50
N ILE A 212 -39.19 -6.45 -18.67
CA ILE A 212 -39.83 -5.18 -18.38
C ILE A 212 -41.00 -5.01 -19.32
N LYS A 213 -40.76 -5.24 -20.60
CA LYS A 213 -41.78 -5.11 -21.62
C LYS A 213 -43.01 -5.94 -21.31
N GLU A 214 -42.77 -7.19 -20.91
CA GLU A 214 -43.81 -8.15 -20.63
C GLU A 214 -44.70 -7.72 -19.48
N LYS A 215 -44.14 -7.05 -18.49
CA LYS A 215 -44.93 -6.63 -17.35
C LYS A 215 -45.50 -5.22 -17.43
N LEU A 216 -44.80 -4.29 -18.07
CA LEU A 216 -45.27 -2.91 -18.07
C LEU A 216 -45.96 -2.37 -19.31
N CYS A 217 -45.70 -2.92 -20.49
CA CYS A 217 -46.24 -2.31 -21.70
C CYS A 217 -47.69 -2.60 -21.97
N TYR A 218 -48.33 -1.65 -22.66
CA TYR A 218 -49.71 -1.76 -23.07
C TYR A 218 -49.93 -1.00 -24.36
N VAL A 219 -51.02 -1.28 -25.04
CA VAL A 219 -51.28 -0.58 -26.27
C VAL A 219 -52.17 0.60 -26.03
N ALA A 220 -51.74 1.77 -26.44
CA ALA A 220 -52.57 2.92 -26.26
C ALA A 220 -53.74 2.79 -27.20
N LEU A 221 -54.94 3.14 -26.75
CA LEU A 221 -56.05 3.12 -27.68
C LEU A 221 -55.87 4.28 -28.65
N ASP A 222 -55.37 5.39 -28.13
CA ASP A 222 -55.13 6.59 -28.90
C ASP A 222 -53.75 7.09 -28.54
N PHE A 223 -52.78 6.79 -29.39
CA PHE A 223 -51.39 7.05 -29.10
C PHE A 223 -51.09 8.50 -28.83
N GLU A 224 -51.59 9.37 -29.67
CA GLU A 224 -51.27 10.77 -29.53
C GLU A 224 -51.89 11.36 -28.29
N ASN A 225 -53.12 10.97 -27.96
CA ASN A 225 -53.72 11.52 -26.76
C ASN A 225 -53.10 10.90 -25.53
N GLU A 226 -52.67 9.64 -25.63
CA GLU A 226 -52.07 8.98 -24.50
C GLU A 226 -50.73 9.64 -24.23
N MET A 227 -50.00 9.95 -25.31
CA MET A 227 -48.72 10.62 -25.22
C MET A 227 -48.87 12.03 -24.69
N ALA A 228 -49.88 12.76 -25.16
CA ALA A 228 -50.08 14.10 -24.66
C ALA A 228 -50.39 14.06 -23.17
N THR A 229 -51.14 13.04 -22.75
CA THR A 229 -51.47 12.90 -21.35
C THR A 229 -50.21 12.60 -20.55
N ALA A 230 -49.40 11.68 -21.07
CA ALA A 230 -48.17 11.24 -20.43
C ALA A 230 -47.22 12.38 -20.21
N ALA A 231 -47.26 13.34 -21.13
CA ALA A 231 -46.39 14.49 -21.05
C ALA A 231 -46.56 15.26 -19.74
N SER A 232 -47.77 15.30 -19.16
CA SER A 232 -47.93 16.05 -17.92
C SER A 232 -48.37 15.21 -16.73
N SER A 233 -48.89 13.99 -16.97
CA SER A 233 -49.39 13.18 -15.88
C SER A 233 -48.47 12.07 -15.38
N SER A 234 -48.11 12.19 -14.11
CA SER A 234 -47.23 11.28 -13.43
C SER A 234 -47.87 9.92 -13.19
N SER A 235 -49.18 9.81 -13.39
CA SER A 235 -49.93 8.57 -13.16
C SER A 235 -49.55 7.52 -14.20
N LEU A 236 -48.90 7.96 -15.25
CA LEU A 236 -48.44 7.07 -16.29
C LEU A 236 -47.21 6.29 -15.91
N GLU A 237 -46.40 6.83 -15.00
CA GLU A 237 -45.17 6.18 -14.67
C GLU A 237 -45.35 4.99 -13.74
N LYS A 238 -44.55 3.96 -13.96
CA LYS A 238 -44.53 2.78 -13.10
C LYS A 238 -43.11 2.44 -12.74
N SER A 239 -42.92 1.92 -11.55
CA SER A 239 -41.59 1.49 -11.17
C SER A 239 -41.38 0.03 -11.51
N TYR A 240 -40.12 -0.34 -11.66
CA TYR A 240 -39.73 -1.72 -11.87
C TYR A 240 -38.47 -2.02 -11.08
N GLU A 241 -38.47 -3.15 -10.40
CA GLU A 241 -37.28 -3.52 -9.65
C GLU A 241 -36.43 -4.49 -10.44
N LEU A 242 -35.20 -4.11 -10.63
CA LEU A 242 -34.20 -4.85 -11.36
C LEU A 242 -33.72 -6.00 -10.52
N PRO A 243 -33.17 -7.06 -11.11
CA PRO A 243 -32.63 -8.21 -10.42
C PRO A 243 -31.64 -7.89 -9.30
N ASP A 244 -30.90 -6.77 -9.38
CA ASP A 244 -29.95 -6.44 -8.35
C ASP A 244 -30.50 -5.51 -7.29
N GLY A 245 -31.79 -5.27 -7.30
CA GLY A 245 -32.41 -4.41 -6.31
C GLY A 245 -32.48 -2.94 -6.70
N GLN A 246 -31.92 -2.56 -7.83
CA GLN A 246 -32.05 -1.16 -8.17
C GLN A 246 -33.43 -0.94 -8.76
N VAL A 247 -33.94 0.26 -8.61
CA VAL A 247 -35.27 0.55 -9.13
C VAL A 247 -35.26 1.62 -10.17
N ILE A 248 -35.97 1.34 -11.26
CA ILE A 248 -36.07 2.28 -12.36
C ILE A 248 -37.51 2.66 -12.67
N THR A 249 -37.65 3.81 -13.31
CA THR A 249 -38.98 4.28 -13.65
C THR A 249 -39.21 4.30 -15.14
N ILE A 250 -40.32 3.72 -15.55
CA ILE A 250 -40.68 3.68 -16.94
C ILE A 250 -41.92 4.56 -17.11
N GLY A 251 -41.89 5.48 -18.07
CA GLY A 251 -42.96 6.43 -18.33
C GLY A 251 -43.73 6.07 -19.59
N ASN A 252 -43.63 6.91 -20.62
CA ASN A 252 -44.41 6.70 -21.82
C ASN A 252 -43.84 5.61 -22.71
N GLU A 253 -42.74 5.05 -22.27
CA GLU A 253 -42.09 3.99 -22.99
C GLU A 253 -43.00 2.77 -22.90
N ARG A 254 -43.89 2.77 -21.90
CA ARG A 254 -44.79 1.66 -21.70
C ARG A 254 -45.71 1.50 -22.91
N PHE A 255 -46.05 2.59 -23.61
CA PHE A 255 -46.89 2.43 -24.78
C PHE A 255 -46.17 2.79 -26.08
N ARG A 256 -45.02 3.44 -26.00
CA ARG A 256 -44.29 3.75 -27.21
C ARG A 256 -43.70 2.49 -27.81
N CYS A 257 -43.33 1.52 -26.98
CA CYS A 257 -42.80 0.30 -27.53
C CYS A 257 -43.79 -0.43 -28.45
N PRO A 258 -44.98 -0.92 -27.98
CA PRO A 258 -45.94 -1.64 -28.79
C PRO A 258 -46.53 -0.81 -29.91
N GLU A 259 -46.47 0.52 -29.82
CA GLU A 259 -46.98 1.36 -30.89
C GLU A 259 -46.29 1.04 -32.20
N THR A 260 -45.07 0.51 -32.14
CA THR A 260 -44.27 0.17 -33.31
C THR A 260 -45.09 -0.75 -34.23
N LEU A 261 -45.93 -1.61 -33.65
CA LEU A 261 -46.75 -2.55 -34.38
C LEU A 261 -47.75 -1.85 -35.26
N PHE A 262 -48.11 -0.63 -34.92
CA PHE A 262 -49.04 0.12 -35.70
C PHE A 262 -48.26 1.08 -36.58
N GLN A 263 -47.06 1.45 -36.13
CA GLN A 263 -46.19 2.35 -36.88
C GLN A 263 -44.76 1.84 -37.04
N PRO A 264 -44.48 0.86 -37.93
CA PRO A 264 -43.20 0.20 -38.16
C PRO A 264 -42.11 1.16 -38.60
N SER A 265 -42.52 2.35 -39.04
CA SER A 265 -41.61 3.39 -39.48
C SER A 265 -40.75 3.86 -38.31
N PHE A 266 -41.16 3.57 -37.08
CA PHE A 266 -40.43 3.96 -35.89
C PHE A 266 -39.08 3.27 -35.82
N ILE A 267 -38.96 2.14 -36.49
CA ILE A 267 -37.72 1.40 -36.50
C ILE A 267 -37.12 1.33 -37.89
N GLY A 268 -37.59 2.21 -38.78
CA GLY A 268 -37.10 2.29 -40.15
C GLY A 268 -37.74 1.37 -41.19
N MET A 269 -38.84 0.68 -40.87
CA MET A 269 -39.43 -0.20 -41.88
C MET A 269 -40.44 0.50 -42.79
N GLU A 270 -40.54 0.02 -44.05
CA GLU A 270 -41.54 0.48 -45.03
C GLU A 270 -42.81 -0.32 -44.91
N SER A 271 -42.77 -1.27 -44.01
CA SER A 271 -43.79 -2.24 -43.78
C SER A 271 -45.09 -1.63 -43.31
N ALA A 272 -46.15 -2.32 -43.68
CA ALA A 272 -47.50 -2.01 -43.29
C ALA A 272 -47.63 -2.27 -41.79
N GLY A 273 -48.50 -1.54 -41.11
CA GLY A 273 -48.68 -1.83 -39.70
C GLY A 273 -49.52 -3.08 -39.61
N ILE A 274 -49.72 -3.61 -38.41
CA ILE A 274 -50.44 -4.87 -38.36
C ILE A 274 -51.89 -4.76 -38.83
N HIS A 275 -52.46 -3.57 -38.65
CA HIS A 275 -53.88 -3.30 -39.04
C HIS A 275 -53.97 -3.00 -40.54
N GLU A 276 -52.84 -2.73 -41.20
CA GLU A 276 -52.86 -2.43 -42.61
C GLU A 276 -52.62 -3.71 -43.33
N THR A 277 -51.80 -4.55 -42.70
CA THR A 277 -51.44 -5.82 -43.25
C THR A 277 -52.68 -6.68 -43.25
N THR A 278 -53.41 -6.69 -42.14
CA THR A 278 -54.61 -7.49 -42.03
C THR A 278 -55.61 -7.02 -43.06
N TYR A 279 -55.78 -5.70 -43.15
CA TYR A 279 -56.71 -5.14 -44.09
C TYR A 279 -56.36 -5.51 -45.51
N ASN A 280 -55.09 -5.37 -45.89
CA ASN A 280 -54.72 -5.69 -47.25
C ASN A 280 -54.88 -7.17 -47.55
N SER A 281 -54.61 -8.04 -46.59
CA SER A 281 -54.79 -9.45 -46.87
C SER A 281 -56.24 -9.70 -47.20
N ILE A 282 -57.15 -9.06 -46.44
CA ILE A 282 -58.57 -9.20 -46.71
C ILE A 282 -58.90 -8.63 -48.08
N MET A 283 -58.35 -7.46 -48.42
CA MET A 283 -58.67 -6.87 -49.73
C MET A 283 -58.16 -7.71 -50.92
N LYS A 284 -57.13 -8.53 -50.70
CA LYS A 284 -56.61 -9.40 -51.76
C LYS A 284 -57.49 -10.63 -51.95
N CYS A 285 -58.45 -10.82 -51.07
CA CYS A 285 -59.34 -11.94 -51.11
C CYS A 285 -60.60 -11.55 -51.87
N ASP A 286 -61.29 -12.56 -52.38
CA ASP A 286 -62.51 -12.36 -53.15
C ASP A 286 -63.56 -11.57 -52.40
N ILE A 287 -64.27 -10.72 -53.13
CA ILE A 287 -65.29 -9.89 -52.55
C ILE A 287 -66.35 -10.65 -51.76
N ASP A 288 -66.65 -11.90 -52.12
CA ASP A 288 -67.67 -12.63 -51.38
C ASP A 288 -67.12 -13.38 -50.17
N ILE A 289 -65.84 -13.25 -49.93
CA ILE A 289 -65.16 -13.81 -48.79
C ILE A 289 -64.92 -12.74 -47.74
N ARG A 290 -64.60 -11.55 -48.20
CA ARG A 290 -64.23 -10.44 -47.35
C ARG A 290 -65.17 -10.24 -46.19
N LYS A 291 -66.47 -10.36 -46.39
CA LYS A 291 -67.38 -10.15 -45.29
C LYS A 291 -67.08 -11.01 -44.08
N ASP A 292 -66.68 -12.25 -44.29
CA ASP A 292 -66.49 -13.11 -43.15
C ASP A 292 -65.15 -12.87 -42.55
N LEU A 293 -64.18 -12.50 -43.36
CA LEU A 293 -62.89 -12.29 -42.78
C LEU A 293 -62.94 -11.07 -41.87
N TYR A 294 -63.71 -10.04 -42.25
CA TYR A 294 -63.78 -8.86 -41.37
C TYR A 294 -64.44 -9.22 -40.06
N ALA A 295 -65.46 -10.06 -40.17
CA ALA A 295 -66.21 -10.53 -39.03
C ALA A 295 -65.35 -11.35 -38.09
N ASN A 296 -64.35 -12.07 -38.61
CA ASN A 296 -63.55 -12.89 -37.72
C ASN A 296 -62.04 -12.70 -37.84
N ASN A 297 -61.52 -11.65 -37.22
CA ASN A 297 -60.08 -11.43 -37.20
C ASN A 297 -59.57 -12.12 -35.95
N VAL A 298 -58.76 -13.14 -36.13
CA VAL A 298 -58.31 -13.95 -35.01
C VAL A 298 -56.86 -13.69 -34.63
N MET A 299 -56.66 -13.30 -33.39
CA MET A 299 -55.32 -13.03 -32.90
C MET A 299 -54.69 -14.23 -32.25
N SER A 300 -53.38 -14.38 -32.42
CA SER A 300 -52.61 -15.39 -31.72
C SER A 300 -51.16 -14.98 -31.54
N GLY A 301 -50.46 -15.63 -30.61
CA GLY A 301 -49.04 -15.36 -30.43
C GLY A 301 -48.75 -14.40 -29.30
N GLY A 302 -47.54 -14.50 -28.76
CA GLY A 302 -47.10 -13.71 -27.61
C GLY A 302 -47.19 -12.19 -27.74
N THR A 303 -47.07 -11.61 -28.92
CA THR A 303 -47.10 -10.15 -28.91
C THR A 303 -48.51 -9.63 -28.73
N THR A 304 -49.50 -10.52 -28.78
CA THR A 304 -50.87 -10.07 -28.67
C THR A 304 -51.24 -10.00 -27.21
N MET A 305 -50.28 -10.30 -26.35
CA MET A 305 -50.47 -10.20 -24.93
C MET A 305 -50.57 -8.77 -24.45
N TYR A 306 -50.02 -7.79 -25.19
CA TYR A 306 -50.09 -6.45 -24.63
C TYR A 306 -51.55 -6.09 -24.36
N PRO A 307 -51.91 -5.65 -23.16
CA PRO A 307 -53.25 -5.26 -22.83
C PRO A 307 -53.66 -4.16 -23.77
N GLY A 308 -54.90 -4.23 -24.23
CA GLY A 308 -55.40 -3.19 -25.13
C GLY A 308 -55.16 -3.47 -26.60
N ILE A 309 -54.43 -4.53 -26.95
CA ILE A 309 -54.19 -4.73 -28.37
C ILE A 309 -55.47 -5.02 -29.12
N ALA A 310 -56.39 -5.72 -28.48
CA ALA A 310 -57.64 -6.05 -29.13
C ALA A 310 -58.46 -4.82 -29.43
N ASP A 311 -58.40 -3.81 -28.58
CA ASP A 311 -59.24 -2.67 -28.78
C ASP A 311 -58.62 -1.75 -29.79
N ARG A 312 -57.30 -1.68 -29.79
CA ARG A 312 -56.68 -0.84 -30.76
C ARG A 312 -56.86 -1.42 -32.15
N MET A 313 -56.73 -2.74 -32.28
CA MET A 313 -56.91 -3.31 -33.59
C MET A 313 -58.36 -3.15 -34.02
N GLN A 314 -59.32 -3.26 -33.08
CA GLN A 314 -60.71 -3.08 -33.47
C GLN A 314 -60.92 -1.71 -34.05
N LYS A 315 -60.32 -0.70 -33.42
CA LYS A 315 -60.46 0.65 -33.90
C LYS A 315 -59.86 0.84 -35.28
N GLU A 316 -58.66 0.30 -35.49
CA GLU A 316 -58.00 0.50 -36.76
C GLU A 316 -58.67 -0.22 -37.90
N ILE A 317 -59.11 -1.46 -37.69
CA ILE A 317 -59.73 -2.14 -38.79
C ILE A 317 -61.04 -1.46 -39.09
N THR A 318 -61.78 -1.10 -38.06
CA THR A 318 -63.05 -0.46 -38.26
C THR A 318 -62.88 0.80 -39.08
N ALA A 319 -61.85 1.58 -38.81
CA ALA A 319 -61.59 2.78 -39.58
C ALA A 319 -61.30 2.51 -41.05
N LEU A 320 -60.63 1.40 -41.37
CA LEU A 320 -60.29 1.08 -42.75
C LEU A 320 -61.42 0.37 -43.51
N ALA A 321 -62.20 -0.40 -42.77
CA ALA A 321 -63.30 -1.19 -43.27
C ALA A 321 -64.48 -0.31 -43.70
N PRO A 322 -65.37 -0.78 -44.59
CA PRO A 322 -66.61 -0.11 -44.95
C PRO A 322 -67.44 0.10 -43.69
N SER A 323 -68.17 1.19 -43.64
CA SER A 323 -68.98 1.58 -42.48
C SER A 323 -70.16 0.69 -42.16
N THR A 324 -70.56 -0.15 -43.10
CA THR A 324 -71.69 -1.04 -42.89
C THR A 324 -71.21 -2.44 -42.57
N MET A 325 -69.91 -2.62 -42.49
CA MET A 325 -69.32 -3.90 -42.23
C MET A 325 -69.22 -4.17 -40.74
N LYS A 326 -69.42 -5.41 -40.35
CA LYS A 326 -69.23 -5.79 -38.97
C LYS A 326 -67.83 -6.30 -38.79
N ILE A 327 -67.10 -5.69 -37.88
CA ILE A 327 -65.73 -6.08 -37.63
C ILE A 327 -65.61 -6.56 -36.23
N LYS A 328 -65.01 -7.72 -36.06
CA LYS A 328 -64.81 -8.21 -34.70
C LYS A 328 -63.44 -8.82 -34.52
N ILE A 329 -62.85 -8.50 -33.37
CA ILE A 329 -61.56 -9.05 -33.01
C ILE A 329 -61.78 -10.17 -32.03
N ILE A 330 -61.23 -11.31 -32.35
CA ILE A 330 -61.32 -12.48 -31.54
C ILE A 330 -60.00 -12.67 -30.84
N ALA A 331 -60.01 -12.57 -29.54
CA ALA A 331 -58.77 -12.62 -28.80
C ALA A 331 -58.93 -13.25 -27.41
N PRO A 332 -59.02 -14.59 -27.33
CA PRO A 332 -59.22 -15.38 -26.12
C PRO A 332 -58.02 -15.22 -25.19
N PRO A 333 -58.14 -15.49 -23.91
CA PRO A 333 -57.07 -15.39 -22.93
C PRO A 333 -55.91 -16.37 -23.18
N GLU A 334 -56.16 -17.35 -24.04
CA GLU A 334 -55.22 -18.41 -24.37
C GLU A 334 -54.41 -18.18 -25.65
N ARG A 335 -54.43 -16.98 -26.22
CA ARG A 335 -53.73 -16.69 -27.49
C ARG A 335 -52.27 -17.11 -27.51
N LYS A 336 -51.59 -16.97 -26.39
CA LYS A 336 -50.18 -17.30 -26.29
C LYS A 336 -49.90 -18.75 -26.68
N TYR A 337 -50.83 -19.65 -26.40
CA TYR A 337 -50.68 -21.07 -26.64
C TYR A 337 -51.52 -21.58 -27.78
N SER A 338 -52.08 -20.68 -28.59
CA SER A 338 -52.99 -21.13 -29.63
C SER A 338 -52.34 -22.11 -30.59
N VAL A 339 -51.11 -21.86 -30.97
CA VAL A 339 -50.46 -22.76 -31.90
C VAL A 339 -50.26 -24.12 -31.28
N TRP A 340 -49.80 -24.15 -30.04
CA TRP A 340 -49.57 -25.43 -29.41
C TRP A 340 -50.87 -26.22 -29.33
N ILE A 341 -51.94 -25.55 -28.94
CA ILE A 341 -53.22 -26.20 -28.77
C ILE A 341 -53.71 -26.73 -30.08
N GLY A 342 -53.61 -25.93 -31.13
CA GLY A 342 -54.05 -26.36 -32.44
C GLY A 342 -53.27 -27.60 -32.84
N GLY A 343 -52.00 -27.64 -32.45
CA GLY A 343 -51.15 -28.78 -32.73
C GLY A 343 -51.73 -30.02 -32.09
N SER A 344 -52.07 -29.92 -30.80
CA SER A 344 -52.63 -31.05 -30.07
C SER A 344 -53.91 -31.53 -30.73
N ILE A 345 -54.76 -30.60 -31.13
CA ILE A 345 -56.00 -30.98 -31.75
C ILE A 345 -55.81 -31.66 -33.06
N LEU A 346 -55.00 -31.07 -33.93
CA LEU A 346 -54.81 -31.65 -35.25
C LEU A 346 -54.18 -32.99 -35.16
N ALA A 347 -53.20 -33.12 -34.30
CA ALA A 347 -52.45 -34.32 -34.15
C ALA A 347 -53.34 -35.50 -33.77
N SER A 348 -54.41 -35.24 -33.03
CA SER A 348 -55.32 -36.30 -32.63
C SER A 348 -56.44 -36.63 -33.63
N LEU A 349 -56.55 -35.89 -34.74
CA LEU A 349 -57.66 -36.16 -35.66
C LEU A 349 -57.33 -37.30 -36.61
N SER A 350 -58.36 -38.08 -36.94
CA SER A 350 -58.24 -39.23 -37.84
C SER A 350 -57.91 -38.87 -39.28
N THR A 351 -58.12 -37.61 -39.62
CA THR A 351 -57.82 -37.12 -40.93
C THR A 351 -56.34 -36.82 -41.02
N PHE A 352 -55.79 -36.37 -39.92
CA PHE A 352 -54.39 -35.99 -39.85
C PHE A 352 -53.53 -37.21 -39.84
N GLN A 353 -54.06 -38.28 -39.28
CA GLN A 353 -53.35 -39.54 -39.19
C GLN A 353 -52.96 -40.08 -40.56
N GLN A 354 -53.59 -39.58 -41.63
CA GLN A 354 -53.30 -40.04 -42.96
C GLN A 354 -52.20 -39.19 -43.66
N MET A 355 -51.87 -38.03 -43.08
CA MET A 355 -50.96 -37.05 -43.68
C MET A 355 -49.50 -37.12 -43.28
N TRP A 356 -49.15 -38.01 -42.37
CA TRP A 356 -47.80 -38.08 -41.83
C TRP A 356 -46.76 -38.54 -42.83
N ILE A 357 -45.56 -37.97 -42.77
CA ILE A 357 -44.49 -38.45 -43.59
C ILE A 357 -43.80 -39.49 -42.77
N THR A 358 -43.76 -40.71 -43.26
CA THR A 358 -43.14 -41.73 -42.45
C THR A 358 -41.69 -41.77 -42.78
N LYS A 359 -40.89 -42.40 -41.94
CA LYS A 359 -39.49 -42.49 -42.27
C LYS A 359 -39.29 -43.26 -43.54
N GLN A 360 -40.08 -44.30 -43.77
CA GLN A 360 -39.85 -45.09 -44.95
C GLN A 360 -40.14 -44.29 -46.19
N GLU A 361 -41.21 -43.50 -46.19
CA GLU A 361 -41.51 -42.73 -47.38
C GLU A 361 -40.44 -41.69 -47.62
N TYR A 362 -39.94 -41.09 -46.56
CA TYR A 362 -38.88 -40.11 -46.67
C TYR A 362 -37.65 -40.73 -47.27
N ASP A 363 -37.23 -41.88 -46.75
CA ASP A 363 -36.02 -42.47 -47.26
C ASP A 363 -36.13 -42.79 -48.74
N GLU A 364 -37.30 -43.23 -49.20
CA GLU A 364 -37.45 -43.53 -50.62
C GLU A 364 -37.64 -42.28 -51.51
N ALA A 365 -38.42 -41.31 -51.03
CA ALA A 365 -38.76 -40.12 -51.80
C ALA A 365 -37.70 -39.01 -51.76
N GLY A 366 -36.99 -38.92 -50.65
CA GLY A 366 -36.03 -37.86 -50.43
C GLY A 366 -36.75 -36.63 -49.90
N PRO A 367 -36.01 -35.53 -49.65
CA PRO A 367 -36.44 -34.27 -49.07
C PRO A 367 -37.58 -33.58 -49.77
N SER A 368 -37.83 -33.84 -51.04
CA SER A 368 -38.91 -33.12 -51.71
C SER A 368 -40.27 -33.42 -51.09
N ILE A 369 -40.36 -34.54 -50.37
CA ILE A 369 -41.57 -34.97 -49.72
C ILE A 369 -42.06 -33.99 -48.68
N VAL A 370 -41.20 -33.13 -48.17
CA VAL A 370 -41.61 -32.21 -47.12
C VAL A 370 -42.53 -31.15 -47.66
N HIS A 371 -42.65 -31.05 -48.97
CA HIS A 371 -43.50 -30.04 -49.56
C HIS A 371 -44.81 -30.68 -50.00
N ARG A 372 -45.03 -31.93 -49.58
CA ARG A 372 -46.25 -32.65 -49.89
C ARG A 372 -47.44 -32.05 -49.18
N LYS A 373 -48.55 -31.94 -49.89
CA LYS A 373 -49.77 -31.44 -49.31
C LYS A 373 -50.81 -32.54 -49.43
N CYS A 374 -50.73 -33.54 -48.55
CA CYS A 374 -51.61 -34.70 -48.63
C CYS A 374 -53.07 -34.43 -48.42
N PHE A 375 -53.37 -33.79 -47.31
CA PHE A 375 -54.72 -33.50 -46.89
C PHE A 375 -55.67 -34.60 -47.28
N THR B 5 -21.81 37.32 -31.96
CA THR B 5 -21.23 37.92 -33.16
C THR B 5 -20.63 36.85 -34.05
N THR B 6 -19.68 36.09 -33.50
CA THR B 6 -19.06 34.99 -34.22
C THR B 6 -19.40 33.75 -33.45
N ALA B 7 -19.94 32.75 -34.09
CA ALA B 7 -20.31 31.63 -33.27
C ALA B 7 -19.09 31.05 -32.60
N LEU B 8 -19.27 30.67 -31.36
CA LEU B 8 -18.23 30.08 -30.57
C LEU B 8 -18.42 28.58 -30.66
N VAL B 9 -17.33 27.86 -30.83
CA VAL B 9 -17.43 26.42 -30.93
C VAL B 9 -16.73 25.76 -29.77
N CYS B 10 -17.44 24.90 -29.05
CA CYS B 10 -16.85 24.23 -27.90
C CYS B 10 -17.21 22.77 -27.80
N ASP B 11 -16.20 21.94 -28.05
CA ASP B 11 -16.34 20.50 -28.05
C ASP B 11 -16.01 19.95 -26.67
N ASN B 12 -17.03 19.59 -25.90
CA ASN B 12 -16.86 19.11 -24.54
C ASN B 12 -16.63 17.63 -24.57
N GLY B 13 -15.53 17.26 -25.19
CA GLY B 13 -15.17 15.88 -25.39
C GLY B 13 -14.76 15.27 -24.08
N SER B 14 -14.95 13.98 -23.93
CA SER B 14 -14.49 13.44 -22.70
C SER B 14 -12.99 13.51 -22.64
N GLY B 15 -12.51 14.01 -21.53
CA GLY B 15 -11.10 14.10 -21.28
C GLY B 15 -10.40 15.30 -21.91
N LEU B 16 -11.05 16.05 -22.78
CA LEU B 16 -10.34 17.15 -23.42
C LEU B 16 -11.27 18.21 -23.97
N VAL B 17 -11.04 19.45 -23.60
CA VAL B 17 -11.90 20.52 -24.07
C VAL B 17 -11.27 21.21 -25.23
N LYS B 18 -11.97 21.23 -26.36
CA LYS B 18 -11.42 21.91 -27.52
C LYS B 18 -12.33 23.04 -27.94
N ALA B 19 -11.84 24.27 -27.85
CA ALA B 19 -12.68 25.39 -28.17
C ALA B 19 -11.96 26.49 -28.94
N GLY B 20 -12.73 27.23 -29.74
CA GLY B 20 -12.22 28.32 -30.56
C GLY B 20 -13.40 28.98 -31.24
N PHE B 21 -13.17 29.77 -32.26
CA PHE B 21 -14.29 30.46 -32.86
C PHE B 21 -14.59 29.97 -34.24
N ALA B 22 -15.83 30.05 -34.63
CA ALA B 22 -16.18 29.66 -35.97
C ALA B 22 -15.39 30.50 -36.94
N GLY B 23 -14.87 29.84 -37.95
CA GLY B 23 -14.08 30.48 -38.98
C GLY B 23 -12.61 30.21 -38.74
N ASP B 24 -12.28 29.79 -37.51
CA ASP B 24 -10.89 29.42 -37.13
C ASP B 24 -10.67 27.96 -37.53
N ASP B 25 -9.52 27.66 -38.13
CA ASP B 25 -9.25 26.31 -38.62
C ASP B 25 -8.68 25.39 -37.55
N ALA B 26 -8.68 25.87 -36.33
CA ALA B 26 -8.17 25.13 -35.20
C ALA B 26 -8.76 25.71 -33.93
N PRO B 27 -8.89 24.94 -32.87
CA PRO B 27 -9.31 25.43 -31.59
C PRO B 27 -8.21 26.32 -31.06
N ARG B 28 -8.56 27.31 -30.25
CA ARG B 28 -7.56 28.17 -29.67
C ARG B 28 -7.18 27.64 -28.31
N ALA B 29 -8.16 27.04 -27.66
CA ALA B 29 -8.03 26.55 -26.33
C ALA B 29 -8.13 25.05 -26.29
N VAL B 30 -7.04 24.39 -25.96
CA VAL B 30 -7.06 22.96 -25.88
C VAL B 30 -6.47 22.56 -24.55
N PHE B 31 -7.27 21.97 -23.68
CA PHE B 31 -6.76 21.59 -22.38
C PHE B 31 -7.58 20.43 -21.84
N PRO B 32 -7.08 19.61 -20.92
CA PRO B 32 -7.77 18.49 -20.33
C PRO B 32 -9.06 18.86 -19.62
N SER B 33 -10.06 17.99 -19.73
CA SER B 33 -11.35 18.19 -19.05
C SER B 33 -11.26 17.68 -17.64
N ILE B 34 -10.37 18.27 -16.88
CA ILE B 34 -10.06 17.82 -15.53
C ILE B 34 -10.14 18.84 -14.44
N VAL B 35 -10.81 18.43 -13.38
CA VAL B 35 -10.87 19.27 -12.19
C VAL B 35 -10.17 18.52 -11.06
N GLY B 36 -9.18 19.15 -10.46
CA GLY B 36 -8.44 18.51 -9.38
C GLY B 36 -8.65 19.16 -8.04
N ARG B 37 -8.46 18.39 -6.97
CA ARG B 37 -8.55 18.91 -5.60
C ARG B 37 -7.40 18.39 -4.74
N PRO B 38 -6.90 19.13 -3.75
CA PRO B 38 -5.81 18.72 -2.87
C PRO B 38 -6.08 17.37 -2.22
N ARG B 39 -5.05 16.53 -2.23
CA ARG B 39 -5.12 15.18 -1.66
C ARG B 39 -4.66 14.99 -0.21
N HIS B 40 -3.61 15.69 0.22
CA HIS B 40 -3.01 15.41 1.53
C HIS B 40 -3.29 16.36 2.67
N GLN B 41 -3.92 17.49 2.41
CA GLN B 41 -4.12 18.46 3.46
C GLN B 41 -5.35 19.26 3.10
N GLY B 42 -5.74 20.19 3.94
CA GLY B 42 -6.88 21.02 3.63
C GLY B 42 -6.39 22.21 2.85
N VAL B 43 -7.27 23.15 2.58
CA VAL B 43 -6.89 24.31 1.83
C VAL B 43 -6.48 25.39 2.79
N MET B 44 -5.31 25.95 2.59
CA MET B 44 -4.86 27.00 3.48
C MET B 44 -5.55 28.26 3.03
N VAL B 45 -6.81 28.40 3.40
CA VAL B 45 -7.69 29.48 2.96
C VAL B 45 -7.25 30.86 3.40
N GLY B 46 -6.47 30.94 4.47
CA GLY B 46 -5.95 32.20 4.94
C GLY B 46 -4.63 32.55 4.26
N MET B 47 -4.19 31.68 3.33
CA MET B 47 -2.95 31.81 2.59
C MET B 47 -3.19 31.65 1.10
N GLY B 48 -2.12 31.60 0.32
CA GLY B 48 -2.24 31.49 -1.13
C GLY B 48 -2.57 30.07 -1.63
N GLN B 49 -3.73 29.54 -1.26
CA GLN B 49 -4.14 28.21 -1.71
C GLN B 49 -5.57 28.21 -2.23
N LYS B 50 -5.80 27.33 -3.19
CA LYS B 50 -7.07 27.15 -3.87
C LYS B 50 -7.79 25.89 -3.47
N ASP B 51 -9.10 25.86 -3.73
CA ASP B 51 -9.92 24.69 -3.48
C ASP B 51 -9.82 23.69 -4.60
N SER B 52 -9.62 24.17 -5.80
CA SER B 52 -9.54 23.29 -6.95
C SER B 52 -8.67 23.89 -8.03
N TYR B 53 -8.21 23.02 -8.91
CA TYR B 53 -7.37 23.38 -10.03
C TYR B 53 -7.96 22.86 -11.32
N VAL B 54 -7.88 23.63 -12.41
CA VAL B 54 -8.51 23.15 -13.64
C VAL B 54 -7.64 23.11 -14.90
N GLY B 55 -7.76 22.00 -15.62
CA GLY B 55 -7.07 21.84 -16.89
C GLY B 55 -5.58 21.80 -16.71
N ASP B 56 -4.90 22.76 -17.30
CA ASP B 56 -3.46 22.75 -17.17
C ASP B 56 -3.03 22.85 -15.73
N GLU B 57 -3.78 23.53 -14.89
CA GLU B 57 -3.36 23.62 -13.51
C GLU B 57 -3.42 22.25 -12.88
N ALA B 58 -4.47 21.50 -13.24
CA ALA B 58 -4.72 20.19 -12.69
C ALA B 58 -3.60 19.25 -13.08
N GLN B 59 -3.06 19.42 -14.29
CA GLN B 59 -1.96 18.58 -14.72
C GLN B 59 -0.62 18.98 -14.11
N SER B 60 -0.35 20.28 -14.03
CA SER B 60 0.95 20.71 -13.51
C SER B 60 1.14 20.33 -12.06
N LYS B 61 0.05 20.34 -11.32
CA LYS B 61 0.06 20.03 -9.91
C LYS B 61 -0.50 18.66 -9.63
N ARG B 62 -0.62 17.81 -10.65
CA ARG B 62 -1.31 16.53 -10.47
C ARG B 62 -0.71 15.67 -9.40
N GLY B 63 0.57 15.77 -9.10
CA GLY B 63 1.14 14.92 -8.08
C GLY B 63 0.59 15.15 -6.67
N ILE B 64 -0.13 16.26 -6.45
CA ILE B 64 -0.68 16.50 -5.13
C ILE B 64 -2.19 16.56 -5.15
N LEU B 65 -2.79 16.28 -6.31
CA LEU B 65 -4.22 16.41 -6.45
C LEU B 65 -4.90 15.13 -6.81
N THR B 66 -6.14 15.00 -6.37
CA THR B 66 -6.95 13.91 -6.83
C THR B 66 -7.64 14.47 -8.05
N LEU B 67 -7.60 13.79 -9.17
CA LEU B 67 -8.22 14.40 -10.34
C LEU B 67 -9.48 13.67 -10.73
N LYS B 68 -10.49 14.45 -11.12
CA LYS B 68 -11.74 13.88 -11.56
C LYS B 68 -12.13 14.35 -12.95
N TYR B 69 -12.77 13.44 -13.66
CA TYR B 69 -13.34 13.72 -14.96
C TYR B 69 -14.84 13.84 -14.77
N PRO B 70 -15.47 14.98 -15.05
CA PRO B 70 -16.89 15.22 -14.89
C PRO B 70 -17.76 14.45 -15.88
N ILE B 71 -17.10 13.96 -16.94
CA ILE B 71 -17.76 13.24 -18.01
C ILE B 71 -17.37 11.77 -18.04
N GLU B 72 -18.38 10.90 -17.96
CA GLU B 72 -18.19 9.46 -17.99
C GLU B 72 -19.05 8.88 -19.08
N HIC B 73 -18.41 8.14 -20.00
CA HIC B 73 -19.08 7.52 -21.17
C HIC B 73 -19.88 8.57 -21.94
O HIC B 73 -20.97 8.25 -22.43
CB HIC B 73 -19.97 6.34 -20.73
CG HIC B 73 -19.23 5.27 -19.99
ND1 HIC B 73 -18.67 4.21 -20.69
CD2 HIC B 73 -19.00 5.13 -18.65
CE1 HIC B 73 -18.10 3.46 -19.77
NE2 HIC B 73 -18.27 3.95 -18.53
CZ HIC B 73 -17.79 3.41 -17.26
N GLY B 74 -19.34 9.80 -22.03
CA GLY B 74 -19.98 10.86 -22.79
C GLY B 74 -21.08 11.60 -22.04
N ILE B 75 -21.34 11.24 -20.80
CA ILE B 75 -22.41 11.85 -20.03
C ILE B 75 -21.90 12.70 -18.92
N ILE B 76 -22.40 13.91 -18.83
CA ILE B 76 -21.93 14.76 -17.77
C ILE B 76 -22.67 14.36 -16.52
N THR B 77 -21.94 14.01 -15.48
CA THR B 77 -22.59 13.64 -14.24
C THR B 77 -22.20 14.60 -13.15
N ASN B 78 -21.02 15.19 -13.25
CA ASN B 78 -20.63 16.12 -12.22
C ASN B 78 -20.83 17.52 -12.74
N TRP B 79 -22.02 18.03 -12.52
CA TRP B 79 -22.39 19.30 -13.11
C TRP B 79 -21.65 20.46 -12.49
N ASP B 80 -21.23 20.34 -11.25
CA ASP B 80 -20.53 21.44 -10.65
C ASP B 80 -19.16 21.56 -11.28
N ASP B 81 -18.52 20.43 -11.53
CA ASP B 81 -17.22 20.47 -12.13
C ASP B 81 -17.33 20.86 -13.58
N MET B 82 -18.43 20.49 -14.23
CA MET B 82 -18.58 20.87 -15.60
C MET B 82 -18.67 22.38 -15.69
N GLU B 83 -19.37 23.02 -14.74
CA GLU B 83 -19.42 24.46 -14.78
C GLU B 83 -18.06 25.05 -14.52
N LYS B 84 -17.24 24.44 -13.66
CA LYS B 84 -15.93 25.02 -13.42
C LYS B 84 -15.12 25.01 -14.71
N ILE B 85 -15.22 23.94 -15.47
CA ILE B 85 -14.47 23.89 -16.72
C ILE B 85 -14.97 24.94 -17.68
N TRP B 86 -16.28 25.08 -17.82
CA TRP B 86 -16.80 26.08 -18.72
C TRP B 86 -16.42 27.46 -18.26
N HIS B 87 -16.47 27.68 -16.94
CA HIS B 87 -16.11 28.97 -16.33
C HIS B 87 -14.70 29.38 -16.80
N HIS B 88 -13.76 28.44 -16.80
CA HIS B 88 -12.42 28.74 -17.25
C HIS B 88 -12.33 28.81 -18.78
N THR B 89 -13.07 27.97 -19.47
CA THR B 89 -13.00 27.98 -20.91
C THR B 89 -13.37 29.37 -21.44
N PHE B 90 -14.45 29.91 -20.91
CA PHE B 90 -14.90 31.21 -21.33
C PHE B 90 -14.09 32.36 -20.77
N TYR B 91 -13.70 32.32 -19.50
CA TYR B 91 -13.04 33.51 -18.98
C TYR B 91 -11.53 33.49 -18.90
N ASN B 92 -10.89 32.33 -18.91
CA ASN B 92 -9.44 32.30 -18.83
C ASN B 92 -8.76 31.84 -20.11
N GLU B 93 -9.40 30.93 -20.84
CA GLU B 93 -8.77 30.39 -22.04
C GLU B 93 -9.12 31.16 -23.32
N LEU B 94 -10.42 31.33 -23.58
CA LEU B 94 -10.82 32.08 -24.75
C LEU B 94 -10.95 33.55 -24.38
N ARG B 95 -11.19 33.80 -23.10
CA ARG B 95 -11.35 35.12 -22.49
C ARG B 95 -12.41 35.97 -23.16
N VAL B 96 -13.57 35.37 -23.33
CA VAL B 96 -14.72 35.95 -23.98
C VAL B 96 -15.97 35.82 -23.12
N ALA B 97 -16.76 36.88 -22.96
CA ALA B 97 -17.96 36.65 -22.17
C ALA B 97 -18.96 35.88 -23.02
N PRO B 98 -19.73 34.93 -22.47
CA PRO B 98 -20.70 34.15 -23.20
C PRO B 98 -21.81 34.98 -23.83
N GLU B 99 -22.05 36.16 -23.26
CA GLU B 99 -23.08 37.08 -23.73
C GLU B 99 -22.77 37.67 -25.09
N GLU B 100 -21.53 37.54 -25.53
CA GLU B 100 -21.08 38.13 -26.76
C GLU B 100 -21.32 37.27 -28.03
N HIS B 101 -21.29 35.94 -27.90
CA HIS B 101 -21.41 35.08 -29.11
C HIS B 101 -22.37 33.92 -28.88
N PRO B 102 -22.99 33.37 -29.93
CA PRO B 102 -23.85 32.19 -29.79
C PRO B 102 -22.92 30.97 -29.68
N THR B 103 -23.37 29.88 -29.05
CA THR B 103 -22.45 28.75 -28.90
C THR B 103 -22.94 27.40 -29.37
N LEU B 104 -22.08 26.75 -30.12
CA LEU B 104 -22.30 25.41 -30.63
C LEU B 104 -21.60 24.36 -29.78
N LEU B 105 -22.39 23.45 -29.23
CA LEU B 105 -21.91 22.37 -28.40
C LEU B 105 -22.02 21.08 -29.15
N THR B 106 -21.34 20.06 -28.67
CA THR B 106 -21.33 18.76 -29.29
C THR B 106 -21.84 17.68 -28.35
N GLU B 107 -22.30 16.56 -28.90
CA GLU B 107 -22.75 15.44 -28.07
C GLU B 107 -22.66 14.06 -28.77
N ALA B 108 -22.42 13.01 -27.99
CA ALA B 108 -22.50 11.66 -28.53
C ALA B 108 -24.00 11.34 -28.72
N PRO B 109 -24.40 10.50 -29.67
CA PRO B 109 -25.75 10.08 -29.89
C PRO B 109 -26.19 9.12 -28.81
N LEU B 110 -27.51 9.01 -28.64
CA LEU B 110 -28.18 8.08 -27.73
C LEU B 110 -27.91 8.31 -26.24
N ASN B 111 -27.67 9.55 -25.85
CA ASN B 111 -27.48 9.86 -24.44
C ASN B 111 -28.83 10.08 -23.76
N PRO B 112 -28.87 10.29 -22.42
CA PRO B 112 -30.06 10.60 -21.68
C PRO B 112 -30.57 11.92 -22.18
N LYS B 113 -31.87 12.13 -22.21
CA LYS B 113 -32.37 13.42 -22.65
C LYS B 113 -31.87 14.53 -21.76
N ALA B 114 -31.75 14.22 -20.49
CA ALA B 114 -31.33 15.16 -19.49
C ALA B 114 -29.99 15.77 -19.80
N ASN B 115 -29.12 15.07 -20.51
CA ASN B 115 -27.81 15.63 -20.73
C ASN B 115 -27.95 16.89 -21.58
N ARG B 116 -28.91 16.92 -22.51
CA ARG B 116 -29.05 18.07 -23.39
C ARG B 116 -29.80 19.15 -22.66
N GLU B 117 -30.76 18.71 -21.86
CA GLU B 117 -31.61 19.63 -21.16
C GLU B 117 -30.81 20.39 -20.12
N LYS B 118 -29.87 19.72 -19.45
CA LYS B 118 -29.04 20.35 -18.45
C LYS B 118 -28.00 21.22 -19.10
N MET B 119 -27.41 20.81 -20.22
CA MET B 119 -26.43 21.70 -20.81
C MET B 119 -27.12 22.97 -21.23
N THR B 120 -28.34 22.84 -21.73
CA THR B 120 -29.07 23.99 -22.18
C THR B 120 -29.41 24.91 -21.04
N GLN B 121 -29.89 24.37 -19.92
CA GLN B 121 -30.22 25.22 -18.81
C GLN B 121 -29.00 26.00 -18.35
N ILE B 122 -27.85 25.35 -18.27
CA ILE B 122 -26.66 26.04 -17.81
C ILE B 122 -26.26 27.14 -18.76
N MET B 123 -26.29 26.84 -20.05
CA MET B 123 -25.93 27.83 -21.03
C MET B 123 -26.90 29.00 -21.10
N PHE B 124 -28.16 28.85 -20.68
CA PHE B 124 -29.00 30.04 -20.66
C PHE B 124 -29.10 30.70 -19.26
N GLU B 125 -28.92 29.95 -18.17
CA GLU B 125 -29.07 30.52 -16.83
C GLU B 125 -27.79 30.86 -16.05
N THR B 126 -26.67 30.16 -16.29
CA THR B 126 -25.43 30.45 -15.56
C THR B 126 -24.57 31.32 -16.43
N PHE B 127 -24.55 31.00 -17.70
CA PHE B 127 -23.81 31.74 -18.68
C PHE B 127 -24.88 32.40 -19.51
N ASN B 128 -24.85 33.68 -19.75
CA ASN B 128 -25.96 34.18 -20.55
C ASN B 128 -25.73 34.05 -22.05
N VAL B 129 -25.81 32.85 -22.59
CA VAL B 129 -25.51 32.64 -23.99
C VAL B 129 -26.69 33.07 -24.88
N PRO B 130 -26.53 34.00 -25.83
CA PRO B 130 -27.59 34.52 -26.70
C PRO B 130 -28.43 33.46 -27.39
N ALA B 131 -27.78 32.41 -27.85
CA ALA B 131 -28.40 31.30 -28.54
C ALA B 131 -27.48 30.11 -28.52
N MET B 132 -28.03 28.92 -28.66
CA MET B 132 -27.16 27.76 -28.70
C MET B 132 -27.70 26.62 -29.51
N TYR B 133 -26.84 25.67 -29.79
CA TYR B 133 -27.26 24.49 -30.50
C TYR B 133 -26.40 23.33 -30.07
N VAL B 134 -26.99 22.15 -29.93
CA VAL B 134 -26.16 21.01 -29.59
C VAL B 134 -26.21 19.99 -30.74
N ALA B 135 -25.04 19.74 -31.33
CA ALA B 135 -24.89 18.87 -32.49
C ALA B 135 -24.30 17.52 -32.18
N ILE B 136 -24.60 16.55 -33.02
CA ILE B 136 -23.97 15.25 -32.91
C ILE B 136 -22.61 15.29 -33.57
N GLN B 137 -21.64 14.75 -32.86
CA GLN B 137 -20.27 14.76 -33.33
C GLN B 137 -20.00 14.04 -34.63
N ALA B 138 -20.66 12.93 -34.85
CA ALA B 138 -20.43 12.20 -36.10
C ALA B 138 -20.83 13.04 -37.30
N VAL B 139 -21.86 13.85 -37.14
CA VAL B 139 -22.34 14.67 -38.22
C VAL B 139 -21.33 15.75 -38.50
N LEU B 140 -20.83 16.37 -37.44
CA LEU B 140 -19.85 17.41 -37.64
C LEU B 140 -18.59 16.86 -38.27
N SER B 141 -18.20 15.68 -37.87
CA SER B 141 -17.02 15.09 -38.44
C SER B 141 -17.21 14.90 -39.93
N LEU B 142 -18.38 14.44 -40.36
CA LEU B 142 -18.53 14.29 -41.79
C LEU B 142 -18.46 15.67 -42.46
N TYR B 143 -19.03 16.73 -41.84
CA TYR B 143 -18.92 18.07 -42.45
C TYR B 143 -17.47 18.45 -42.66
N ALA B 144 -16.63 18.12 -41.68
CA ALA B 144 -15.20 18.42 -41.75
C ALA B 144 -14.54 17.72 -42.93
N SER B 145 -14.97 16.50 -43.29
CA SER B 145 -14.34 15.82 -44.43
C SER B 145 -14.82 16.42 -45.73
N GLY B 146 -16.02 16.97 -45.73
CA GLY B 146 -16.63 17.61 -46.88
C GLY B 146 -17.52 16.68 -47.71
N ARG B 147 -17.60 15.43 -47.30
CA ARG B 147 -18.42 14.44 -47.98
C ARG B 147 -19.85 14.53 -47.50
N THR B 148 -20.80 14.07 -48.31
CA THR B 148 -22.20 14.01 -47.89
C THR B 148 -22.63 12.59 -47.58
N THR B 149 -21.84 11.65 -48.05
CA THR B 149 -22.12 10.24 -47.87
C THR B 149 -20.91 9.56 -47.29
N GLY B 150 -21.16 8.77 -46.28
CA GLY B 150 -20.13 7.97 -45.64
C GLY B 150 -20.54 7.59 -44.25
N ILE B 151 -19.78 6.72 -43.64
CA ILE B 151 -20.10 6.34 -42.29
C ILE B 151 -19.03 6.86 -41.40
N VAL B 152 -19.43 7.53 -40.34
CA VAL B 152 -18.42 8.07 -39.45
C VAL B 152 -18.29 7.34 -38.16
N LEU B 153 -17.07 6.91 -37.89
CA LEU B 153 -16.70 6.21 -36.69
C LEU B 153 -15.92 7.16 -35.82
N ASP B 154 -16.60 7.78 -34.84
CA ASP B 154 -15.92 8.74 -33.93
C ASP B 154 -15.52 7.96 -32.67
N SER B 155 -14.22 7.82 -32.41
CA SER B 155 -13.82 7.05 -31.25
C SER B 155 -12.98 7.92 -30.38
N GLY B 156 -13.58 8.34 -29.28
CA GLY B 156 -12.98 9.28 -28.39
C GLY B 156 -12.60 8.66 -27.08
N ASP B 157 -12.67 9.48 -26.05
CA ASP B 157 -12.31 9.11 -24.74
C ASP B 157 -13.37 8.30 -23.99
N GLY B 158 -14.65 8.62 -24.17
CA GLY B 158 -15.68 7.95 -23.38
C GLY B 158 -16.64 7.10 -24.19
N VAL B 159 -16.86 7.47 -25.45
CA VAL B 159 -17.80 6.75 -26.30
C VAL B 159 -17.23 6.50 -27.67
N THR B 160 -17.52 5.33 -28.24
CA THR B 160 -17.24 5.09 -29.65
C THR B 160 -18.57 4.94 -30.38
N HIS B 161 -18.77 5.69 -31.45
CA HIS B 161 -20.05 5.58 -32.13
C HIS B 161 -19.98 5.66 -33.64
N ASN B 162 -20.96 5.01 -34.26
CA ASN B 162 -21.07 4.91 -35.70
C ASN B 162 -22.37 5.40 -36.26
N VAL B 163 -22.26 6.50 -37.01
CA VAL B 163 -23.45 7.09 -37.58
C VAL B 163 -23.36 7.16 -39.10
N PRO B 164 -24.05 6.29 -39.84
CA PRO B 164 -24.07 6.31 -41.27
C PRO B 164 -24.92 7.47 -41.73
N ILE B 165 -24.42 8.19 -42.73
CA ILE B 165 -25.11 9.32 -43.35
C ILE B 165 -25.12 9.10 -44.88
N TYR B 166 -26.27 9.27 -45.51
CA TYR B 166 -26.32 9.09 -46.96
C TYR B 166 -26.92 10.28 -47.66
N GLU B 167 -26.17 10.88 -48.57
CA GLU B 167 -26.64 12.03 -49.31
C GLU B 167 -27.18 13.11 -48.41
N GLY B 168 -26.52 13.32 -47.28
CA GLY B 168 -26.87 14.32 -46.30
C GLY B 168 -27.92 13.87 -45.28
N TYR B 169 -28.50 12.69 -45.44
CA TYR B 169 -29.54 12.24 -44.51
C TYR B 169 -29.01 11.28 -43.50
N ALA B 170 -29.54 11.35 -42.30
CA ALA B 170 -29.15 10.37 -41.30
C ALA B 170 -29.89 9.08 -41.54
N LEU B 171 -29.29 7.99 -41.13
CA LEU B 171 -29.94 6.70 -41.15
C LEU B 171 -29.98 6.18 -39.71
N PRO B 172 -30.80 6.78 -38.83
CA PRO B 172 -30.80 6.62 -37.39
C PRO B 172 -31.07 5.23 -36.86
N HIS B 173 -31.72 4.38 -37.63
CA HIS B 173 -32.00 3.06 -37.14
C HIS B 173 -30.73 2.21 -37.11
N ALA B 174 -29.68 2.70 -37.79
CA ALA B 174 -28.43 2.00 -37.89
C ALA B 174 -27.36 2.65 -37.03
N ILE B 175 -27.74 3.52 -36.10
CA ILE B 175 -26.72 4.09 -35.23
C ILE B 175 -26.33 3.11 -34.16
N MET B 176 -25.03 2.89 -34.05
CA MET B 176 -24.52 1.97 -33.06
C MET B 176 -23.57 2.66 -32.12
N ARG B 177 -23.62 2.26 -30.86
CA ARG B 177 -22.76 2.83 -29.84
C ARG B 177 -22.11 1.79 -28.98
N LEU B 178 -20.83 1.97 -28.77
CA LEU B 178 -20.02 1.11 -27.92
C LEU B 178 -19.59 1.90 -26.70
N ASP B 179 -19.41 1.21 -25.58
CA ASP B 179 -18.89 1.90 -24.41
C ASP B 179 -17.38 1.97 -24.49
N LEU B 180 -16.77 1.00 -25.16
CA LEU B 180 -15.33 0.99 -25.24
C LEU B 180 -14.78 2.24 -25.89
N ALA B 181 -13.85 2.86 -25.18
CA ALA B 181 -13.23 4.09 -25.61
C ALA B 181 -11.83 4.26 -25.01
N GLY B 182 -11.16 5.37 -25.32
CA GLY B 182 -9.79 5.62 -24.87
C GLY B 182 -9.58 5.49 -23.36
N ARG B 183 -10.60 5.81 -22.57
CA ARG B 183 -10.52 5.72 -21.13
C ARG B 183 -10.30 4.28 -20.69
N ASP B 184 -10.88 3.32 -21.43
CA ASP B 184 -10.81 1.92 -21.09
C ASP B 184 -9.52 1.36 -21.58
N LEU B 185 -9.05 1.88 -22.70
CA LEU B 185 -7.82 1.35 -23.23
C LEU B 185 -6.72 1.69 -22.24
N THR B 186 -6.81 2.89 -21.64
CA THR B 186 -5.84 3.32 -20.66
C THR B 186 -5.92 2.43 -19.45
N ASP B 187 -7.14 2.14 -18.98
CA ASP B 187 -7.27 1.32 -17.79
C ASP B 187 -6.75 -0.09 -18.05
N TYR B 188 -6.98 -0.61 -19.24
CA TYR B 188 -6.52 -1.94 -19.58
C TYR B 188 -5.02 -1.96 -19.57
N LEU B 189 -4.38 -0.94 -20.15
CA LEU B 189 -2.94 -0.89 -20.17
C LEU B 189 -2.41 -0.80 -18.75
N MET B 190 -3.07 -0.03 -17.87
CA MET B 190 -2.57 0.03 -16.50
C MET B 190 -2.54 -1.38 -15.92
N LYS B 191 -3.56 -2.18 -16.22
CA LYS B 191 -3.55 -3.55 -15.72
C LYS B 191 -2.51 -4.40 -16.44
N ILE B 192 -2.32 -4.21 -17.75
CA ILE B 192 -1.35 -5.05 -18.45
C ILE B 192 0.02 -4.83 -17.87
N LEU B 193 0.36 -3.59 -17.59
CA LEU B 193 1.69 -3.26 -17.13
C LEU B 193 2.08 -3.83 -15.79
N THR B 194 1.12 -4.39 -15.02
CA THR B 194 1.52 -4.95 -13.74
C THR B 194 2.29 -6.22 -14.01
N GLU B 195 2.19 -6.76 -15.23
CA GLU B 195 2.89 -7.96 -15.61
C GLU B 195 4.40 -7.75 -15.59
N ARG B 196 4.85 -6.51 -15.81
CA ARG B 196 6.28 -6.23 -15.84
C ARG B 196 6.70 -5.63 -14.52
N GLY B 197 5.78 -5.63 -13.56
CA GLY B 197 6.01 -5.08 -12.24
C GLY B 197 5.87 -3.57 -12.16
N TYR B 198 5.14 -2.95 -13.08
CA TYR B 198 5.02 -1.52 -12.99
C TYR B 198 3.64 -1.19 -12.54
N SER B 199 3.47 -0.84 -11.28
CA SER B 199 2.14 -0.61 -10.75
C SER B 199 1.76 0.84 -10.67
N PHE B 200 0.74 1.19 -11.43
CA PHE B 200 0.21 2.54 -11.52
C PHE B 200 -1.17 2.49 -10.92
N VAL B 201 -1.37 3.08 -9.75
CA VAL B 201 -2.66 2.98 -9.10
C VAL B 201 -3.32 4.30 -8.73
N THR B 202 -2.56 5.38 -8.73
CA THR B 202 -3.12 6.66 -8.33
C THR B 202 -3.60 7.35 -9.57
N THR B 203 -4.34 8.42 -9.38
CA THR B 203 -4.84 9.16 -10.49
C THR B 203 -3.71 9.77 -11.30
N ALA B 204 -2.71 10.39 -10.67
CA ALA B 204 -1.63 10.95 -11.45
C ALA B 204 -0.92 9.84 -12.24
N GLU B 205 -0.79 8.67 -11.64
CA GLU B 205 -0.16 7.57 -12.33
C GLU B 205 -0.97 7.16 -13.56
N ARG B 206 -2.29 7.28 -13.48
CA ARG B 206 -3.16 7.01 -14.62
C ARG B 206 -2.81 7.94 -15.76
N GLU B 207 -2.51 9.20 -15.42
CA GLU B 207 -2.19 10.20 -16.44
C GLU B 207 -0.86 9.83 -17.09
N ILE B 208 0.05 9.26 -16.31
CA ILE B 208 1.32 8.84 -16.89
C ILE B 208 1.08 7.72 -17.86
N VAL B 209 0.25 6.74 -17.50
CA VAL B 209 0.00 5.66 -18.42
C VAL B 209 -0.64 6.19 -19.66
N ARG B 210 -1.56 7.13 -19.53
CA ARG B 210 -2.13 7.72 -20.71
C ARG B 210 -1.02 8.28 -21.59
N ASP B 211 -0.05 8.98 -21.02
CA ASP B 211 1.03 9.52 -21.85
C ASP B 211 1.85 8.41 -22.52
N ILE B 212 2.06 7.29 -21.81
CA ILE B 212 2.83 6.20 -22.37
C ILE B 212 2.11 5.65 -23.58
N LYS B 213 0.81 5.42 -23.43
CA LYS B 213 -0.03 4.91 -24.49
C LYS B 213 0.06 5.75 -25.74
N GLU B 214 -0.03 7.07 -25.54
CA GLU B 214 -0.04 8.03 -26.62
C GLU B 214 1.24 8.02 -27.42
N LYS B 215 2.37 7.78 -26.76
CA LYS B 215 3.63 7.78 -27.48
C LYS B 215 4.11 6.41 -27.97
N LEU B 216 3.80 5.33 -27.26
CA LEU B 216 4.32 4.04 -27.66
C LEU B 216 3.41 3.06 -28.39
N CYS B 217 2.10 3.16 -28.23
CA CYS B 217 1.25 2.14 -28.80
C CYS B 217 0.98 2.26 -30.28
N TYR B 218 0.73 1.12 -30.90
CA TYR B 218 0.40 1.03 -32.31
C TYR B 218 -0.52 -0.14 -32.55
N VAL B 219 -1.16 -0.17 -33.70
CA VAL B 219 -2.04 -1.26 -33.99
C VAL B 219 -1.33 -2.30 -34.80
N ALA B 220 -1.33 -3.53 -34.33
CA ALA B 220 -0.68 -4.57 -35.09
C ALA B 220 -1.52 -4.82 -36.32
N LEU B 221 -0.90 -5.01 -37.46
CA LEU B 221 -1.68 -5.37 -38.63
C LEU B 221 -2.18 -6.79 -38.45
N ASP B 222 -1.34 -7.62 -37.86
CA ASP B 222 -1.65 -9.01 -37.60
C ASP B 222 -1.23 -9.30 -36.17
N PHE B 223 -2.19 -9.31 -35.27
CA PHE B 223 -1.93 -9.40 -33.86
C PHE B 223 -1.18 -10.64 -33.47
N GLU B 224 -1.62 -11.79 -33.96
CA GLU B 224 -1.00 -13.03 -33.57
C GLU B 224 0.41 -13.14 -34.09
N ASN B 225 0.66 -12.70 -35.32
CA ASN B 225 2.01 -12.80 -35.82
C ASN B 225 2.90 -11.76 -35.16
N GLU B 226 2.32 -10.61 -34.79
CA GLU B 226 3.10 -9.57 -34.17
C GLU B 226 3.49 -10.05 -32.79
N MET B 227 2.54 -10.71 -32.11
CA MET B 227 2.78 -11.25 -30.79
C MET B 227 3.78 -12.38 -30.83
N ALA B 228 3.67 -13.26 -31.83
CA ALA B 228 4.64 -14.33 -31.93
C ALA B 228 6.02 -13.76 -32.16
N THR B 229 6.12 -12.69 -32.94
CA THR B 229 7.39 -12.06 -33.19
C THR B 229 7.93 -11.46 -31.91
N ALA B 230 7.07 -10.76 -31.18
CA ALA B 230 7.42 -10.09 -29.94
C ALA B 230 7.95 -11.05 -28.92
N ALA B 231 7.45 -12.27 -28.95
CA ALA B 231 7.87 -13.29 -28.02
C ALA B 231 9.38 -13.55 -28.08
N SER B 232 10.02 -13.39 -29.25
CA SER B 232 11.45 -13.66 -29.30
C SER B 232 12.29 -12.45 -29.72
N SER B 233 11.67 -11.42 -30.32
CA SER B 233 12.44 -10.29 -30.79
C SER B 233 12.43 -9.05 -29.91
N SER B 234 13.63 -8.68 -29.47
CA SER B 234 13.87 -7.56 -28.60
C SER B 234 13.66 -6.22 -29.30
N SER B 235 13.52 -6.24 -30.63
CA SER B 235 13.34 -5.03 -31.42
C SER B 235 11.99 -4.41 -31.16
N LEU B 236 11.11 -5.17 -30.54
CA LEU B 236 9.79 -4.72 -30.20
C LEU B 236 9.77 -3.81 -28.99
N GLU B 237 10.75 -3.96 -28.10
CA GLU B 237 10.74 -3.20 -26.88
C GLU B 237 11.20 -1.77 -27.08
N LYS B 238 10.57 -0.87 -26.34
CA LYS B 238 10.94 0.54 -26.34
C LYS B 238 11.04 1.03 -24.92
N SER B 239 11.96 1.96 -24.69
CA SER B 239 12.06 2.53 -23.37
C SER B 239 11.21 3.78 -23.25
N TYR B 240 10.84 4.10 -22.03
CA TYR B 240 10.13 5.32 -21.71
C TYR B 240 10.66 5.93 -20.44
N GLU B 241 10.89 7.22 -20.45
CA GLU B 241 11.37 7.87 -19.24
C GLU B 241 10.23 8.52 -18.50
N LEU B 242 10.09 8.13 -17.26
CA LEU B 242 9.08 8.58 -16.35
C LEU B 242 9.42 9.97 -15.87
N PRO B 243 8.44 10.76 -15.41
CA PRO B 243 8.64 12.10 -14.90
C PRO B 243 9.73 12.24 -13.83
N ASP B 244 10.01 11.18 -13.05
CA ASP B 244 11.01 11.28 -12.02
C ASP B 244 12.37 10.78 -12.46
N GLY B 245 12.54 10.51 -13.73
CA GLY B 245 13.82 10.05 -14.25
C GLY B 245 13.99 8.54 -14.26
N GLN B 246 13.03 7.79 -13.75
CA GLN B 246 13.21 6.36 -13.82
C GLN B 246 12.86 5.90 -15.22
N VAL B 247 13.46 4.82 -15.66
CA VAL B 247 13.17 4.33 -17.00
C VAL B 247 12.59 2.95 -17.00
N ILE B 248 11.53 2.80 -17.77
CA ILE B 248 10.85 1.53 -17.90
C ILE B 248 10.79 1.03 -19.31
N THR B 249 10.62 -0.29 -19.44
CA THR B 249 10.57 -0.89 -20.76
C THR B 249 9.21 -1.45 -21.07
N ILE B 250 8.70 -1.09 -22.22
CA ILE B 250 7.42 -1.56 -22.68
C ILE B 250 7.66 -2.49 -23.87
N GLY B 251 7.10 -3.69 -23.84
CA GLY B 251 7.27 -4.69 -24.87
C GLY B 251 6.03 -4.84 -25.72
N ASN B 252 5.36 -5.99 -25.64
CA ASN B 252 4.22 -6.26 -26.51
C ASN B 252 2.96 -5.55 -26.05
N GLU B 253 3.09 -4.83 -24.95
CA GLU B 253 1.99 -4.08 -24.40
C GLU B 253 1.70 -2.93 -25.36
N ARG B 254 2.70 -2.60 -26.19
CA ARG B 254 2.55 -1.53 -27.14
C ARG B 254 1.43 -1.84 -28.14
N PHE B 255 1.20 -3.12 -28.45
CA PHE B 255 0.10 -3.42 -29.37
C PHE B 255 -1.02 -4.19 -28.71
N ARG B 256 -0.79 -4.74 -27.52
CA ARG B 256 -1.86 -5.44 -26.84
C ARG B 256 -2.91 -4.47 -26.35
N CYS B 257 -2.51 -3.26 -25.99
CA CYS B 257 -3.51 -2.31 -25.55
C CYS B 257 -4.55 -1.99 -26.64
N PRO B 258 -4.21 -1.39 -27.81
CA PRO B 258 -5.14 -1.04 -28.86
C PRO B 258 -5.85 -2.24 -29.46
N GLU B 259 -5.30 -3.44 -29.34
CA GLU B 259 -5.96 -4.64 -29.86
C GLU B 259 -7.34 -4.78 -29.25
N THR B 260 -7.55 -4.22 -28.07
CA THR B 260 -8.82 -4.31 -27.36
C THR B 260 -9.95 -3.81 -28.27
N LEU B 261 -9.66 -2.83 -29.12
CA LEU B 261 -10.63 -2.23 -30.03
C LEU B 261 -11.12 -3.23 -31.04
N PHE B 262 -10.33 -4.26 -31.30
CA PHE B 262 -10.73 -5.27 -32.25
C PHE B 262 -11.26 -6.46 -31.47
N GLN B 263 -10.80 -6.61 -30.22
CA GLN B 263 -11.23 -7.69 -29.37
C GLN B 263 -11.67 -7.23 -27.96
N PRO B 264 -12.86 -6.63 -27.79
CA PRO B 264 -13.41 -6.07 -26.56
C PRO B 264 -13.55 -7.09 -25.45
N SER B 265 -13.51 -8.37 -25.82
CA SER B 265 -13.61 -9.46 -24.88
C SER B 265 -12.41 -9.46 -23.93
N PHE B 266 -11.34 -8.75 -24.30
CA PHE B 266 -10.14 -8.66 -23.48
C PHE B 266 -10.42 -7.96 -22.17
N ILE B 267 -11.47 -7.15 -22.13
CA ILE B 267 -11.82 -6.42 -20.94
C ILE B 267 -13.18 -6.86 -20.43
N GLY B 268 -13.66 -8.01 -20.90
CA GLY B 268 -14.94 -8.55 -20.47
C GLY B 268 -16.19 -8.09 -21.22
N MET B 269 -16.08 -7.37 -22.34
CA MET B 269 -17.28 -6.93 -23.03
C MET B 269 -17.81 -7.94 -24.06
N GLU B 270 -19.13 -7.94 -24.25
CA GLU B 270 -19.81 -8.76 -25.28
C GLU B 270 -19.90 -8.00 -26.58
N SER B 271 -19.41 -6.79 -26.54
CA SER B 271 -19.46 -5.84 -27.60
C SER B 271 -18.73 -6.27 -28.83
N ALA B 272 -19.24 -5.79 -29.94
CA ALA B 272 -18.66 -5.97 -31.25
C ALA B 272 -17.35 -5.20 -31.31
N GLY B 273 -16.40 -5.66 -32.10
CA GLY B 273 -15.17 -4.88 -32.22
C GLY B 273 -15.47 -3.71 -33.11
N ILE B 274 -14.54 -2.79 -33.26
CA ILE B 274 -14.89 -1.62 -34.06
C ILE B 274 -15.18 -1.93 -35.52
N HIS B 275 -14.55 -2.99 -36.02
CA HIS B 275 -14.71 -3.43 -37.44
C HIS B 275 -16.00 -4.25 -37.60
N GLU B 276 -16.61 -4.71 -36.49
CA GLU B 276 -17.81 -5.50 -36.59
C GLU B 276 -18.94 -4.55 -36.44
N THR B 277 -18.72 -3.53 -35.64
CA THR B 277 -19.71 -2.53 -35.38
C THR B 277 -19.94 -1.75 -36.65
N THR B 278 -18.84 -1.37 -37.32
CA THR B 278 -18.96 -0.63 -38.56
C THR B 278 -19.67 -1.47 -39.58
N TYR B 279 -19.27 -2.72 -39.70
CA TYR B 279 -19.87 -3.62 -40.65
C TYR B 279 -21.35 -3.77 -40.40
N ASN B 280 -21.75 -4.01 -39.15
CA ASN B 280 -23.15 -4.19 -38.87
C ASN B 280 -23.95 -2.93 -39.12
N SER B 281 -23.39 -1.76 -38.84
CA SER B 281 -24.15 -0.55 -39.11
C SER B 281 -24.43 -0.47 -40.60
N ILE B 282 -23.44 -0.82 -41.42
CA ILE B 282 -23.64 -0.83 -42.86
C ILE B 282 -24.68 -1.88 -43.22
N MET B 283 -24.62 -3.07 -42.64
CA MET B 283 -25.60 -4.10 -43.00
C MET B 283 -27.05 -3.73 -42.60
N LYS B 284 -27.21 -2.86 -41.61
CA LYS B 284 -28.54 -2.41 -41.20
C LYS B 284 -29.10 -1.36 -42.15
N CYS B 285 -28.28 -0.90 -43.07
CA CYS B 285 -28.66 0.10 -44.02
C CYS B 285 -29.14 -0.57 -45.30
N ASP B 286 -29.92 0.16 -46.07
CA ASP B 286 -30.48 -0.33 -47.31
C ASP B 286 -29.42 -0.83 -48.28
N ILE B 287 -29.75 -1.89 -48.99
CA ILE B 287 -28.84 -2.49 -49.93
C ILE B 287 -28.29 -1.53 -50.98
N ASP B 288 -29.05 -0.50 -51.36
CA ASP B 288 -28.56 0.42 -52.37
C ASP B 288 -27.74 1.56 -51.79
N ILE B 289 -27.57 1.57 -50.49
CA ILE B 289 -26.76 2.53 -49.78
C ILE B 289 -25.41 1.92 -49.44
N ARG B 290 -25.44 0.64 -49.08
CA ARG B 290 -24.27 -0.08 -48.59
C ARG B 290 -23.05 0.13 -49.46
N LYS B 291 -23.19 0.13 -50.78
CA LYS B 291 -22.02 0.31 -51.61
C LYS B 291 -21.23 1.56 -51.29
N ASP B 292 -21.89 2.66 -50.97
CA ASP B 292 -21.15 3.88 -50.76
C ASP B 292 -20.61 3.92 -49.37
N LEU B 293 -21.30 3.29 -48.44
CA LEU B 293 -20.77 3.34 -47.10
C LEU B 293 -19.49 2.53 -47.05
N TYR B 294 -19.42 1.41 -47.77
CA TYR B 294 -18.18 0.63 -47.74
C TYR B 294 -17.04 1.42 -48.35
N ALA B 295 -17.36 2.14 -49.41
CA ALA B 295 -16.42 2.96 -50.12
C ALA B 295 -15.89 4.09 -49.25
N ASN B 296 -16.70 4.61 -48.33
CA ASN B 296 -16.23 5.72 -47.51
C ASN B 296 -16.39 5.53 -46.01
N ASN B 297 -15.47 4.79 -45.40
CA ASN B 297 -15.47 4.64 -43.94
C ASN B 297 -14.60 5.75 -43.41
N VAL B 298 -15.18 6.66 -42.66
CA VAL B 298 -14.46 7.83 -42.19
C VAL B 298 -14.13 7.77 -40.72
N MET B 299 -12.85 7.85 -40.41
CA MET B 299 -12.39 7.83 -39.04
C MET B 299 -12.26 9.20 -38.44
N SER B 300 -12.56 9.30 -37.15
CA SER B 300 -12.32 10.53 -36.40
C SER B 300 -12.12 10.24 -34.93
N GLY B 301 -11.53 11.21 -34.21
CA GLY B 301 -11.38 11.07 -32.77
C GLY B 301 -9.99 10.60 -32.36
N GLY B 302 -9.62 10.91 -31.13
CA GLY B 302 -8.30 10.60 -30.59
C GLY B 302 -7.87 9.14 -30.60
N THR B 303 -8.76 8.17 -30.52
CA THR B 303 -8.23 6.81 -30.47
C THR B 303 -7.78 6.36 -31.84
N THR B 304 -8.07 7.13 -32.87
CA THR B 304 -7.72 6.72 -34.21
C THR B 304 -6.30 7.18 -34.49
N MET B 305 -5.67 7.79 -33.51
CA MET B 305 -4.30 8.20 -33.61
C MET B 305 -3.34 7.03 -33.61
N TYR B 306 -3.70 5.87 -33.05
CA TYR B 306 -2.70 4.83 -33.02
C TYR B 306 -2.22 4.55 -34.44
N PRO B 307 -0.91 4.56 -34.71
CA PRO B 307 -0.38 4.27 -36.00
C PRO B 307 -0.82 2.91 -36.42
N GLY B 308 -1.19 2.76 -37.67
CA GLY B 308 -1.62 1.47 -38.17
C GLY B 308 -3.11 1.19 -38.03
N ILE B 309 -3.87 2.07 -37.36
CA ILE B 309 -5.28 1.76 -37.22
C ILE B 309 -5.99 1.72 -38.55
N ALA B 310 -5.58 2.58 -39.48
CA ALA B 310 -6.21 2.61 -40.78
C ALA B 310 -5.99 1.34 -41.55
N ASP B 311 -4.84 0.70 -41.38
CA ASP B 311 -4.56 -0.47 -42.18
C ASP B 311 -5.21 -1.66 -41.56
N ARG B 312 -5.28 -1.69 -40.25
CA ARG B 312 -5.93 -2.81 -39.63
C ARG B 312 -7.41 -2.77 -39.92
N MET B 313 -8.02 -1.58 -39.87
CA MET B 313 -9.43 -1.54 -40.16
C MET B 313 -9.67 -1.89 -41.62
N GLN B 314 -8.77 -1.48 -42.53
CA GLN B 314 -8.97 -1.81 -43.92
C GLN B 314 -9.00 -3.31 -44.09
N LYS B 315 -8.09 -4.00 -43.41
CA LYS B 315 -8.04 -5.44 -43.50
C LYS B 315 -9.30 -6.09 -42.98
N GLU B 316 -9.77 -5.63 -41.82
CA GLU B 316 -10.93 -6.26 -41.22
C GLU B 316 -12.22 -6.02 -41.98
N ILE B 317 -12.41 -4.80 -42.49
CA ILE B 317 -13.65 -4.58 -43.21
C ILE B 317 -13.58 -5.36 -44.49
N THR B 318 -12.44 -5.35 -45.15
CA THR B 318 -12.31 -6.06 -46.40
C THR B 318 -12.65 -7.52 -46.20
N ALA B 319 -12.17 -8.12 -45.12
CA ALA B 319 -12.47 -9.51 -44.84
C ALA B 319 -13.98 -9.78 -44.65
N LEU B 320 -14.71 -8.84 -44.07
CA LEU B 320 -16.14 -9.03 -43.81
C LEU B 320 -17.02 -8.68 -45.02
N ALA B 321 -16.56 -7.72 -45.79
CA ALA B 321 -17.23 -7.19 -46.96
C ALA B 321 -17.22 -8.21 -48.11
N PRO B 322 -18.16 -8.11 -49.08
CA PRO B 322 -18.17 -8.89 -50.30
C PRO B 322 -16.86 -8.66 -51.05
N SER B 323 -16.37 -9.69 -51.72
CA SER B 323 -15.09 -9.65 -52.43
C SER B 323 -15.02 -8.74 -53.65
N THR B 324 -16.17 -8.30 -54.13
CA THR B 324 -16.22 -7.44 -55.29
C THR B 324 -16.45 -5.99 -54.87
N MET B 325 -16.54 -5.77 -53.57
CA MET B 325 -16.79 -4.46 -53.05
C MET B 325 -15.50 -3.67 -52.88
N LYS B 326 -15.58 -2.38 -53.12
CA LYS B 326 -14.45 -1.51 -52.87
C LYS B 326 -14.56 -0.93 -51.49
N ILE B 327 -13.55 -1.15 -50.67
CA ILE B 327 -13.55 -0.67 -49.31
C ILE B 327 -12.43 0.30 -49.15
N LYS B 328 -12.73 1.45 -48.60
CA LYS B 328 -11.67 2.40 -48.36
C LYS B 328 -11.81 3.08 -47.00
N ILE B 329 -10.66 3.21 -46.33
CA ILE B 329 -10.61 3.90 -45.06
C ILE B 329 -10.08 5.28 -45.28
N ILE B 330 -10.84 6.24 -44.81
CA ILE B 330 -10.50 7.63 -44.92
C ILE B 330 -10.02 8.09 -43.57
N ALA B 331 -8.76 8.48 -43.50
CA ALA B 331 -8.18 8.82 -42.22
C ALA B 331 -7.11 9.90 -42.34
N PRO B 332 -7.49 11.18 -42.50
CA PRO B 332 -6.65 12.35 -42.68
C PRO B 332 -5.81 12.56 -41.41
N PRO B 333 -4.70 13.28 -41.48
CA PRO B 333 -3.83 13.57 -40.34
C PRO B 333 -4.50 14.43 -39.26
N GLU B 334 -5.64 15.03 -39.60
CA GLU B 334 -6.39 15.92 -38.74
C GLU B 334 -7.55 15.27 -37.99
N ARG B 335 -7.65 13.94 -37.99
CA ARG B 335 -8.77 13.23 -37.34
C ARG B 335 -9.05 13.66 -35.91
N LYS B 336 -8.01 13.96 -35.17
CA LYS B 336 -8.13 14.33 -33.77
C LYS B 336 -9.04 15.56 -33.59
N TYR B 337 -9.03 16.47 -34.56
CA TYR B 337 -9.78 17.70 -34.47
C TYR B 337 -10.96 17.74 -35.41
N SER B 338 -11.35 16.60 -35.98
CA SER B 338 -12.42 16.61 -36.96
C SER B 338 -13.71 17.21 -36.42
N VAL B 339 -14.06 16.88 -35.20
CA VAL B 339 -15.29 17.40 -34.65
C VAL B 339 -15.22 18.89 -34.50
N TRP B 340 -14.11 19.38 -33.96
CA TRP B 340 -14.00 20.80 -33.77
C TRP B 340 -14.12 21.53 -35.09
N ILE B 341 -13.43 21.01 -36.11
CA ILE B 341 -13.41 21.65 -37.41
C ILE B 341 -14.79 21.65 -38.00
N GLY B 342 -15.49 20.53 -37.91
CA GLY B 342 -16.84 20.45 -38.44
C GLY B 342 -17.70 21.48 -37.76
N GLY B 343 -17.45 21.70 -36.48
CA GLY B 343 -18.17 22.67 -35.69
C GLY B 343 -17.98 24.05 -36.31
N SER B 344 -16.73 24.42 -36.58
CA SER B 344 -16.41 25.72 -37.15
C SER B 344 -17.10 25.89 -38.49
N ILE B 345 -17.08 24.85 -39.30
CA ILE B 345 -17.71 24.94 -40.60
C ILE B 345 -19.19 25.12 -40.52
N LEU B 346 -19.84 24.28 -39.72
CA LEU B 346 -21.28 24.34 -39.65
C LEU B 346 -21.73 25.64 -39.08
N ALA B 347 -21.04 26.10 -38.05
CA ALA B 347 -21.40 27.30 -37.36
C ALA B 347 -21.40 28.51 -38.29
N SER B 348 -20.55 28.51 -39.31
CA SER B 348 -20.47 29.61 -40.25
C SER B 348 -21.44 29.51 -41.44
N LEU B 349 -22.21 28.43 -41.58
CA LEU B 349 -23.08 28.30 -42.74
C LEU B 349 -24.40 29.04 -42.54
N SER B 350 -24.92 29.62 -43.61
CA SER B 350 -26.17 30.36 -43.61
C SER B 350 -27.40 29.53 -43.34
N THR B 351 -27.26 28.22 -43.51
CA THR B 351 -28.33 27.29 -43.25
C THR B 351 -28.41 27.03 -41.77
N PHE B 352 -27.25 27.03 -41.13
CA PHE B 352 -27.15 26.74 -39.72
C PHE B 352 -27.65 27.89 -38.92
N GLN B 353 -27.47 29.07 -39.48
CA GLN B 353 -27.89 30.31 -38.83
C GLN B 353 -29.39 30.33 -38.53
N GLN B 354 -30.15 29.46 -39.20
CA GLN B 354 -31.58 29.41 -39.00
C GLN B 354 -32.00 28.41 -37.91
N MET B 355 -31.07 27.55 -37.48
CA MET B 355 -31.34 26.44 -36.56
C MET B 355 -31.11 26.69 -35.08
N TRP B 356 -30.60 27.86 -34.74
CA TRP B 356 -30.22 28.16 -33.35
C TRP B 356 -31.39 28.25 -32.41
N ILE B 357 -31.21 27.77 -31.18
CA ILE B 357 -32.23 27.96 -30.17
C ILE B 357 -31.89 29.25 -29.50
N THR B 358 -32.78 30.20 -29.55
CA THR B 358 -32.44 31.47 -28.95
C THR B 358 -32.87 31.43 -27.51
N LYS B 359 -32.36 32.34 -26.71
CA LYS B 359 -32.81 32.35 -25.34
C LYS B 359 -34.28 32.61 -25.25
N GLN B 360 -34.80 33.48 -26.10
CA GLN B 360 -36.20 33.78 -25.98
C GLN B 360 -37.06 32.59 -26.30
N GLU B 361 -36.69 31.82 -27.32
CA GLU B 361 -37.50 30.66 -27.65
C GLU B 361 -37.44 29.65 -26.54
N TYR B 362 -36.26 29.48 -25.95
CA TYR B 362 -36.09 28.56 -24.85
C TYR B 362 -36.96 28.95 -23.69
N ASP B 363 -36.91 30.21 -23.30
CA ASP B 363 -37.69 30.62 -22.15
C ASP B 363 -39.18 30.39 -22.36
N GLU B 364 -39.68 30.59 -23.58
CA GLU B 364 -41.09 30.35 -23.82
C GLU B 364 -41.47 28.87 -24.00
N ALA B 365 -40.61 28.12 -24.70
CA ALA B 365 -40.88 26.71 -25.01
C ALA B 365 -40.53 25.73 -23.90
N GLY B 366 -39.50 26.05 -23.13
CA GLY B 366 -38.99 25.18 -22.10
C GLY B 366 -38.00 24.20 -22.72
N PRO B 367 -37.43 23.30 -21.92
CA PRO B 367 -36.41 22.32 -22.24
C PRO B 367 -36.73 21.39 -23.39
N SER B 368 -37.99 21.16 -23.72
CA SER B 368 -38.28 20.22 -24.80
C SER B 368 -37.71 20.68 -26.14
N ILE B 369 -37.43 21.98 -26.24
CA ILE B 369 -36.90 22.59 -27.43
C ILE B 369 -35.54 22.03 -27.82
N VAL B 370 -34.82 21.44 -26.88
CA VAL B 370 -33.48 20.95 -27.18
C VAL B 370 -33.54 19.74 -28.07
N HIS B 371 -34.71 19.17 -28.25
CA HIS B 371 -34.83 18.00 -29.08
C HIS B 371 -35.38 18.39 -30.45
N ARG B 372 -35.43 19.70 -30.71
CA ARG B 372 -35.89 20.23 -31.98
C ARG B 372 -34.93 19.89 -33.10
N LYS B 373 -35.47 19.49 -34.23
CA LYS B 373 -34.67 19.21 -35.40
C LYS B 373 -35.09 20.17 -36.51
N CYS B 374 -34.64 21.42 -36.43
CA CYS B 374 -35.07 22.45 -37.36
C CYS B 374 -34.67 22.22 -38.80
N PHE B 375 -33.38 22.02 -39.00
CA PHE B 375 -32.79 21.87 -40.30
C PHE B 375 -33.48 22.72 -41.34
N THR C 5 4.15 -37.80 -2.94
CA THR C 5 3.21 -38.79 -2.40
C THR C 5 1.95 -38.09 -1.89
N THR C 6 2.12 -37.15 -0.96
CA THR C 6 1.02 -36.37 -0.44
C THR C 6 1.31 -34.95 -0.80
N ALA C 7 0.40 -34.26 -1.43
CA ALA C 7 0.79 -32.92 -1.81
C ALA C 7 1.12 -32.12 -0.59
N LEU C 8 2.14 -31.32 -0.72
CA LEU C 8 2.59 -30.45 0.33
C LEU C 8 1.99 -29.10 0.06
N VAL C 9 1.49 -28.45 1.09
CA VAL C 9 0.88 -27.14 0.92
C VAL C 9 1.68 -26.10 1.65
N CYS C 10 2.09 -25.06 0.94
CA CYS C 10 2.88 -24.00 1.55
C CYS C 10 2.47 -22.61 1.14
N ASP C 11 1.87 -21.90 2.07
CA ASP C 11 1.37 -20.56 1.85
C ASP C 11 2.43 -19.53 2.24
N ASN C 12 3.09 -18.96 1.24
CA ASN C 12 4.18 -18.01 1.46
C ASN C 12 3.60 -16.63 1.61
N GLY C 13 2.81 -16.49 2.65
CA GLY C 13 2.10 -15.26 2.94
C GLY C 13 3.07 -14.21 3.39
N SER C 14 2.76 -12.96 3.13
CA SER C 14 3.68 -12.00 3.64
C SER C 14 3.66 -12.00 5.13
N GLY C 15 4.83 -12.05 5.70
CA GLY C 15 5.00 -11.99 7.13
C GLY C 15 4.79 -13.32 7.85
N LEU C 16 4.29 -14.36 7.19
CA LEU C 16 4.04 -15.59 7.93
C LEU C 16 3.98 -16.81 7.01
N VAL C 17 4.75 -17.83 7.34
CA VAL C 17 4.76 -19.01 6.50
C VAL C 17 3.88 -20.06 7.11
N LYS C 18 2.90 -20.51 6.35
CA LYS C 18 2.01 -21.53 6.87
C LYS C 18 2.09 -22.77 5.99
N ALA C 19 2.58 -23.86 6.55
CA ALA C 19 2.75 -25.06 5.75
C ALA C 19 2.37 -26.35 6.49
N GLY C 20 1.95 -27.33 5.72
CA GLY C 20 1.53 -28.64 6.23
C GLY C 20 1.24 -29.53 5.05
N PHE C 21 0.54 -30.63 5.27
CA PHE C 21 0.30 -31.53 4.15
C PHE C 21 -1.13 -31.58 3.76
N ALA C 22 -1.37 -31.83 2.49
CA ALA C 22 -2.73 -31.95 2.05
C ALA C 22 -3.39 -33.06 2.82
N GLY C 23 -4.60 -32.80 3.26
CA GLY C 23 -5.38 -33.74 4.02
C GLY C 23 -5.36 -33.37 5.49
N ASP C 24 -4.39 -32.51 5.86
CA ASP C 24 -4.27 -31.99 7.24
C ASP C 24 -5.19 -30.78 7.37
N ASP C 25 -5.95 -30.68 8.46
CA ASP C 25 -6.90 -29.59 8.63
C ASP C 25 -6.27 -28.33 9.22
N ALA C 26 -4.97 -28.34 9.31
CA ALA C 26 -4.21 -27.24 9.84
C ALA C 26 -2.78 -27.33 9.35
N PRO C 27 -2.05 -26.23 9.25
CA PRO C 27 -0.66 -26.23 8.93
C PRO C 27 0.07 -26.84 10.09
N ARG C 28 1.20 -27.47 9.84
CA ARG C 28 1.98 -28.05 10.93
C ARG C 28 3.03 -27.05 11.35
N ALA C 29 3.49 -26.28 10.37
CA ALA C 29 4.55 -25.33 10.56
C ALA C 29 4.05 -23.92 10.38
N VAL C 30 4.03 -23.17 11.45
CA VAL C 30 3.61 -21.80 11.37
C VAL C 30 4.66 -20.93 12.00
N PHE C 31 5.31 -20.10 11.22
CA PHE C 31 6.35 -19.25 11.79
C PHE C 31 6.50 -18.01 10.94
N PRO C 32 7.03 -16.89 11.45
CA PRO C 32 7.22 -15.65 10.73
C PRO C 32 8.11 -15.78 9.50
N SER C 33 7.75 -15.03 8.46
CA SER C 33 8.55 -15.02 7.22
C SER C 33 9.68 -14.02 7.36
N ILE C 34 10.53 -14.27 8.33
CA ILE C 34 11.60 -13.36 8.68
C ILE C 34 12.99 -13.91 8.72
N VAL C 35 13.89 -13.17 8.08
CA VAL C 35 15.29 -13.52 8.14
C VAL C 35 16.03 -12.41 8.86
N GLY C 36 16.74 -12.74 9.92
CA GLY C 36 17.46 -11.73 10.68
C GLY C 36 18.97 -11.86 10.58
N ARG C 37 19.67 -10.75 10.80
CA ARG C 37 21.14 -10.75 10.81
C ARG C 37 21.66 -9.92 11.97
N PRO C 38 22.83 -10.23 12.57
CA PRO C 38 23.42 -9.50 13.68
C PRO C 38 23.56 -8.02 13.39
N ARG C 39 23.17 -7.20 14.36
CA ARG C 39 23.21 -5.74 14.25
C ARG C 39 24.46 -5.03 14.78
N HIS C 40 25.04 -5.50 15.89
CA HIS C 40 26.11 -4.74 16.55
C HIS C 40 27.54 -5.22 16.38
N GLN C 41 27.75 -6.39 15.80
CA GLN C 41 29.09 -6.92 15.71
C GLN C 41 29.12 -7.83 14.50
N GLY C 42 30.27 -8.41 14.22
CA GLY C 42 30.36 -9.32 13.10
C GLY C 42 30.02 -10.70 13.60
N VAL C 43 30.18 -11.70 12.75
CA VAL C 43 29.87 -13.05 13.15
C VAL C 43 31.12 -13.68 13.69
N MET C 44 31.04 -14.25 14.86
CA MET C 44 32.22 -14.89 15.41
C MET C 44 32.31 -16.26 14.77
N VAL C 45 32.79 -16.29 13.55
CA VAL C 45 32.82 -17.47 12.70
C VAL C 45 33.71 -18.58 13.24
N GLY C 46 34.67 -18.25 14.08
CA GLY C 46 35.54 -19.25 14.69
C GLY C 46 34.92 -19.78 15.98
N MET C 47 33.71 -19.29 16.32
CA MET C 47 32.99 -19.65 17.53
C MET C 47 31.55 -20.04 17.19
N GLY C 48 30.73 -20.25 18.21
CA GLY C 48 29.35 -20.66 18.01
C GLY C 48 28.40 -19.55 17.58
N GLN C 49 28.65 -18.94 16.42
CA GLN C 49 27.78 -17.88 15.90
C GLN C 49 27.40 -18.10 14.45
N LYS C 50 26.19 -17.65 14.12
CA LYS C 50 25.59 -17.75 12.80
C LYS C 50 25.57 -16.45 12.04
N ASP C 51 25.40 -16.57 10.73
CA ASP C 51 25.29 -15.41 9.86
C ASP C 51 23.88 -14.86 9.84
N SER C 52 22.91 -15.74 10.00
CA SER C 52 21.52 -15.34 9.97
C SER C 52 20.67 -16.26 10.81
N TYR C 53 19.50 -15.75 11.17
CA TYR C 53 18.53 -16.48 11.97
C TYR C 53 17.18 -16.47 11.27
N VAL C 54 16.44 -17.57 11.34
CA VAL C 54 15.16 -17.60 10.61
C VAL C 54 13.92 -17.99 11.39
N GLY C 55 12.86 -17.22 11.18
CA GLY C 55 11.57 -17.51 11.80
C GLY C 55 11.62 -17.37 13.29
N ASP C 56 11.36 -18.45 14.00
CA ASP C 56 11.37 -18.36 15.43
C ASP C 56 12.72 -17.91 15.96
N GLU C 57 13.81 -18.27 15.28
CA GLU C 57 15.09 -17.84 15.79
C GLU C 57 15.19 -16.34 15.68
N ALA C 58 14.66 -15.80 14.59
CA ALA C 58 14.72 -14.39 14.29
C ALA C 58 13.94 -13.61 15.33
N GLN C 59 12.84 -14.19 15.82
CA GLN C 59 12.06 -13.54 16.85
C GLN C 59 12.67 -13.66 18.23
N SER C 60 13.20 -14.83 18.57
CA SER C 60 13.73 -15.00 19.92
C SER C 60 14.93 -14.13 20.18
N LYS C 61 15.71 -13.90 19.14
CA LYS C 61 16.91 -13.10 19.21
C LYS C 61 16.72 -11.73 18.58
N ARG C 62 15.47 -11.31 18.36
CA ARG C 62 15.23 -10.08 17.63
C ARG C 62 15.87 -8.87 18.23
N GLY C 63 16.10 -8.82 19.53
CA GLY C 63 16.70 -7.64 20.11
C GLY C 63 18.14 -7.37 19.65
N ILE C 64 18.78 -8.34 19.01
CA ILE C 64 20.14 -8.10 18.56
C ILE C 64 20.25 -8.20 17.04
N LEU C 65 19.12 -8.38 16.37
CA LEU C 65 19.13 -8.60 14.94
C LEU C 65 18.39 -7.55 14.17
N THR C 66 18.85 -7.31 12.97
CA THR C 66 18.07 -6.48 12.07
C THR C 66 17.21 -7.47 11.33
N LEU C 67 15.91 -7.24 11.27
CA LEU C 67 15.07 -8.24 10.63
C LEU C 67 14.54 -7.74 9.31
N LYS C 68 14.54 -8.64 8.33
CA LYS C 68 14.01 -8.30 7.03
C LYS C 68 12.91 -9.24 6.58
N TYR C 69 11.97 -8.67 5.85
CA TYR C 69 10.91 -9.42 5.23
C TYR C 69 11.22 -9.51 3.75
N PRO C 70 11.42 -10.70 3.16
CA PRO C 70 11.77 -10.90 1.77
C PRO C 70 10.62 -10.57 0.82
N ILE C 71 9.41 -10.47 1.38
CA ILE C 71 8.21 -10.20 0.62
C ILE C 71 7.62 -8.84 0.93
N GLU C 72 7.47 -8.03 -0.11
CA GLU C 72 6.90 -6.69 0.00
C GLU C 72 5.74 -6.56 -0.96
N HIC C 73 4.58 -6.19 -0.41
CA HIC C 73 3.31 -6.04 -1.17
C HIC C 73 3.02 -7.34 -1.95
O HIC C 73 2.54 -7.24 -3.10
CB HIC C 73 3.36 -4.82 -2.09
CG HIC C 73 3.60 -3.54 -1.37
ND1 HIC C 73 2.54 -2.78 -0.91
CD2 HIC C 73 4.78 -2.91 -1.07
CE1 HIC C 73 3.08 -1.73 -0.33
NE2 HIC C 73 4.44 -1.75 -0.40
CZ HIC C 73 5.39 -0.77 0.13
N GLY C 74 3.35 -8.49 -1.36
CA GLY C 74 3.06 -9.78 -1.98
C GLY C 74 4.11 -10.24 -3.00
N ILE C 75 5.15 -9.46 -3.21
CA ILE C 75 6.16 -9.78 -4.20
C ILE C 75 7.47 -10.15 -3.59
N ILE C 76 8.01 -11.26 -4.01
CA ILE C 76 9.28 -11.66 -3.44
C ILE C 76 10.35 -10.86 -4.13
N THR C 77 11.14 -10.12 -3.36
CA THR C 77 12.20 -9.36 -3.96
C THR C 77 13.54 -9.84 -3.46
N ASN C 78 13.56 -10.40 -2.25
CA ASN C 78 14.83 -10.87 -1.75
C ASN C 78 14.86 -12.37 -1.91
N TRP C 79 15.34 -12.81 -3.06
CA TRP C 79 15.28 -14.21 -3.40
C TRP C 79 16.22 -15.05 -2.57
N ASP C 80 17.30 -14.47 -2.09
CA ASP C 80 18.20 -15.28 -1.29
C ASP C 80 17.57 -15.57 0.05
N ASP C 81 16.88 -14.60 0.60
CA ASP C 81 16.23 -14.81 1.88
C ASP C 81 15.03 -15.70 1.70
N MET C 82 14.37 -15.61 0.55
CA MET C 82 13.24 -16.48 0.35
C MET C 82 13.71 -17.92 0.33
N GLU C 83 14.87 -18.19 -0.29
CA GLU C 83 15.35 -19.54 -0.26
C GLU C 83 15.71 -19.96 1.14
N LYS C 84 16.25 -19.06 1.97
CA LYS C 84 16.57 -19.48 3.33
C LYS C 84 15.32 -19.91 4.06
N ILE C 85 14.22 -19.18 3.85
CA ILE C 85 12.99 -19.57 4.53
C ILE C 85 12.51 -20.91 4.04
N TRP C 86 12.52 -21.12 2.74
CA TRP C 86 12.09 -22.40 2.21
C TRP C 86 12.98 -23.52 2.69
N HIS C 87 14.30 -23.23 2.72
CA HIS C 87 15.30 -24.21 3.19
C HIS C 87 14.91 -24.72 4.59
N HIS C 88 14.49 -23.82 5.48
CA HIS C 88 14.09 -24.23 6.81
C HIS C 88 12.69 -24.83 6.82
N THR C 89 11.79 -24.32 5.99
CA THR C 89 10.45 -24.86 5.99
C THR C 89 10.49 -26.35 5.65
N PHE C 90 11.26 -26.69 4.63
CA PHE C 90 11.36 -28.08 4.23
C PHE C 90 12.23 -28.92 5.13
N TYR C 91 13.37 -28.42 5.58
CA TYR C 91 14.24 -29.30 6.34
C TYR C 91 14.19 -29.22 7.85
N ASN C 92 13.72 -28.12 8.43
CA ASN C 92 13.69 -28.02 9.88
C ASN C 92 12.28 -28.05 10.45
N GLU C 93 11.32 -27.48 9.73
CA GLU C 93 9.96 -27.39 10.26
C GLU C 93 9.08 -28.57 9.87
N LEU C 94 8.99 -28.86 8.58
CA LEU C 94 8.20 -30.01 8.14
C LEU C 94 9.08 -31.24 8.11
N ARG C 95 10.37 -31.01 7.96
CA ARG C 95 11.43 -32.04 7.91
C ARG C 95 11.19 -33.09 6.85
N VAL C 96 10.89 -32.63 5.66
CA VAL C 96 10.59 -33.44 4.51
C VAL C 96 11.43 -33.06 3.31
N ALA C 97 12.00 -33.99 2.58
CA ALA C 97 12.74 -33.53 1.43
C ALA C 97 11.75 -33.15 0.33
N PRO C 98 11.99 -32.09 -0.45
CA PRO C 98 11.09 -31.64 -1.51
C PRO C 98 10.87 -32.69 -2.59
N GLU C 99 11.84 -33.59 -2.75
CA GLU C 99 11.81 -34.63 -3.75
C GLU C 99 10.74 -35.67 -3.49
N GLU C 100 10.20 -35.68 -2.28
CA GLU C 100 9.23 -36.66 -1.88
C GLU C 100 7.75 -36.32 -2.22
N HIS C 101 7.40 -35.04 -2.26
CA HIS C 101 5.98 -34.68 -2.49
C HIS C 101 5.85 -33.54 -3.50
N PRO C 102 4.71 -33.42 -4.21
CA PRO C 102 4.48 -32.30 -5.11
C PRO C 102 4.07 -31.09 -4.25
N THR C 103 4.29 -29.87 -4.72
CA THR C 103 3.97 -28.72 -3.86
C THR C 103 3.08 -27.65 -4.44
N LEU C 104 2.09 -27.29 -3.65
CA LEU C 104 1.16 -26.24 -3.98
C LEU C 104 1.52 -24.93 -3.28
N LEU C 105 1.76 -23.91 -4.08
CA LEU C 105 2.11 -22.58 -3.61
C LEU C 105 0.95 -21.65 -3.84
N THR C 106 0.99 -20.52 -3.19
CA THR C 106 -0.06 -19.53 -3.28
C THR C 106 0.47 -18.20 -3.79
N GLU C 107 -0.41 -17.36 -4.35
CA GLU C 107 0.00 -16.04 -4.81
C GLU C 107 -1.15 -15.01 -4.82
N ALA C 108 -0.84 -13.74 -4.60
CA ALA C 108 -1.81 -12.67 -4.78
C ALA C 108 -2.00 -12.48 -6.29
N PRO C 109 -3.15 -12.05 -6.79
CA PRO C 109 -3.42 -11.79 -8.18
C PRO C 109 -2.73 -10.51 -8.61
N LEU C 110 -2.50 -10.39 -9.92
CA LEU C 110 -1.95 -9.21 -10.58
C LEU C 110 -0.50 -8.87 -10.23
N ASN C 111 0.30 -9.88 -9.89
CA ASN C 111 1.71 -9.65 -9.61
C ASN C 111 2.52 -9.64 -10.90
N PRO C 112 3.84 -9.37 -10.86
CA PRO C 112 4.72 -9.42 -12.00
C PRO C 112 4.76 -10.85 -12.45
N LYS C 113 4.91 -11.10 -13.74
CA LYS C 113 5.00 -12.47 -14.19
C LYS C 113 6.19 -13.17 -13.59
N ALA C 114 7.24 -12.42 -13.42
CA ALA C 114 8.49 -12.91 -12.89
C ALA C 114 8.33 -13.55 -11.53
N ASN C 115 7.35 -13.14 -10.74
CA ASN C 115 7.25 -13.70 -9.42
C ASN C 115 6.92 -15.19 -9.54
N ARG C 116 6.14 -15.58 -10.55
CA ARG C 116 5.74 -16.98 -10.68
C ARG C 116 6.86 -17.74 -11.33
N GLU C 117 7.51 -17.07 -12.27
CA GLU C 117 8.55 -17.71 -13.02
C GLU C 117 9.75 -18.01 -12.12
N LYS C 118 10.05 -17.11 -11.20
CA LYS C 118 11.15 -17.32 -10.28
C LYS C 118 10.79 -18.33 -9.22
N MET C 119 9.56 -18.34 -8.72
CA MET C 119 9.27 -19.36 -7.72
C MET C 119 9.36 -20.71 -8.38
N THR C 120 8.94 -20.79 -9.63
CA THR C 120 8.99 -22.06 -10.32
C THR C 120 10.41 -22.51 -10.55
N GLN C 121 11.28 -21.61 -10.99
CA GLN C 121 12.65 -22.02 -11.21
C GLN C 121 13.28 -22.53 -9.94
N ILE C 122 13.02 -21.87 -8.82
CA ILE C 122 13.62 -22.32 -7.58
C ILE C 122 13.10 -23.67 -7.16
N MET C 123 11.79 -23.87 -7.28
CA MET C 123 11.22 -25.13 -6.92
C MET C 123 11.64 -26.28 -7.84
N PHE C 124 12.06 -26.02 -9.07
CA PHE C 124 12.57 -27.14 -9.84
C PHE C 124 14.11 -27.25 -9.84
N GLU C 125 14.85 -26.15 -9.62
CA GLU C 125 16.31 -26.21 -9.68
C GLU C 125 17.07 -26.21 -8.33
N THR C 126 16.52 -25.61 -7.27
CA THR C 126 17.21 -25.58 -5.98
C THR C 126 16.65 -26.68 -5.13
N PHE C 127 15.36 -26.84 -5.20
CA PHE C 127 14.65 -27.87 -4.47
C PHE C 127 14.19 -28.81 -5.55
N ASN C 128 14.42 -30.09 -5.47
CA ASN C 128 13.95 -30.88 -6.59
C ASN C 128 12.49 -31.29 -6.45
N VAL C 129 11.56 -30.36 -6.63
CA VAL C 129 10.15 -30.67 -6.42
C VAL C 129 9.58 -31.43 -7.63
N PRO C 130 9.00 -32.63 -7.47
CA PRO C 130 8.45 -33.46 -8.54
C PRO C 130 7.50 -32.75 -9.49
N ALA C 131 6.65 -31.91 -8.91
CA ALA C 131 5.64 -31.14 -9.63
C ALA C 131 5.17 -30.00 -8.77
N MET C 132 4.66 -28.97 -9.38
CA MET C 132 4.14 -27.87 -8.58
C MET C 132 3.01 -27.12 -9.23
N TYR C 133 2.35 -26.32 -8.44
CA TYR C 133 1.30 -25.47 -8.95
C TYR C 133 1.22 -24.22 -8.14
N VAL C 134 0.97 -23.07 -8.78
CA VAL C 134 0.81 -21.87 -8.00
C VAL C 134 -0.61 -21.33 -8.16
N ALA C 135 -1.34 -21.28 -7.04
CA ALA C 135 -2.74 -20.89 -7.01
C ALA C 135 -2.98 -19.50 -6.47
N ILE C 136 -4.09 -18.91 -6.86
CA ILE C 136 -4.50 -17.65 -6.30
C ILE C 136 -5.19 -17.88 -4.98
N GLN C 137 -4.79 -17.09 -4.00
CA GLN C 137 -5.32 -17.24 -2.65
C GLN C 137 -6.81 -17.03 -2.51
N ALA C 138 -7.38 -16.08 -3.23
CA ALA C 138 -8.81 -15.85 -3.11
C ALA C 138 -9.60 -17.08 -3.53
N VAL C 139 -9.09 -17.80 -4.52
CA VAL C 139 -9.76 -18.97 -5.00
C VAL C 139 -9.70 -20.05 -3.96
N LEU C 140 -8.53 -20.23 -3.36
CA LEU C 140 -8.41 -21.25 -2.35
C LEU C 140 -9.28 -20.93 -1.16
N SER C 141 -9.37 -19.67 -0.81
CA SER C 141 -10.19 -19.29 0.31
C SER C 141 -11.64 -19.65 0.03
N LEU C 142 -12.12 -19.43 -1.19
CA LEU C 142 -13.49 -19.80 -1.43
C LEU C 142 -13.62 -21.33 -1.33
N TYR C 143 -12.62 -22.11 -1.81
CA TYR C 143 -12.73 -23.58 -1.66
C TYR C 143 -12.88 -23.96 -0.20
N ALA C 144 -12.15 -23.28 0.67
CA ALA C 144 -12.22 -23.54 2.10
C ALA C 144 -13.62 -23.30 2.67
N SER C 145 -14.35 -22.30 2.15
CA SER C 145 -15.70 -22.06 2.68
C SER C 145 -16.67 -23.10 2.16
N GLY C 146 -16.36 -23.65 0.99
CA GLY C 146 -17.17 -24.68 0.36
C GLY C 146 -18.21 -24.14 -0.62
N ARG C 147 -18.28 -22.82 -0.76
CA ARG C 147 -19.20 -22.16 -1.65
C ARG C 147 -18.62 -22.12 -3.05
N THR C 148 -19.48 -22.01 -4.06
CA THR C 148 -19.01 -21.85 -5.44
C THR C 148 -19.19 -20.42 -5.93
N THR C 149 -20.03 -19.69 -5.22
CA THR C 149 -20.34 -18.32 -5.56
C THR C 149 -20.14 -17.44 -4.36
N GLY C 150 -19.45 -16.34 -4.59
CA GLY C 150 -19.23 -15.36 -3.57
C GLY C 150 -18.05 -14.50 -3.93
N ILE C 151 -17.84 -13.45 -3.18
CA ILE C 151 -16.69 -12.60 -3.44
C ILE C 151 -15.76 -12.74 -2.29
N VAL C 152 -14.50 -13.00 -2.59
CA VAL C 152 -13.55 -13.16 -1.51
C VAL C 152 -12.62 -12.00 -1.35
N LEU C 153 -12.63 -11.47 -0.14
CA LEU C 153 -11.77 -10.37 0.26
C LEU C 153 -10.68 -10.93 1.14
N ASP C 154 -9.50 -11.17 0.55
CA ASP C 154 -8.35 -11.70 1.32
C ASP C 154 -7.48 -10.51 1.75
N SER C 155 -7.39 -10.25 3.06
CA SER C 155 -6.62 -9.10 3.49
C SER C 155 -5.56 -9.58 4.42
N GLY C 156 -4.34 -9.59 3.91
CA GLY C 156 -3.21 -10.12 4.60
C GLY C 156 -2.24 -9.06 5.01
N ASP C 157 -0.98 -9.46 5.05
CA ASP C 157 0.08 -8.62 5.45
C ASP C 157 0.56 -7.63 4.41
N GLY C 158 0.59 -8.04 3.13
CA GLY C 158 1.16 -7.16 2.13
C GLY C 158 0.17 -6.69 1.07
N VAL C 159 -0.85 -7.48 0.79
CA VAL C 159 -1.83 -7.14 -0.22
C VAL C 159 -3.25 -7.40 0.25
N THR C 160 -4.17 -6.53 -0.14
CA THR C 160 -5.58 -6.80 0.06
C THR C 160 -6.22 -6.96 -1.31
N HIS C 161 -6.94 -8.06 -1.53
CA HIS C 161 -7.52 -8.23 -2.85
C HIS C 161 -8.90 -8.85 -2.87
N ASN C 162 -9.63 -8.50 -3.91
CA ASN C 162 -11.02 -8.92 -4.12
C ASN C 162 -11.26 -9.63 -5.41
N VAL C 163 -11.57 -10.91 -5.29
CA VAL C 163 -11.81 -11.71 -6.47
C VAL C 163 -13.20 -12.32 -6.47
N PRO C 164 -14.15 -11.79 -7.24
CA PRO C 164 -15.48 -12.34 -7.34
C PRO C 164 -15.43 -13.61 -8.16
N ILE C 165 -16.14 -14.62 -7.68
CA ILE C 165 -16.27 -15.91 -8.34
C ILE C 165 -17.75 -16.27 -8.44
N TYR C 166 -18.21 -16.68 -9.61
CA TYR C 166 -19.60 -17.05 -9.76
C TYR C 166 -19.80 -18.42 -10.34
N GLU C 167 -20.48 -19.29 -9.61
CA GLU C 167 -20.73 -20.64 -10.05
C GLU C 167 -19.45 -21.34 -10.50
N GLY C 168 -18.38 -21.10 -9.75
CA GLY C 168 -17.09 -21.69 -10.00
C GLY C 168 -16.22 -20.94 -11.00
N TYR C 169 -16.75 -19.91 -11.66
CA TYR C 169 -15.98 -19.19 -12.66
C TYR C 169 -15.41 -17.90 -12.13
N ALA C 170 -14.24 -17.55 -12.59
CA ALA C 170 -13.69 -16.28 -12.20
C ALA C 170 -14.31 -15.18 -13.01
N LEU C 171 -14.37 -13.99 -12.45
CA LEU C 171 -14.80 -12.82 -13.17
C LEU C 171 -13.65 -11.81 -13.15
N PRO C 172 -12.55 -12.08 -13.90
CA PRO C 172 -11.26 -11.41 -13.82
C PRO C 172 -11.26 -9.93 -14.12
N HIS C 173 -12.23 -9.44 -14.87
CA HIS C 173 -12.23 -8.03 -15.18
C HIS C 173 -12.60 -7.20 -13.96
N ALA C 174 -13.14 -7.86 -12.94
CA ALA C 174 -13.58 -7.23 -11.72
C ALA C 174 -12.60 -7.48 -10.57
N ILE C 175 -11.40 -7.97 -10.86
CA ILE C 175 -10.46 -8.16 -9.76
C ILE C 175 -9.84 -6.85 -9.36
N MET C 176 -9.92 -6.57 -8.07
CA MET C 176 -9.37 -5.34 -7.55
C MET C 176 -8.31 -5.61 -6.52
N ARG C 177 -7.27 -4.79 -6.52
CA ARG C 177 -6.18 -4.92 -5.58
C ARG C 177 -5.79 -3.62 -4.93
N LEU C 178 -5.63 -3.67 -3.62
CA LEU C 178 -5.20 -2.55 -2.83
C LEU C 178 -3.82 -2.83 -2.28
N ASP C 179 -3.04 -1.78 -2.08
CA ASP C 179 -1.74 -1.99 -1.45
C ASP C 179 -1.90 -2.03 0.05
N LEU C 180 -2.91 -1.35 0.56
CA LEU C 180 -3.09 -1.33 2.00
C LEU C 180 -3.28 -2.71 2.57
N ALA C 181 -2.47 -3.01 3.57
CA ALA C 181 -2.48 -4.30 4.24
C ALA C 181 -1.95 -4.19 5.68
N GLY C 182 -1.89 -5.32 6.38
CA GLY C 182 -1.49 -5.35 7.79
C GLY C 182 -0.14 -4.68 8.08
N ARG C 183 0.79 -4.72 7.12
CA ARG C 183 2.09 -4.13 7.28
C ARG C 183 1.96 -2.60 7.43
N ASP C 184 0.97 -2.00 6.77
CA ASP C 184 0.79 -0.56 6.78
C ASP C 184 0.03 -0.18 8.00
N LEU C 185 -0.85 -1.06 8.44
CA LEU C 185 -1.62 -0.73 9.62
C LEU C 185 -0.67 -0.65 10.78
N THR C 186 0.33 -1.56 10.79
CA THR C 186 1.33 -1.58 11.83
C THR C 186 2.15 -0.31 11.77
N ASP C 187 2.57 0.09 10.58
CA ASP C 187 3.39 1.29 10.47
C ASP C 187 2.60 2.52 10.91
N TYR C 188 1.31 2.56 10.57
CA TYR C 188 0.50 3.69 10.95
C TYR C 188 0.39 3.76 12.44
N LEU C 189 0.17 2.63 13.09
CA LEU C 189 0.07 2.61 14.54
C LEU C 189 1.39 3.06 15.15
N MET C 190 2.52 2.63 14.58
CA MET C 190 3.79 3.08 15.16
C MET C 190 3.82 4.61 15.16
N LYS C 191 3.33 5.22 14.08
CA LYS C 191 3.29 6.68 14.04
C LYS C 191 2.26 7.23 15.00
N ILE C 192 1.10 6.60 15.12
CA ILE C 192 0.07 7.15 15.99
C ILE C 192 0.59 7.20 17.41
N LEU C 193 1.27 6.15 17.83
CA LEU C 193 1.72 6.05 19.20
C LEU C 193 2.74 7.07 19.63
N THR C 194 3.32 7.85 18.70
CA THR C 194 4.28 8.84 19.13
C THR C 194 3.51 9.95 19.83
N GLU C 195 2.20 10.01 19.63
CA GLU C 195 1.36 11.01 20.23
C GLU C 195 1.35 10.86 21.75
N ARG C 196 1.56 9.65 22.26
CA ARG C 196 1.53 9.42 23.69
C ARG C 196 2.94 9.35 24.22
N GLY C 197 3.90 9.66 23.36
CA GLY C 197 5.31 9.62 23.69
C GLY C 197 5.94 8.25 23.63
N TYR C 198 5.35 7.32 22.89
CA TYR C 198 5.95 6.01 22.85
C TYR C 198 6.60 5.83 21.51
N SER C 199 7.91 5.96 21.43
CA SER C 199 8.57 5.89 20.15
C SER C 199 9.21 4.56 19.85
N PHE C 200 8.69 3.93 18.81
CA PHE C 200 9.13 2.63 18.35
C PHE C 200 9.77 2.85 16.99
N VAL C 201 11.08 2.73 16.90
CA VAL C 201 11.75 3.02 15.64
C VAL C 201 12.61 1.90 15.07
N THR C 202 12.94 0.90 15.90
CA THR C 202 13.81 -0.16 15.43
C THR C 202 12.95 -1.27 14.91
N THR C 203 13.56 -2.21 14.23
CA THR C 203 12.81 -3.30 13.71
C THR C 203 12.20 -4.15 14.84
N ALA C 204 12.94 -4.45 15.89
CA ALA C 204 12.34 -5.24 16.97
C ALA C 204 11.15 -4.47 17.55
N GLU C 205 11.29 -3.16 17.66
CA GLU C 205 10.21 -2.36 18.20
C GLU C 205 8.97 -2.44 17.30
N ARG C 206 9.18 -2.57 15.99
CA ARG C 206 8.09 -2.75 15.04
C ARG C 206 7.33 -4.03 15.37
N GLU C 207 8.07 -5.06 15.75
CA GLU C 207 7.47 -6.35 16.07
C GLU C 207 6.64 -6.21 17.35
N ILE C 208 7.09 -5.37 18.27
CA ILE C 208 6.31 -5.14 19.48
C ILE C 208 5.01 -4.47 19.12
N VAL C 209 5.07 -3.45 18.27
CA VAL C 209 3.84 -2.77 17.90
C VAL C 209 2.92 -3.74 17.24
N ARG C 210 3.45 -4.59 16.37
CA ARG C 210 2.60 -5.59 15.76
C ARG C 210 1.89 -6.40 16.85
N ASP C 211 2.60 -6.82 17.90
CA ASP C 211 1.96 -7.59 18.95
C ASP C 211 0.88 -6.77 19.67
N ILE C 212 1.12 -5.47 19.85
CA ILE C 212 0.15 -4.63 20.55
C ILE C 212 -1.12 -4.57 19.72
N LYS C 213 -0.96 -4.34 18.43
CA LYS C 213 -2.09 -4.27 17.51
C LYS C 213 -2.95 -5.51 17.56
N GLU C 214 -2.28 -6.66 17.55
CA GLU C 214 -2.94 -7.95 17.54
C GLU C 214 -3.78 -8.21 18.77
N LYS C 215 -3.34 -7.70 19.92
CA LYS C 215 -4.09 -7.92 21.14
C LYS C 215 -5.07 -6.81 21.51
N LEU C 216 -4.78 -5.56 21.18
CA LEU C 216 -5.65 -4.49 21.61
C LEU C 216 -6.61 -3.86 20.61
N CYS C 217 -6.34 -3.92 19.31
CA CYS C 217 -7.17 -3.21 18.38
C CYS C 217 -8.48 -3.87 18.04
N TYR C 218 -9.45 -3.03 17.69
CA TYR C 218 -10.78 -3.47 17.28
C TYR C 218 -11.36 -2.49 16.30
N VAL C 219 -12.39 -2.90 15.59
CA VAL C 219 -12.98 -2.01 14.63
C VAL C 219 -14.17 -1.31 15.25
N ALA C 220 -14.17 0.00 15.21
CA ALA C 220 -15.30 0.71 15.75
C ALA C 220 -16.47 0.48 14.84
N LEU C 221 -17.65 0.26 15.39
CA LEU C 221 -18.81 0.15 14.52
C LEU C 221 -19.12 1.53 13.95
N ASP C 222 -18.93 2.54 14.78
CA ASP C 222 -19.15 3.91 14.43
C ASP C 222 -17.96 4.71 14.90
N PHE C 223 -17.06 5.02 13.99
CA PHE C 223 -15.80 5.62 14.33
C PHE C 223 -15.93 6.95 15.03
N GLU C 224 -16.77 7.82 14.51
CA GLU C 224 -16.89 9.13 15.07
C GLU C 224 -17.51 9.10 16.45
N ASN C 225 -18.52 8.24 16.65
CA ASN C 225 -19.11 8.19 17.97
C ASN C 225 -18.20 7.49 18.95
N GLU C 226 -17.40 6.53 18.45
CA GLU C 226 -16.50 5.81 19.32
C GLU C 226 -15.42 6.77 19.75
N MET C 227 -14.95 7.60 18.82
CA MET C 227 -13.94 8.59 19.09
C MET C 227 -14.45 9.66 20.03
N ALA C 228 -15.69 10.12 19.83
CA ALA C 228 -16.23 11.11 20.72
C ALA C 228 -16.34 10.53 22.12
N THR C 229 -16.70 9.25 22.22
CA THR C 229 -16.79 8.62 23.52
C THR C 229 -15.42 8.54 24.16
N ALA C 230 -14.44 8.11 23.38
CA ALA C 230 -13.07 7.95 23.83
C ALA C 230 -12.50 9.23 24.37
N ALA C 231 -12.92 10.34 23.80
CA ALA C 231 -12.46 11.64 24.22
C ALA C 231 -12.71 11.90 25.71
N SER C 232 -13.80 11.35 26.29
CA SER C 232 -14.04 11.63 27.70
C SER C 232 -14.05 10.37 28.58
N SER C 233 -14.19 9.18 27.98
CA SER C 233 -14.29 7.96 28.77
C SER C 233 -13.02 7.13 28.88
N SER C 234 -12.58 6.99 30.12
CA SER C 234 -11.37 6.26 30.47
C SER C 234 -11.52 4.76 30.30
N SER C 235 -12.77 4.29 30.08
CA SER C 235 -13.04 2.86 29.92
C SER C 235 -12.49 2.34 28.62
N LEU C 236 -12.13 3.26 27.73
CA LEU C 236 -11.55 2.91 26.46
C LEU C 236 -10.09 2.51 26.57
N GLU C 237 -9.39 3.00 27.59
CA GLU C 237 -7.98 2.72 27.68
C GLU C 237 -7.68 1.33 28.20
N LYS C 238 -6.63 0.74 27.66
CA LYS C 238 -6.15 -0.55 28.11
C LYS C 238 -4.66 -0.51 28.32
N SER C 239 -4.18 -1.25 29.29
CA SER C 239 -2.75 -1.31 29.49
C SER C 239 -2.14 -2.46 28.71
N TYR C 240 -0.85 -2.32 28.43
CA TYR C 240 -0.07 -3.37 27.81
C TYR C 240 1.29 -3.46 28.44
N GLU C 241 1.73 -4.66 28.74
CA GLU C 241 3.05 -4.81 29.32
C GLU C 241 4.06 -5.18 28.26
N LEU C 242 5.09 -4.37 28.18
CA LEU C 242 6.16 -4.50 27.23
C LEU C 242 7.09 -5.61 27.67
N PRO C 243 7.86 -6.20 26.77
CA PRO C 243 8.81 -7.27 27.07
C PRO C 243 9.78 -6.97 28.22
N ASP C 244 10.10 -5.70 28.47
CA ASP C 244 11.03 -5.39 29.55
C ASP C 244 10.34 -5.05 30.85
N GLY C 245 9.05 -5.25 30.94
CA GLY C 245 8.31 -4.98 32.16
C GLY C 245 7.74 -3.57 32.24
N GLN C 246 8.02 -2.72 31.27
CA GLN C 246 7.43 -1.39 31.38
C GLN C 246 5.98 -1.48 30.92
N VAL C 247 5.13 -0.62 31.44
CA VAL C 247 3.75 -0.65 31.05
C VAL C 247 3.29 0.61 30.39
N ILE C 248 2.59 0.45 29.29
CA ILE C 248 2.07 1.57 28.54
C ILE C 248 0.57 1.53 28.38
N THR C 249 0.00 2.70 28.13
CA THR C 249 -1.45 2.78 27.97
C THR C 249 -1.83 3.15 26.56
N ILE C 250 -2.75 2.38 26.02
CA ILE C 250 -3.25 2.63 24.69
C ILE C 250 -4.71 3.06 24.82
N GLY C 251 -5.07 4.18 24.19
CA GLY C 251 -6.40 4.75 24.25
C GLY C 251 -7.16 4.53 22.95
N ASN C 252 -7.45 5.62 22.23
CA ASN C 252 -8.26 5.52 21.04
C ASN C 252 -7.49 4.99 19.85
N GLU C 253 -6.22 4.72 20.07
CA GLU C 253 -5.36 4.20 19.04
C GLU C 253 -5.83 2.77 18.76
N ARG C 254 -6.56 2.19 19.72
CA ARG C 254 -7.04 0.84 19.59
C ARG C 254 -7.99 0.74 18.40
N PHE C 255 -8.73 1.81 18.08
CA PHE C 255 -9.61 1.72 16.93
C PHE C 255 -9.19 2.66 15.80
N ARG C 256 -8.30 3.61 16.06
CA ARG C 256 -7.85 4.48 14.99
C ARG C 256 -6.97 3.71 14.03
N CYS C 257 -6.23 2.72 14.51
CA CYS C 257 -5.41 1.97 13.59
C CYS C 257 -6.23 1.24 12.50
N PRO C 258 -7.13 0.28 12.81
CA PRO C 258 -7.92 -0.46 11.84
C PRO C 258 -8.86 0.42 11.04
N GLU C 259 -9.21 1.61 11.54
CA GLU C 259 -10.07 2.51 10.79
C GLU C 259 -9.47 2.82 9.43
N THR C 260 -8.15 2.73 9.31
CA THR C 260 -7.42 3.03 8.08
C THR C 260 -8.02 2.21 6.94
N LEU C 261 -8.48 0.98 7.24
CA LEU C 261 -9.04 0.07 6.25
C LEU C 261 -10.31 0.63 5.64
N PHE C 262 -10.98 1.52 6.36
CA PHE C 262 -12.18 2.10 5.85
C PHE C 262 -11.85 3.48 5.31
N GLN C 263 -10.78 4.08 5.84
CA GLN C 263 -10.34 5.39 5.40
C GLN C 263 -8.83 5.45 5.06
N PRO C 264 -8.38 4.92 3.91
CA PRO C 264 -6.98 4.82 3.47
C PRO C 264 -6.31 6.17 3.33
N SER C 265 -7.11 7.23 3.29
CA SER C 265 -6.63 8.59 3.19
C SER C 265 -5.83 8.97 4.43
N PHE C 266 -5.99 8.20 5.52
CA PHE C 266 -5.27 8.45 6.76
C PHE C 266 -3.79 8.26 6.59
N ILE C 267 -3.39 7.48 5.60
CA ILE C 267 -2.00 7.23 5.35
C ILE C 267 -1.58 7.78 4.00
N GLY C 268 -2.39 8.67 3.43
CA GLY C 268 -2.11 9.30 2.16
C GLY C 268 -2.55 8.56 0.88
N MET C 269 -3.33 7.49 0.98
CA MET C 269 -3.73 6.79 -0.24
C MET C 269 -5.01 7.34 -0.88
N GLU C 270 -5.10 7.25 -2.21
CA GLU C 270 -6.30 7.61 -2.99
C GLU C 270 -7.24 6.43 -3.11
N SER C 271 -6.80 5.34 -2.55
CA SER C 271 -7.43 4.06 -2.61
C SER C 271 -8.79 4.05 -1.98
N ALA C 272 -9.61 3.18 -2.52
CA ALA C 272 -10.94 2.88 -2.03
C ALA C 272 -10.81 2.19 -0.69
N GLY C 273 -11.78 2.36 0.20
CA GLY C 273 -11.70 1.62 1.45
C GLY C 273 -12.09 0.19 1.17
N ILE C 274 -11.97 -0.69 2.13
CA ILE C 274 -12.27 -2.07 1.80
C ILE C 274 -13.71 -2.32 1.42
N HIS C 275 -14.61 -1.50 1.96
CA HIS C 275 -16.07 -1.60 1.69
C HIS C 275 -16.42 -0.93 0.35
N GLU C 276 -15.51 -0.13 -0.21
CA GLU C 276 -15.80 0.54 -1.45
C GLU C 276 -15.25 -0.32 -2.53
N THR C 277 -14.14 -0.97 -2.20
CA THR C 277 -13.48 -1.83 -3.13
C THR C 277 -14.37 -3.03 -3.38
N THR C 278 -14.93 -3.59 -2.31
CA THR C 278 -15.81 -4.74 -2.45
C THR C 278 -17.01 -4.35 -3.27
N TYR C 279 -17.60 -3.21 -2.94
CA TYR C 279 -18.76 -2.73 -3.64
C TYR C 279 -18.47 -2.54 -5.11
N ASN C 280 -17.36 -1.89 -5.44
CA ASN C 280 -17.07 -1.65 -6.84
C ASN C 280 -16.80 -2.94 -7.59
N SER C 281 -16.16 -3.91 -6.95
CA SER C 281 -15.93 -5.16 -7.66
C SER C 281 -17.26 -5.78 -8.02
N ILE C 282 -18.21 -5.72 -7.10
CA ILE C 282 -19.53 -6.24 -7.37
C ILE C 282 -20.19 -5.44 -8.49
N MET C 283 -20.08 -4.11 -8.47
CA MET C 283 -20.71 -3.31 -9.51
C MET C 283 -20.11 -3.54 -10.90
N LYS C 284 -18.85 -4.00 -10.98
CA LYS C 284 -18.23 -4.30 -12.25
C LYS C 284 -18.69 -5.65 -12.81
N CYS C 285 -19.43 -6.39 -12.01
CA CYS C 285 -19.93 -7.67 -12.40
C CYS C 285 -21.33 -7.52 -12.99
N ASP C 286 -21.73 -8.51 -13.77
CA ASP C 286 -23.02 -8.51 -14.42
C ASP C 286 -24.17 -8.37 -13.45
N ILE C 287 -25.19 -7.63 -13.87
CA ILE C 287 -26.35 -7.39 -13.04
C ILE C 287 -27.02 -8.66 -12.52
N ASP C 288 -26.95 -9.77 -13.24
CA ASP C 288 -27.60 -10.98 -12.75
C ASP C 288 -26.71 -11.82 -11.84
N ILE C 289 -25.51 -11.34 -11.59
CA ILE C 289 -24.56 -11.96 -10.70
C ILE C 289 -24.55 -11.24 -9.37
N ARG C 290 -24.68 -9.92 -9.44
CA ARG C 290 -24.57 -9.04 -8.29
C ARG C 290 -25.39 -9.51 -7.11
N LYS C 291 -26.59 -9.98 -7.33
CA LYS C 291 -27.40 -10.42 -6.20
C LYS C 291 -26.71 -11.45 -5.31
N ASP C 292 -25.97 -12.37 -5.91
CA ASP C 292 -25.39 -13.41 -5.11
C ASP C 292 -24.12 -12.93 -4.47
N LEU C 293 -23.44 -12.03 -5.14
CA LEU C 293 -22.21 -11.58 -4.55
C LEU C 293 -22.53 -10.77 -3.31
N TYR C 294 -23.61 -9.99 -3.32
CA TYR C 294 -23.95 -9.21 -2.13
C TYR C 294 -24.31 -10.13 -0.98
N ALA C 295 -25.03 -11.20 -1.33
CA ALA C 295 -25.46 -12.19 -0.38
C ALA C 295 -24.29 -12.91 0.24
N ASN C 296 -23.18 -13.08 -0.49
CA ASN C 296 -22.06 -13.81 0.09
C ASN C 296 -20.71 -13.10 0.01
N ASN C 297 -20.47 -12.16 0.93
CA ASN C 297 -19.19 -11.49 1.00
C ASN C 297 -18.35 -12.30 1.96
N VAL C 298 -17.28 -12.91 1.46
CA VAL C 298 -16.47 -13.80 2.26
C VAL C 298 -15.14 -13.20 2.68
N MET C 299 -14.92 -13.14 3.98
CA MET C 299 -13.69 -12.60 4.51
C MET C 299 -12.64 -13.66 4.74
N SER C 300 -11.40 -13.30 4.52
CA SER C 300 -10.27 -14.17 4.86
C SER C 300 -9.01 -13.36 5.14
N GLY C 301 -8.05 -13.99 5.82
CA GLY C 301 -6.76 -13.33 6.04
C GLY C 301 -6.65 -12.70 7.42
N GLY C 302 -5.42 -12.54 7.88
CA GLY C 302 -5.12 -12.02 9.21
C GLY C 302 -5.69 -10.65 9.56
N THR C 303 -5.89 -9.74 8.63
CA THR C 303 -6.37 -8.44 9.09
C THR C 303 -7.84 -8.51 9.44
N THR C 304 -8.51 -9.61 9.13
CA THR C 304 -9.93 -9.69 9.39
C THR C 304 -10.13 -10.18 10.80
N MET C 305 -9.04 -10.37 11.51
CA MET C 305 -9.08 -10.76 12.90
C MET C 305 -9.57 -9.64 13.80
N TYR C 306 -9.44 -8.37 13.40
CA TYR C 306 -9.86 -7.35 14.35
C TYR C 306 -11.32 -7.60 14.74
N PRO C 307 -11.65 -7.67 16.02
CA PRO C 307 -13.00 -7.85 16.47
C PRO C 307 -13.83 -6.74 15.92
N GLY C 308 -15.03 -7.07 15.48
CA GLY C 308 -15.93 -6.05 14.97
C GLY C 308 -15.79 -5.79 13.47
N ILE C 309 -14.81 -6.39 12.80
CA ILE C 309 -14.68 -6.09 11.38
C ILE C 309 -15.88 -6.55 10.60
N ALA C 310 -16.47 -7.67 11.00
CA ALA C 310 -17.62 -8.20 10.31
C ALA C 310 -18.81 -7.28 10.41
N ASP C 311 -18.97 -6.60 11.53
CA ASP C 311 -20.15 -5.78 11.70
C ASP C 311 -19.95 -4.46 11.02
N ARG C 312 -18.73 -3.96 11.03
CA ARG C 312 -18.52 -2.72 10.36
C ARG C 312 -18.66 -2.91 8.87
N MET C 313 -18.14 -4.01 8.32
CA MET C 313 -18.30 -4.19 6.90
C MET C 313 -19.77 -4.41 6.57
N GLN C 314 -20.53 -5.09 7.43
CA GLN C 314 -21.93 -5.28 7.14
C GLN C 314 -22.63 -3.96 7.02
N LYS C 315 -22.31 -3.03 7.93
CA LYS C 315 -22.92 -1.72 7.91
C LYS C 315 -22.57 -0.96 6.64
N GLU C 316 -21.30 -0.99 6.26
CA GLU C 316 -20.87 -0.22 5.10
C GLU C 316 -21.41 -0.76 3.79
N ILE C 317 -21.43 -2.08 3.63
CA ILE C 317 -21.93 -2.58 2.36
C ILE C 317 -23.40 -2.32 2.32
N THR C 318 -24.10 -2.53 3.43
CA THR C 318 -25.52 -2.32 3.45
C THR C 318 -25.84 -0.90 3.04
N ALA C 319 -25.09 0.06 3.55
CA ALA C 319 -25.29 1.45 3.18
C ALA C 319 -25.12 1.73 1.69
N LEU C 320 -24.17 1.04 1.03
CA LEU C 320 -23.90 1.27 -0.39
C LEU C 320 -24.84 0.49 -1.30
N ALA C 321 -25.25 -0.68 -0.84
CA ALA C 321 -26.10 -1.61 -1.55
C ALA C 321 -27.54 -1.08 -1.67
N PRO C 322 -28.34 -1.54 -2.64
CA PRO C 322 -29.75 -1.26 -2.76
C PRO C 322 -30.45 -1.71 -1.49
N SER C 323 -31.49 -0.98 -1.09
CA SER C 323 -32.23 -1.23 0.14
C SER C 323 -33.03 -2.52 0.19
N THR C 324 -33.25 -3.13 -0.96
CA THR C 324 -34.02 -4.37 -1.02
C THR C 324 -33.09 -5.56 -1.16
N MET C 325 -31.79 -5.31 -1.16
CA MET C 325 -30.82 -6.35 -1.32
C MET C 325 -30.48 -6.98 0.02
N LYS C 326 -30.23 -8.28 0.00
CA LYS C 326 -29.77 -8.96 1.19
C LYS C 326 -28.26 -9.00 1.18
N ILE C 327 -27.66 -8.48 2.22
CA ILE C 327 -26.22 -8.44 2.32
C ILE C 327 -25.79 -9.24 3.50
N LYS C 328 -24.85 -10.13 3.30
CA LYS C 328 -24.35 -10.90 4.42
C LYS C 328 -22.85 -11.04 4.40
N ILE C 329 -22.26 -10.89 5.57
CA ILE C 329 -20.83 -11.07 5.73
C ILE C 329 -20.57 -12.42 6.32
N ILE C 330 -19.74 -13.17 5.65
CA ILE C 330 -19.36 -14.49 6.05
C ILE C 330 -17.98 -14.42 6.63
N ALA C 331 -17.87 -14.72 7.92
CA ALA C 331 -16.60 -14.55 8.58
C ALA C 331 -16.40 -15.58 9.70
N PRO C 332 -16.06 -16.84 9.37
CA PRO C 332 -15.86 -17.97 10.27
C PRO C 332 -14.68 -17.69 11.19
N PRO C 333 -14.55 -18.35 12.33
CA PRO C 333 -13.46 -18.18 13.27
C PRO C 333 -12.09 -18.61 12.71
N GLU C 334 -12.12 -19.33 11.59
CA GLU C 334 -10.94 -19.87 10.93
C GLU C 334 -10.39 -19.03 9.78
N ARG C 335 -10.86 -17.78 9.62
CA ARG C 335 -10.43 -16.92 8.49
C ARG C 335 -8.93 -16.81 8.32
N LYS C 336 -8.20 -16.79 9.42
CA LYS C 336 -6.75 -16.65 9.40
C LYS C 336 -6.08 -17.74 8.56
N TYR C 337 -6.65 -18.94 8.57
CA TYR C 337 -6.09 -20.09 7.89
C TYR C 337 -6.86 -20.49 6.65
N SER C 338 -7.76 -19.64 6.18
CA SER C 338 -8.60 -20.04 5.06
C SER C 338 -7.80 -20.44 3.85
N VAL C 339 -6.75 -19.70 3.53
CA VAL C 339 -5.97 -20.02 2.37
C VAL C 339 -5.29 -21.35 2.53
N TRP C 340 -4.70 -21.58 3.69
CA TRP C 340 -4.01 -22.84 3.88
C TRP C 340 -4.98 -24.00 3.73
N ILE C 341 -6.16 -23.87 4.33
CA ILE C 341 -7.14 -24.93 4.31
C ILE C 341 -7.60 -25.19 2.90
N GLY C 342 -7.87 -24.13 2.15
CA GLY C 342 -8.29 -24.29 0.78
C GLY C 342 -7.23 -25.02 0.01
N GLY C 343 -5.96 -24.75 0.34
CA GLY C 343 -4.84 -25.41 -0.28
C GLY C 343 -4.92 -26.90 -0.06
N SER C 344 -5.13 -27.30 1.19
CA SER C 344 -5.23 -28.71 1.55
C SER C 344 -6.36 -29.38 0.79
N ILE C 345 -7.49 -28.70 0.70
CA ILE C 345 -8.63 -29.27 0.02
C ILE C 345 -8.38 -29.44 -1.45
N LEU C 346 -7.90 -28.40 -2.10
CA LEU C 346 -7.70 -28.47 -3.52
C LEU C 346 -6.67 -29.50 -3.88
N ALA C 347 -5.60 -29.52 -3.10
CA ALA C 347 -4.50 -30.41 -3.35
C ALA C 347 -4.94 -31.87 -3.35
N SER C 348 -5.94 -32.21 -2.55
CA SER C 348 -6.43 -33.57 -2.48
C SER C 348 -7.50 -33.94 -3.52
N LEU C 349 -7.96 -33.01 -4.34
CA LEU C 349 -9.03 -33.34 -5.28
C LEU C 349 -8.47 -33.99 -6.55
N SER C 350 -9.24 -34.92 -7.10
CA SER C 350 -8.87 -35.66 -8.31
C SER C 350 -8.84 -34.81 -9.57
N THR C 351 -9.47 -33.65 -9.49
CA THR C 351 -9.50 -32.73 -10.60
C THR C 351 -8.20 -31.95 -10.61
N PHE C 352 -7.69 -31.68 -9.43
CA PHE C 352 -6.49 -30.90 -9.26
C PHE C 352 -5.28 -31.70 -9.65
N GLN C 353 -5.39 -33.00 -9.43
CA GLN C 353 -4.33 -33.93 -9.75
C GLN C 353 -3.94 -33.88 -11.23
N GLN C 354 -4.80 -33.34 -12.08
CA GLN C 354 -4.55 -33.26 -13.49
C GLN C 354 -3.86 -31.94 -13.90
N MET C 355 -3.84 -30.96 -12.99
CA MET C 355 -3.36 -29.60 -13.27
C MET C 355 -1.91 -29.29 -12.94
N TRP C 356 -1.20 -30.24 -12.36
CA TRP C 356 0.16 -30.01 -11.87
C TRP C 356 1.17 -29.78 -12.98
N ILE C 357 2.12 -28.90 -12.77
CA ILE C 357 3.20 -28.74 -13.71
C ILE C 357 4.25 -29.68 -13.27
N THR C 358 4.62 -30.62 -14.10
CA THR C 358 5.61 -31.57 -13.67
C THR C 358 6.96 -31.02 -14.02
N LYS C 359 8.01 -31.57 -13.42
CA LYS C 359 9.32 -31.09 -13.79
C LYS C 359 9.60 -31.35 -15.24
N GLN C 360 9.15 -32.48 -15.76
CA GLN C 360 9.48 -32.76 -17.14
C GLN C 360 8.81 -31.78 -18.07
N GLU C 361 7.56 -31.43 -17.80
CA GLU C 361 6.89 -30.50 -18.69
C GLU C 361 7.55 -29.14 -18.62
N TYR C 362 7.96 -28.74 -17.41
CA TYR C 362 8.65 -27.48 -17.24
C TYR C 362 9.93 -27.45 -18.02
N ASP C 363 10.74 -28.49 -17.88
CA ASP C 363 12.01 -28.47 -18.57
C ASP C 363 11.83 -28.37 -20.08
N GLU C 364 10.81 -29.01 -20.63
CA GLU C 364 10.60 -28.92 -22.07
C GLU C 364 9.93 -27.62 -22.53
N ALA C 365 8.95 -27.14 -21.76
CA ALA C 365 8.17 -25.95 -22.11
C ALA C 365 8.83 -24.63 -21.74
N GLY C 366 9.59 -24.63 -20.67
CA GLY C 366 10.20 -23.43 -20.14
C GLY C 366 9.20 -22.70 -19.24
N PRO C 367 9.59 -21.55 -18.68
CA PRO C 367 8.85 -20.73 -17.73
C PRO C 367 7.48 -20.28 -18.16
N SER C 368 7.18 -20.22 -19.46
CA SER C 368 5.86 -19.75 -19.85
C SER C 368 4.74 -20.65 -19.34
N ILE C 369 5.09 -21.89 -18.99
CA ILE C 369 4.16 -22.87 -18.50
C ILE C 369 3.50 -22.46 -17.19
N VAL C 370 4.12 -21.54 -16.45
CA VAL C 370 3.57 -21.16 -15.16
C VAL C 370 2.30 -20.36 -15.33
N HIS C 371 2.01 -19.91 -16.54
CA HIS C 371 0.83 -19.13 -16.77
C HIS C 371 -0.27 -20.01 -17.37
N ARG C 372 -0.04 -21.32 -17.36
CA ARG C 372 -1.00 -22.29 -17.87
C ARG C 372 -2.22 -22.35 -16.99
N LYS C 373 -3.38 -22.41 -17.62
CA LYS C 373 -4.63 -22.54 -16.89
C LYS C 373 -5.28 -23.84 -17.33
N CYS C 374 -4.80 -24.96 -16.81
CA CYS C 374 -5.26 -26.27 -17.24
C CYS C 374 -6.71 -26.57 -16.94
N PHE C 375 -7.06 -26.42 -15.67
CA PHE C 375 -8.37 -26.73 -15.17
C PHE C 375 -8.99 -27.92 -15.86
N THR D 5 2.37 43.44 20.64
CA THR D 5 2.58 44.52 19.67
C THR D 5 3.39 44.02 18.49
N THR D 6 4.57 43.49 18.76
CA THR D 6 5.43 42.92 17.73
C THR D 6 5.58 41.48 18.08
N ALA D 7 5.30 40.58 17.17
CA ALA D 7 5.41 39.20 17.60
C ALA D 7 6.81 38.90 18.05
N LEU D 8 6.89 38.14 19.10
CA LEU D 8 8.16 37.73 19.66
C LEU D 8 8.43 36.35 19.12
N VAL D 9 9.66 36.10 18.71
CA VAL D 9 10.01 34.80 18.17
C VAL D 9 11.01 34.11 19.04
N CYS D 10 10.69 32.90 19.47
CA CYS D 10 11.59 32.16 20.35
C CYS D 10 11.72 30.71 19.99
N ASP D 11 12.89 30.37 19.48
CA ASP D 11 13.21 29.02 19.04
C ASP D 11 13.85 28.23 20.18
N ASN D 12 13.08 27.36 20.80
CA ASN D 12 13.56 26.58 21.95
C ASN D 12 14.23 25.34 21.45
N GLY D 13 15.31 25.55 20.73
CA GLY D 13 16.06 24.50 20.11
C GLY D 13 16.79 23.72 21.16
N SER D 14 17.02 22.44 20.91
CA SER D 14 17.77 21.75 21.90
C SER D 14 19.17 22.30 21.97
N GLY D 15 19.59 22.58 23.16
CA GLY D 15 20.92 23.05 23.41
C GLY D 15 21.14 24.54 23.17
N LEU D 16 20.19 25.26 22.59
CA LEU D 16 20.44 26.67 22.31
C LEU D 16 19.17 27.46 22.13
N VAL D 17 19.04 28.55 22.87
CA VAL D 17 17.85 29.36 22.76
C VAL D 17 18.09 30.52 21.86
N LYS D 18 17.29 30.64 20.81
CA LYS D 18 17.48 31.76 19.91
C LYS D 18 16.22 32.59 19.87
N ALA D 19 16.31 33.83 20.34
CA ALA D 19 15.12 34.67 20.41
C ALA D 19 15.37 36.11 20.00
N GLY D 20 14.33 36.75 19.48
CA GLY D 20 14.38 38.13 19.04
C GLY D 20 12.98 38.53 18.62
N PHE D 21 12.83 39.62 17.89
CA PHE D 21 11.49 40.04 17.54
C PHE D 21 11.21 39.90 16.08
N ALA D 22 9.95 39.67 15.76
CA ALA D 22 9.60 39.59 14.37
C ALA D 22 9.96 40.88 13.70
N GLY D 23 10.54 40.77 12.53
CA GLY D 23 10.97 41.89 11.73
C GLY D 23 12.48 42.07 11.87
N ASP D 24 13.06 41.44 12.89
CA ASP D 24 14.53 41.47 13.12
C ASP D 24 15.14 40.34 12.27
N ASP D 25 16.25 40.63 11.59
CA ASP D 25 16.87 39.65 10.71
C ASP D 25 17.81 38.70 11.43
N ALA D 26 17.81 38.79 12.74
CA ALA D 26 18.64 37.96 13.58
C ALA D 26 18.05 37.91 14.97
N PRO D 27 18.30 36.88 15.75
CA PRO D 27 17.90 36.81 17.12
C PRO D 27 18.71 37.81 17.88
N ARG D 28 18.18 38.35 18.96
CA ARG D 28 18.92 39.30 19.77
C ARG D 28 19.60 38.55 20.89
N ALA D 29 18.93 37.50 21.33
CA ALA D 29 19.37 36.70 22.45
C ALA D 29 19.74 35.31 22.02
N VAL D 30 21.01 35.00 22.11
CA VAL D 30 21.46 33.67 21.74
C VAL D 30 22.29 33.13 22.87
N PHE D 31 21.80 32.09 23.52
CA PHE D 31 22.56 31.53 24.64
C PHE D 31 22.21 30.07 24.80
N PRO D 32 23.05 29.23 25.42
CA PRO D 32 22.81 27.82 25.63
C PRO D 32 21.56 27.52 26.43
N SER D 33 20.87 26.44 26.07
CA SER D 33 19.67 26.00 26.80
C SER D 33 20.08 25.15 27.98
N ILE D 34 20.84 25.76 28.87
CA ILE D 34 21.41 25.07 30.00
C ILE D 34 21.14 25.64 31.36
N VAL D 35 20.76 24.75 32.26
CA VAL D 35 20.59 25.13 33.65
C VAL D 35 21.60 24.37 34.47
N GLY D 36 22.43 25.09 35.24
CA GLY D 36 23.44 24.44 36.05
C GLY D 36 23.20 24.57 37.53
N ARG D 37 23.73 23.63 38.31
CA ARG D 37 23.64 23.68 39.76
C ARG D 37 25.00 23.34 40.41
N PRO D 38 25.35 23.88 41.57
CA PRO D 38 26.61 23.61 42.27
C PRO D 38 26.85 22.14 42.48
N ARG D 39 28.08 21.72 42.19
CA ARG D 39 28.50 20.32 42.30
C ARG D 39 29.16 19.88 43.61
N HIS D 40 29.98 20.73 44.22
CA HIS D 40 30.79 20.30 45.37
C HIS D 40 30.35 20.73 46.76
N GLN D 41 29.39 21.61 46.86
CA GLN D 41 29.01 22.11 48.17
C GLN D 41 27.56 22.52 48.09
N GLY D 42 27.00 23.00 49.19
CA GLY D 42 25.62 23.44 49.16
C GLY D 42 25.63 24.90 48.79
N VAL D 43 24.48 25.53 48.85
CA VAL D 43 24.38 26.92 48.49
C VAL D 43 24.56 27.74 49.73
N MET D 44 25.46 28.70 49.69
CA MET D 44 25.66 29.52 50.86
C MET D 44 24.56 30.57 50.84
N VAL D 45 23.38 30.16 51.26
CA VAL D 45 22.16 30.97 51.18
C VAL D 45 22.20 32.23 52.03
N GLY D 46 23.03 32.25 53.05
CA GLY D 46 23.18 33.42 53.89
C GLY D 46 24.25 34.36 53.33
N MET D 47 24.81 33.99 52.18
CA MET D 47 25.87 34.74 51.50
C MET D 47 25.51 34.94 50.03
N GLY D 48 26.45 35.49 49.25
CA GLY D 48 26.20 35.76 47.84
C GLY D 48 26.27 34.53 46.93
N GLN D 49 25.39 33.56 47.15
CA GLN D 49 25.35 32.36 46.30
C GLN D 49 23.96 32.03 45.83
N LYS D 50 23.89 31.45 44.63
CA LYS D 50 22.67 31.06 43.96
C LYS D 50 22.43 29.56 43.95
N ASP D 51 21.19 29.20 43.71
CA ASP D 51 20.80 27.80 43.61
C ASP D 51 21.08 27.24 42.23
N SER D 52 20.98 28.10 41.22
CA SER D 52 21.19 27.67 39.86
C SER D 52 21.71 28.80 39.01
N TYR D 53 22.31 28.43 37.90
CA TYR D 53 22.86 29.37 36.94
C TYR D 53 22.31 29.07 35.55
N VAL D 54 22.03 30.10 34.76
CA VAL D 54 21.44 29.82 33.44
C VAL D 54 22.12 30.44 32.22
N GLY D 55 22.28 29.61 31.20
CA GLY D 55 22.83 30.06 29.94
C GLY D 55 24.26 30.47 30.07
N ASP D 56 24.54 31.73 29.79
CA ASP D 56 25.92 32.16 29.89
C ASP D 56 26.47 31.97 31.29
N GLU D 57 25.63 32.10 32.32
CA GLU D 57 26.17 31.92 33.64
C GLU D 57 26.61 30.48 33.82
N ALA D 58 25.81 29.57 33.27
CA ALA D 58 26.04 28.15 33.38
C ALA D 58 27.34 27.78 32.69
N GLN D 59 27.67 28.47 31.60
CA GLN D 59 28.91 28.20 30.91
C GLN D 59 30.12 28.83 31.60
N SER D 60 29.98 30.06 32.08
CA SER D 60 31.13 30.73 32.67
C SER D 60 31.59 30.04 33.93
N LYS D 61 30.65 29.46 34.66
CA LYS D 61 30.92 28.79 35.91
C LYS D 61 30.85 27.28 35.75
N ARG D 62 30.88 26.77 34.51
CA ARG D 62 30.65 25.35 34.30
C ARG D 62 31.61 24.46 35.04
N GLY D 63 32.81 24.90 35.34
CA GLY D 63 33.74 24.02 36.03
C GLY D 63 33.31 23.64 37.45
N ILE D 64 32.32 24.33 38.01
CA ILE D 64 31.88 23.98 39.35
C ILE D 64 30.42 23.54 39.37
N LEU D 65 29.82 23.43 38.20
CA LEU D 65 28.41 23.11 38.12
C LEU D 65 28.12 21.84 37.39
N THR D 66 27.05 21.18 37.78
CA THR D 66 26.56 20.07 37.01
C THR D 66 25.60 20.71 36.05
N LEU D 67 25.71 20.43 34.77
CA LEU D 67 24.82 21.10 33.85
C LEU D 67 23.81 20.15 33.26
N LYS D 68 22.57 20.63 33.16
CA LYS D 68 21.51 19.83 32.58
C LYS D 68 20.84 20.51 31.40
N TYR D 69 20.43 19.69 30.46
CA TYR D 69 19.66 20.13 29.32
C TYR D 69 18.22 19.70 29.55
N PRO D 70 17.24 20.59 29.65
CA PRO D 70 15.85 20.28 29.91
C PRO D 70 15.17 19.60 28.73
N ILE D 71 15.82 19.68 27.56
CA ILE D 71 15.29 19.12 26.33
C ILE D 71 16.11 17.94 25.84
N GLU D 72 15.44 16.81 25.66
CA GLU D 72 16.06 15.58 25.18
C GLU D 72 15.30 15.09 23.98
N HIC D 73 16.03 14.91 22.87
CA HIC D 73 15.45 14.46 21.57
C HIC D 73 14.30 15.38 21.17
O HIC D 73 13.29 14.86 20.62
CB HIC D 73 15.03 12.98 21.63
CG HIC D 73 16.15 12.05 21.98
ND1 HIC D 73 16.93 11.49 20.99
CD2 HIC D 73 16.57 11.62 23.20
CE1 HIC D 73 17.81 10.73 21.61
NE2 HIC D 73 17.64 10.76 22.96
CZ HIC D 73 18.41 10.07 23.99
N GLY D 74 14.39 16.67 21.47
CA GLY D 74 13.39 17.64 21.08
C GLY D 74 12.20 17.72 22.03
N ILE D 75 12.21 16.95 23.11
CA ILE D 75 11.10 16.92 24.04
C ILE D 75 11.44 17.52 25.37
N ILE D 76 10.61 18.44 25.83
CA ILE D 76 10.91 19.03 27.10
C ILE D 76 10.47 18.08 28.16
N THR D 77 11.40 17.70 29.04
CA THR D 77 11.04 16.79 30.11
C THR D 77 11.24 17.46 31.44
N ASN D 78 12.15 18.41 31.51
CA ASN D 78 12.36 19.07 32.77
C ASN D 78 11.67 20.41 32.70
N TRP D 79 10.41 20.42 33.09
CA TRP D 79 9.60 21.61 32.94
C TRP D 79 10.00 22.72 33.88
N ASP D 80 10.59 22.39 35.02
CA ASP D 80 10.97 23.44 35.92
C ASP D 80 12.16 24.19 35.35
N ASP D 81 13.08 23.45 34.74
CA ASP D 81 14.23 24.09 34.16
C ASP D 81 13.83 24.83 32.91
N MET D 82 12.84 24.31 32.19
CA MET D 82 12.42 25.01 31.01
C MET D 82 11.85 26.36 31.40
N GLU D 83 11.10 26.42 32.51
CA GLU D 83 10.60 27.71 32.92
C GLU D 83 11.74 28.62 33.34
N LYS D 84 12.79 28.09 33.96
CA LYS D 84 13.88 28.97 34.34
C LYS D 84 14.50 29.61 33.10
N ILE D 85 14.65 28.83 32.03
CA ILE D 85 15.22 29.39 30.84
C ILE D 85 14.31 30.46 30.26
N TRP D 86 13.03 30.18 30.18
CA TRP D 86 12.12 31.18 29.64
C TRP D 86 12.10 32.42 30.51
N HIS D 87 12.13 32.20 31.83
CA HIS D 87 12.14 33.32 32.81
C HIS D 87 13.29 34.28 32.48
N HIS D 88 14.47 33.74 32.16
CA HIS D 88 15.60 34.59 31.81
C HIS D 88 15.48 35.12 30.39
N THR D 89 14.96 34.32 29.47
CA THR D 89 14.86 34.78 28.10
C THR D 89 14.02 36.04 28.05
N PHE D 90 12.89 36.03 28.73
CA PHE D 90 12.01 37.17 28.74
C PHE D 90 12.48 38.31 29.62
N TYR D 91 13.00 38.04 30.81
CA TYR D 91 13.32 39.16 31.66
C TYR D 91 14.76 39.63 31.71
N ASN D 92 15.72 38.80 31.33
CA ASN D 92 17.12 39.23 31.38
C ASN D 92 17.74 39.42 30.01
N GLU D 93 17.35 38.61 29.04
CA GLU D 93 17.97 38.68 27.72
C GLU D 93 17.24 39.60 26.76
N LEU D 94 15.94 39.41 26.58
CA LEU D 94 15.18 40.30 25.71
C LEU D 94 14.66 41.47 26.52
N ARG D 95 14.50 41.23 27.82
CA ARG D 95 14.01 42.20 28.80
C ARG D 95 12.67 42.79 28.45
N VAL D 96 11.74 41.92 28.12
CA VAL D 96 10.40 42.25 27.70
C VAL D 96 9.36 41.47 28.49
N ALA D 97 8.31 42.12 28.98
CA ALA D 97 7.35 41.29 29.68
C ALA D 97 6.54 40.50 28.64
N PRO D 98 6.17 39.24 28.88
CA PRO D 98 5.41 38.42 27.95
C PRO D 98 4.04 38.99 27.63
N GLU D 99 3.50 39.79 28.54
CA GLU D 99 2.20 40.41 28.40
C GLU D 99 2.14 41.45 27.28
N GLU D 100 3.31 41.88 26.82
CA GLU D 100 3.41 42.90 25.81
C GLU D 100 3.30 42.42 24.35
N HIS D 101 3.76 41.20 24.06
CA HIS D 101 3.77 40.74 22.65
C HIS D 101 3.25 39.31 22.52
N PRO D 102 2.71 38.91 21.35
CA PRO D 102 2.29 37.53 21.12
C PRO D 102 3.56 36.72 20.84
N THR D 103 3.54 35.40 21.10
CA THR D 103 4.78 34.64 20.89
C THR D 103 4.68 33.41 20.02
N LEU D 104 5.62 33.33 19.09
CA LEU D 104 5.75 32.20 18.20
C LEU D 104 6.84 31.25 18.67
N LEU D 105 6.45 30.01 18.91
CA LEU D 105 7.34 28.96 19.36
C LEU D 105 7.55 27.98 18.24
N THR D 106 8.56 27.15 18.38
CA THR D 106 8.90 26.16 17.39
C THR D 106 8.86 24.75 17.95
N GLU D 107 8.71 23.75 17.09
CA GLU D 107 8.74 22.36 17.53
C GLU D 107 9.17 21.36 16.44
N ALA D 108 9.81 20.26 16.84
CA ALA D 108 10.09 19.18 15.91
C ALA D 108 8.77 18.45 15.65
N PRO D 109 8.54 17.84 14.49
CA PRO D 109 7.36 17.08 14.17
C PRO D 109 7.36 15.76 14.90
N LEU D 110 6.18 15.17 15.05
CA LEU D 110 5.94 13.85 15.63
C LEU D 110 6.29 13.72 17.11
N ASN D 111 6.18 14.79 17.87
CA ASN D 111 6.43 14.73 19.31
C ASN D 111 5.17 14.28 20.04
N PRO D 112 5.21 14.07 21.37
CA PRO D 112 4.07 13.74 22.18
C PRO D 112 3.14 14.90 22.13
N LYS D 113 1.84 14.67 22.19
CA LYS D 113 0.91 15.79 22.18
C LYS D 113 1.14 16.69 23.36
N ALA D 114 1.50 16.09 24.48
CA ALA D 114 1.72 16.78 25.72
C ALA D 114 2.76 17.86 25.60
N ASN D 115 3.72 17.72 24.69
CA ASN D 115 4.75 18.72 24.63
C ASN D 115 4.13 20.07 24.21
N ARG D 116 3.10 20.04 23.36
CA ARG D 116 2.51 21.28 22.89
C ARG D 116 1.55 21.78 23.91
N GLU D 117 0.88 20.84 24.55
CA GLU D 117 -0.13 21.20 25.52
C GLU D 117 0.51 21.84 26.74
N LYS D 118 1.68 21.34 27.15
CA LYS D 118 2.38 21.90 28.28
C LYS D 118 3.02 23.22 27.94
N MET D 119 3.57 23.37 26.73
CA MET D 119 4.16 24.66 26.43
C MET D 119 3.06 25.69 26.43
N THR D 120 1.89 25.31 25.93
CA THR D 120 0.79 26.24 25.87
C THR D 120 0.31 26.61 27.25
N GLN D 121 0.16 25.64 28.14
CA GLN D 121 -0.29 25.98 29.47
C GLN D 121 0.67 26.94 30.14
N ILE D 122 1.96 26.73 29.99
CA ILE D 122 2.93 27.60 30.63
C ILE D 122 2.86 29.00 30.07
N MET D 123 2.78 29.10 28.75
CA MET D 123 2.70 30.39 28.13
C MET D 123 1.41 31.14 28.43
N PHE D 124 0.32 30.47 28.80
CA PHE D 124 -0.84 31.25 29.21
C PHE D 124 -0.98 31.41 30.74
N GLU D 125 -0.45 30.48 31.54
CA GLU D 125 -0.62 30.55 33.00
C GLU D 125 0.58 31.06 33.82
N THR D 126 1.82 30.87 33.36
CA THR D 126 2.99 31.32 34.13
C THR D 126 3.41 32.65 33.56
N PHE D 127 3.39 32.73 32.26
CA PHE D 127 3.75 33.93 31.55
C PHE D 127 2.44 34.40 30.97
N ASN D 128 2.04 35.63 31.14
CA ASN D 128 0.74 35.95 30.56
C ASN D 128 0.83 36.34 29.09
N VAL D 129 1.07 35.38 28.21
CA VAL D 129 1.25 35.71 26.80
C VAL D 129 -0.10 35.96 26.12
N PRO D 130 -0.34 37.12 25.49
CA PRO D 130 -1.60 37.49 24.84
C PRO D 130 -2.16 36.46 23.87
N ALA D 131 -1.26 35.87 23.10
CA ALA D 131 -1.59 34.87 22.10
C ALA D 131 -0.34 34.09 21.74
N MET D 132 -0.50 32.88 21.25
CA MET D 132 0.67 32.14 20.83
C MET D 132 0.42 31.17 19.70
N TYR D 133 1.49 30.69 19.14
CA TYR D 133 1.39 29.69 18.10
C TYR D 133 2.60 28.81 18.13
N VAL D 134 2.44 27.52 17.91
CA VAL D 134 3.61 26.67 17.87
C VAL D 134 3.75 26.06 16.46
N ALA D 135 4.86 26.39 15.81
CA ALA D 135 5.13 26.01 14.43
C ALA D 135 6.15 24.90 14.30
N ILE D 136 6.07 24.18 13.19
CA ILE D 136 7.08 23.19 12.88
C ILE D 136 8.28 23.87 12.26
N GLN D 137 9.44 23.50 12.74
CA GLN D 137 10.68 24.10 12.30
C GLN D 137 11.00 23.91 10.82
N ALA D 138 10.70 22.76 10.27
CA ALA D 138 11.00 22.55 8.86
C ALA D 138 10.23 23.52 7.99
N VAL D 139 9.02 23.85 8.40
CA VAL D 139 8.19 24.75 7.64
C VAL D 139 8.77 26.13 7.70
N LEU D 140 9.18 26.54 8.89
CA LEU D 140 9.75 27.87 9.01
C LEU D 140 11.03 27.97 8.23
N SER D 141 11.82 26.92 8.23
CA SER D 141 13.05 26.95 7.50
C SER D 141 12.76 27.15 6.02
N LEU D 142 11.75 26.48 5.48
CA LEU D 142 11.49 26.70 4.09
C LEU D 142 11.05 28.16 3.87
N TYR D 143 10.25 28.75 4.80
CA TYR D 143 9.87 30.16 4.63
C TYR D 143 11.10 31.04 4.54
N ALA D 144 12.10 30.74 5.35
CA ALA D 144 13.34 31.49 5.36
C ALA D 144 14.05 31.44 4.00
N SER D 145 13.97 30.30 3.29
CA SER D 145 14.66 30.22 2.00
C SER D 145 13.88 30.98 0.94
N GLY D 146 12.57 31.08 1.14
CA GLY D 146 11.67 31.79 0.25
C GLY D 146 11.01 30.90 -0.81
N ARG D 147 11.37 29.63 -0.82
CA ARG D 147 10.83 28.66 -1.75
C ARG D 147 9.51 28.12 -1.25
N THR D 148 8.67 27.64 -2.16
CA THR D 148 7.41 27.00 -1.76
C THR D 148 7.48 25.50 -1.90
N THR D 149 8.47 25.04 -2.65
CA THR D 149 8.66 23.64 -2.91
C THR D 149 10.07 23.26 -2.59
N GLY D 150 10.20 22.17 -1.86
CA GLY D 150 11.50 21.62 -1.53
C GLY D 150 11.39 20.73 -0.33
N ILE D 151 12.45 20.03 -0.02
CA ILE D 151 12.43 19.18 1.14
C ILE D 151 13.37 19.74 2.14
N VAL D 152 12.92 19.92 3.36
CA VAL D 152 13.79 20.48 4.36
C VAL D 152 14.29 19.48 5.36
N LEU D 153 15.61 19.42 5.45
CA LEU D 153 16.31 18.57 6.39
C LEU D 153 16.86 19.43 7.50
N ASP D 154 16.14 19.49 8.62
CA ASP D 154 16.58 20.29 9.79
C ASP D 154 17.34 19.37 10.73
N SER D 155 18.66 19.60 10.91
CA SER D 155 19.40 18.70 11.77
C SER D 155 20.03 19.53 12.86
N GLY D 156 19.45 19.37 14.04
CA GLY D 156 19.84 20.16 15.18
C GLY D 156 20.53 19.35 16.22
N ASP D 157 20.33 19.76 17.45
CA ASP D 157 20.93 19.17 18.58
C ASP D 157 20.27 17.88 19.05
N GLY D 158 18.94 17.79 19.00
CA GLY D 158 18.28 16.62 19.55
C GLY D 158 17.53 15.78 18.54
N VAL D 159 17.07 16.38 17.46
CA VAL D 159 16.31 15.68 16.43
C VAL D 159 16.76 16.04 15.03
N THR D 160 16.79 15.07 14.14
CA THR D 160 16.98 15.34 12.72
C THR D 160 15.68 14.99 12.00
N HIS D 161 15.13 15.91 11.23
CA HIS D 161 13.89 15.58 10.56
C HIS D 161 13.74 16.12 9.15
N ASN D 162 12.95 15.38 8.38
CA ASN D 162 12.72 15.66 6.97
C ASN D 162 11.27 15.85 6.61
N VAL D 163 10.94 17.07 6.24
CA VAL D 163 9.57 17.39 5.89
C VAL D 163 9.46 17.91 4.48
N PRO D 164 9.00 17.12 3.51
CA PRO D 164 8.80 17.56 2.16
C PRO D 164 7.59 18.44 2.10
N ILE D 165 7.71 19.54 1.37
CA ILE D 165 6.65 20.50 1.13
C ILE D 165 6.53 20.76 -0.38
N TYR D 166 5.32 20.71 -0.92
CA TYR D 166 5.16 20.95 -2.34
C TYR D 166 4.14 22.01 -2.64
N GLU D 167 4.55 23.07 -3.32
CA GLU D 167 3.67 24.16 -3.67
C GLU D 167 2.92 24.69 -2.46
N GLY D 168 3.62 24.77 -1.34
CA GLY D 168 3.09 25.26 -0.09
C GLY D 168 2.35 24.22 0.76
N TYR D 169 2.15 23.02 0.25
CA TYR D 169 1.43 22.00 1.00
C TYR D 169 2.34 21.01 1.66
N ALA D 170 1.96 20.56 2.83
CA ALA D 170 2.74 19.53 3.47
C ALA D 170 2.42 18.18 2.85
N LEU D 171 3.38 17.29 2.88
CA LEU D 171 3.15 15.92 2.47
C LEU D 171 3.45 15.02 3.68
N PRO D 172 2.59 15.03 4.72
CA PRO D 172 2.81 14.47 6.04
C PRO D 172 3.05 12.98 6.11
N HIS D 173 2.62 12.23 5.12
CA HIS D 173 2.81 10.80 5.18
C HIS D 173 4.28 10.46 4.93
N ALA D 174 5.03 11.43 4.42
CA ALA D 174 6.43 11.26 4.08
C ALA D 174 7.33 11.94 5.09
N ILE D 175 6.80 12.33 6.26
CA ILE D 175 7.70 12.92 7.25
C ILE D 175 8.49 11.87 7.95
N MET D 176 9.79 12.07 7.97
CA MET D 176 10.68 11.12 8.60
C MET D 176 11.47 11.79 9.70
N ARG D 177 11.68 11.06 10.78
CA ARG D 177 12.44 11.54 11.92
C ARG D 177 13.48 10.58 12.40
N LEU D 178 14.66 11.10 12.64
CA LEU D 178 15.78 10.35 13.17
C LEU D 178 16.09 10.85 14.56
N ASP D 179 16.59 9.98 15.41
CA ASP D 179 17.01 10.42 16.73
C ASP D 179 18.40 11.00 16.66
N LEU D 180 19.20 10.53 15.71
CA LEU D 180 20.56 11.03 15.61
C LEU D 180 20.61 12.51 15.37
N ALA D 181 21.37 13.17 16.23
CA ALA D 181 21.53 14.61 16.20
C ALA D 181 22.87 15.06 16.80
N GLY D 182 23.12 16.35 16.85
CA GLY D 182 24.39 16.91 17.33
C GLY D 182 24.79 16.42 18.72
N ARG D 183 23.82 16.15 19.59
CA ARG D 183 24.10 15.69 20.93
C ARG D 183 24.80 14.32 20.88
N ASP D 184 24.47 13.49 19.89
CA ASP D 184 25.01 12.16 19.79
C ASP D 184 26.33 12.21 19.13
N LEU D 185 26.49 13.17 18.22
CA LEU D 185 27.75 13.25 17.54
C LEU D 185 28.80 13.64 18.57
N THR D 186 28.41 14.52 19.51
CA THR D 186 29.31 14.94 20.56
C THR D 186 29.65 13.76 21.44
N ASP D 187 28.65 12.96 21.81
CA ASP D 187 28.92 11.83 22.68
C ASP D 187 29.82 10.81 21.99
N TYR D 188 29.62 10.62 20.70
CA TYR D 188 30.43 9.68 19.97
C TYR D 188 31.85 10.16 19.94
N LEU D 189 32.07 11.44 19.70
CA LEU D 189 33.42 11.97 19.68
C LEU D 189 34.04 11.82 21.05
N MET D 190 33.29 12.04 22.13
CA MET D 190 33.90 11.86 23.44
C MET D 190 34.43 10.44 23.56
N LYS D 191 33.69 9.46 23.04
CA LYS D 191 34.18 8.10 23.08
C LYS D 191 35.35 7.89 22.12
N ILE D 192 35.32 8.49 20.94
CA ILE D 192 36.40 8.27 19.99
C ILE D 192 37.69 8.75 20.59
N LEU D 193 37.66 9.90 21.24
CA LEU D 193 38.87 10.50 21.76
C LEU D 193 39.57 9.73 22.86
N THR D 194 38.93 8.69 23.43
CA THR D 194 39.62 7.95 24.46
C THR D 194 40.72 7.15 23.79
N GLU D 195 40.65 6.97 22.47
CA GLU D 195 41.64 6.24 21.72
C GLU D 195 42.99 6.92 21.80
N ARG D 196 43.02 8.25 21.96
CA ARG D 196 44.27 8.98 22.00
C ARG D 196 44.64 9.27 23.44
N GLY D 197 43.88 8.70 24.36
CA GLY D 197 44.07 8.89 25.79
C GLY D 197 43.48 10.17 26.34
N TYR D 198 42.50 10.76 25.67
CA TYR D 198 41.95 11.97 26.19
C TYR D 198 40.59 11.67 26.74
N SER D 199 40.47 11.56 28.06
CA SER D 199 39.21 11.19 28.64
C SER D 199 38.40 12.34 29.18
N PHE D 200 37.25 12.54 28.58
CA PHE D 200 36.32 13.59 28.92
C PHE D 200 35.10 12.91 29.50
N VAL D 201 34.87 13.04 30.79
CA VAL D 201 33.75 12.32 31.40
C VAL D 201 32.77 13.19 32.17
N THR D 202 33.15 14.42 32.50
CA THR D 202 32.26 15.27 33.28
C THR D 202 31.45 16.08 32.33
N THR D 203 30.44 16.74 32.85
CA THR D 203 29.61 17.56 32.03
C THR D 203 30.40 18.72 31.43
N ALA D 204 31.21 19.42 32.22
CA ALA D 204 31.98 20.51 31.63
C ALA D 204 32.89 19.98 30.53
N GLU D 205 33.44 18.80 30.73
CA GLU D 205 34.31 18.22 29.73
C GLU D 205 33.53 17.94 28.44
N ARG D 206 32.26 17.58 28.57
CA ARG D 206 31.39 17.38 27.41
C ARG D 206 31.29 18.66 26.62
N GLU D 207 31.23 19.80 27.32
CA GLU D 207 31.10 21.10 26.67
C GLU D 207 32.40 21.40 25.91
N ILE D 208 33.52 20.96 26.47
CA ILE D 208 34.78 21.17 25.78
C ILE D 208 34.79 20.37 24.49
N VAL D 209 34.35 19.12 24.56
CA VAL D 209 34.35 18.31 23.34
C VAL D 209 33.44 18.95 22.34
N ARG D 210 32.30 19.45 22.77
CA ARG D 210 31.43 20.13 21.84
C ARG D 210 32.20 21.26 21.16
N ASP D 211 32.98 22.05 21.90
CA ASP D 211 33.73 23.13 21.27
C ASP D 211 34.78 22.59 20.28
N ILE D 212 35.40 21.46 20.60
CA ILE D 212 36.40 20.90 19.72
C ILE D 212 35.74 20.51 18.41
N LYS D 213 34.61 19.83 18.50
CA LYS D 213 33.87 19.40 17.34
C LYS D 213 33.53 20.54 16.42
N GLU D 214 33.06 21.63 17.02
CA GLU D 214 32.63 22.81 16.30
C GLU D 214 33.75 23.48 15.51
N LYS D 215 34.97 23.43 16.04
CA LYS D 215 36.07 24.05 15.34
C LYS D 215 36.90 23.12 14.45
N LEU D 216 37.02 21.84 14.79
CA LEU D 216 37.86 20.98 14.00
C LEU D 216 37.22 20.01 13.01
N CYS D 217 35.97 19.61 13.22
CA CYS D 217 35.42 18.58 12.37
C CYS D 217 34.96 19.04 11.00
N TYR D 218 35.00 18.10 10.07
CA TYR D 218 34.57 18.32 8.70
C TYR D 218 34.04 17.04 8.11
N VAL D 219 33.31 17.14 7.03
CA VAL D 219 32.79 15.94 6.42
C VAL D 219 33.69 15.47 5.31
N ALA D 220 34.12 14.24 5.38
CA ALA D 220 34.96 13.74 4.33
C ALA D 220 34.11 13.60 3.09
N LEU D 221 34.63 13.96 1.93
CA LEU D 221 33.87 13.72 0.73
C LEU D 221 33.85 12.22 0.46
N ASP D 222 34.98 11.59 0.75
CA ASP D 222 35.15 10.17 0.57
C ASP D 222 35.80 9.63 1.83
N PHE D 223 34.99 9.05 2.70
CA PHE D 223 35.44 8.64 4.00
C PHE D 223 36.58 7.65 3.98
N GLU D 224 36.45 6.63 3.17
CA GLU D 224 37.47 5.60 3.14
C GLU D 224 38.78 6.12 2.59
N ASN D 225 38.73 6.96 1.56
CA ASN D 225 39.99 7.45 1.03
C ASN D 225 40.58 8.49 1.97
N GLU D 226 39.71 9.23 2.69
CA GLU D 226 40.19 10.25 3.59
C GLU D 226 40.87 9.54 4.74
N MET D 227 40.26 8.44 5.20
CA MET D 227 40.80 7.64 6.28
C MET D 227 42.09 6.97 5.87
N ALA D 228 42.16 6.44 4.66
CA ALA D 228 43.39 5.83 4.22
C ALA D 228 44.49 6.86 4.15
N THR D 229 44.15 8.09 3.75
CA THR D 229 45.13 9.14 3.69
C THR D 229 45.60 9.48 5.09
N ALA D 230 44.65 9.62 6.01
CA ALA D 230 44.91 9.99 7.38
C ALA D 230 45.84 9.00 8.05
N ALA D 231 45.74 7.74 7.64
CA ALA D 231 46.56 6.70 8.21
C ALA D 231 48.06 6.99 8.05
N SER D 232 48.48 7.68 6.97
CA SER D 232 49.91 7.93 6.82
C SER D 232 50.27 9.41 6.80
N SER D 233 49.31 10.30 6.56
CA SER D 233 49.61 11.72 6.44
C SER D 233 49.32 12.57 7.66
N SER D 234 50.39 13.16 8.18
CA SER D 234 50.38 14.00 9.36
C SER D 234 49.68 15.33 9.12
N SER D 235 49.39 15.66 7.85
CA SER D 235 48.77 16.92 7.48
C SER D 235 47.32 16.95 7.93
N LEU D 236 46.80 15.78 8.29
CA LEU D 236 45.44 15.66 8.78
C LEU D 236 45.30 16.12 10.21
N GLU D 237 46.37 16.06 11.00
CA GLU D 237 46.26 16.38 12.39
C GLU D 237 46.22 17.87 12.65
N LYS D 238 45.43 18.26 13.63
CA LYS D 238 45.34 19.65 14.07
C LYS D 238 45.46 19.71 15.57
N SER D 239 46.06 20.78 16.07
CA SER D 239 46.13 20.95 17.50
C SER D 239 44.95 21.75 18.01
N TYR D 240 44.65 21.56 19.28
CA TYR D 240 43.63 22.33 19.97
C TYR D 240 44.09 22.69 21.36
N GLU D 241 43.90 23.93 21.75
CA GLU D 241 44.29 24.32 23.09
C GLU D 241 43.09 24.31 24.02
N LEU D 242 43.25 23.56 25.08
CA LEU D 242 42.24 23.36 26.10
C LEU D 242 42.19 24.59 26.98
N PRO D 243 41.08 24.84 27.67
CA PRO D 243 40.91 25.95 28.58
C PRO D 243 42.01 26.12 29.62
N ASP D 244 42.69 25.04 30.03
CA ASP D 244 43.73 25.16 31.03
C ASP D 244 45.11 25.30 30.44
N GLY D 245 45.21 25.48 29.13
CA GLY D 245 46.51 25.64 28.49
C GLY D 245 47.13 24.34 28.00
N GLN D 246 46.51 23.21 28.27
CA GLN D 246 47.14 22.00 27.75
C GLN D 246 46.77 21.87 26.28
N VAL D 247 47.62 21.23 25.52
CA VAL D 247 47.35 21.08 24.10
C VAL D 247 47.23 19.65 23.68
N ILE D 248 46.19 19.38 22.91
CA ILE D 248 45.93 18.05 22.40
C ILE D 248 45.88 18.00 20.90
N THR D 249 46.10 16.80 20.37
CA THR D 249 46.09 16.62 18.93
C THR D 249 44.94 15.76 18.48
N ILE D 250 44.22 16.25 17.50
CA ILE D 250 43.11 15.52 16.95
C ILE D 250 43.49 15.13 15.51
N GLY D 251 43.32 13.85 15.18
CA GLY D 251 43.68 13.31 13.89
C GLY D 251 42.46 13.02 13.04
N ASN D 252 42.19 11.73 12.77
CA ASN D 252 41.10 11.37 11.89
C ASN D 252 39.75 11.45 12.56
N GLU D 253 39.76 11.82 13.83
CA GLU D 253 38.56 11.97 14.60
C GLU D 253 37.83 13.18 14.05
N ARG D 254 38.56 14.05 13.34
CA ARG D 254 37.99 15.25 12.78
C ARG D 254 36.91 14.88 11.76
N PHE D 255 37.06 13.75 11.06
CA PHE D 255 36.02 13.39 10.11
C PHE D 255 35.26 12.12 10.52
N ARG D 256 35.78 11.36 11.46
CA ARG D 256 35.07 10.17 11.91
C ARG D 256 33.84 10.56 12.69
N CYS D 257 33.88 11.68 13.40
CA CYS D 257 32.69 12.08 14.13
C CYS D 257 31.48 12.33 13.21
N PRO D 258 31.49 13.32 12.28
CA PRO D 258 30.38 13.63 11.40
C PRO D 258 30.01 12.50 10.47
N GLU D 259 30.92 11.56 10.20
CA GLU D 259 30.61 10.42 9.35
C GLU D 259 29.42 9.65 9.90
N THR D 260 29.18 9.73 11.19
CA THR D 260 28.09 9.03 11.86
C THR D 260 26.77 9.37 11.17
N LEU D 261 26.64 10.61 10.66
CA LEU D 261 25.44 11.08 9.99
C LEU D 261 25.18 10.31 8.73
N PHE D 262 26.20 9.72 8.15
CA PHE D 262 26.04 8.96 6.95
C PHE D 262 25.99 7.49 7.32
N GLN D 263 26.62 7.15 8.44
CA GLN D 263 26.65 5.78 8.93
C GLN D 263 26.25 5.65 10.42
N PRO D 264 24.96 5.74 10.78
CA PRO D 264 24.41 5.71 12.13
C PRO D 264 24.72 4.42 12.87
N SER D 265 25.11 3.40 12.12
CA SER D 265 25.47 2.11 12.67
C SER D 265 26.71 2.23 13.56
N PHE D 266 27.46 3.32 13.42
CA PHE D 266 28.65 3.56 14.22
C PHE D 266 28.32 3.72 15.68
N ILE D 267 27.09 4.10 15.97
CA ILE D 267 26.67 4.29 17.34
C ILE D 267 25.57 3.30 17.72
N GLY D 268 25.43 2.24 16.91
CA GLY D 268 24.44 1.21 17.16
C GLY D 268 23.03 1.42 16.61
N MET D 269 22.78 2.43 15.78
CA MET D 269 21.43 2.63 15.27
C MET D 269 21.13 1.85 13.99
N GLU D 270 19.86 1.46 13.82
CA GLU D 270 19.35 0.80 12.60
C GLU D 270 18.88 1.83 11.60
N SER D 271 18.97 3.05 12.01
CA SER D 271 18.51 4.21 11.31
C SER D 271 19.19 4.41 9.99
N ALA D 272 18.43 5.00 9.08
CA ALA D 272 18.88 5.42 7.78
C ALA D 272 19.87 6.55 7.94
N GLY D 273 20.82 6.69 7.04
CA GLY D 273 21.72 7.82 7.16
C GLY D 273 20.97 9.05 6.68
N ILE D 274 21.54 10.22 6.80
CA ILE D 274 20.76 11.39 6.41
C ILE D 274 20.41 11.43 4.94
N HIS D 275 21.28 10.83 4.12
CA HIS D 275 21.10 10.79 2.64
C HIS D 275 20.12 9.67 2.25
N GLU D 276 19.83 8.75 3.17
CA GLU D 276 18.93 7.67 2.84
C GLU D 276 17.57 8.09 3.30
N THR D 277 17.56 8.85 4.37
CA THR D 277 16.35 9.35 4.94
C THR D 277 15.74 10.34 3.97
N THR D 278 16.58 11.24 3.45
CA THR D 278 16.11 12.23 2.51
C THR D 278 15.57 11.54 1.28
N TYR D 279 16.32 10.57 0.77
CA TYR D 279 15.92 9.85 -0.40
C TYR D 279 14.60 9.14 -0.19
N ASN D 280 14.45 8.44 0.93
CA ASN D 280 13.21 7.73 1.16
C ASN D 280 12.04 8.68 1.33
N SER D 281 12.23 9.83 1.94
CA SER D 281 11.11 10.74 2.08
C SER D 281 10.65 11.14 0.69
N ILE D 282 11.60 11.39 -0.20
CA ILE D 282 11.26 11.74 -1.58
C ILE D 282 10.54 10.57 -2.25
N MET D 283 11.04 9.35 -2.06
CA MET D 283 10.40 8.20 -2.71
C MET D 283 8.96 7.94 -2.20
N LYS D 284 8.65 8.37 -0.98
CA LYS D 284 7.30 8.21 -0.43
C LYS D 284 6.34 9.24 -0.99
N CYS D 285 6.87 10.20 -1.74
CA CYS D 285 6.08 11.25 -2.33
C CYS D 285 5.69 10.86 -3.75
N ASP D 286 4.64 11.48 -4.23
CA ASP D 286 4.11 11.21 -5.56
C ASP D 286 5.16 11.40 -6.65
N ILE D 287 5.10 10.53 -7.64
CA ILE D 287 6.04 10.57 -8.74
C ILE D 287 6.13 11.92 -9.45
N ASP D 288 5.06 12.70 -9.48
CA ASP D 288 5.12 13.99 -10.16
C ASP D 288 5.60 15.12 -9.27
N ILE D 289 5.91 14.80 -8.04
CA ILE D 289 6.46 15.72 -7.06
C ILE D 289 7.96 15.53 -6.95
N ARG D 290 8.37 14.27 -7.01
CA ARG D 290 9.75 13.88 -6.79
C ARG D 290 10.74 14.72 -7.56
N LYS D 291 10.45 15.05 -8.81
CA LYS D 291 11.40 15.84 -9.56
C LYS D 291 11.81 17.13 -8.89
N ASP D 292 10.88 17.80 -8.23
CA ASP D 292 11.22 19.08 -7.66
C ASP D 292 11.89 18.89 -6.33
N LEU D 293 11.53 17.83 -5.63
CA LEU D 293 12.15 17.66 -4.35
C LEU D 293 13.63 17.35 -4.57
N TYR D 294 13.97 16.58 -5.61
CA TYR D 294 15.38 16.28 -5.84
C TYR D 294 16.14 17.54 -6.17
N ALA D 295 15.48 18.39 -6.97
CA ALA D 295 16.04 19.63 -7.39
C ALA D 295 16.29 20.57 -6.22
N ASN D 296 15.47 20.51 -5.17
CA ASN D 296 15.66 21.42 -4.06
C ASN D 296 15.74 20.77 -2.68
N ASN D 297 16.92 20.24 -2.35
CA ASN D 297 17.13 19.67 -1.02
C ASN D 297 17.67 20.80 -0.18
N VAL D 298 16.92 21.21 0.82
CA VAL D 298 17.28 22.36 1.64
C VAL D 298 17.79 21.99 3.01
N MET D 299 19.01 22.41 3.30
CA MET D 299 19.61 22.13 4.59
C MET D 299 19.37 23.23 5.59
N SER D 300 19.20 22.85 6.85
CA SER D 300 19.14 23.82 7.94
C SER D 300 19.58 23.20 9.25
N GLY D 301 19.92 24.06 10.23
CA GLY D 301 20.28 23.57 11.54
C GLY D 301 21.78 23.47 11.77
N GLY D 302 22.18 23.53 13.03
CA GLY D 302 23.57 23.53 13.43
C GLY D 302 24.44 22.36 12.96
N THR D 303 23.91 21.18 12.76
CA THR D 303 24.84 20.12 12.36
C THR D 303 25.25 20.26 10.92
N THR D 304 24.62 21.17 10.18
CA THR D 304 24.93 21.29 8.77
C THR D 304 26.08 22.25 8.63
N MET D 305 26.59 22.72 9.75
CA MET D 305 27.74 23.58 9.76
C MET D 305 29.02 22.85 9.38
N TYR D 306 29.10 21.53 9.56
CA TYR D 306 30.37 20.91 9.25
C TYR D 306 30.75 21.23 7.81
N PRO D 307 31.95 21.75 7.53
CA PRO D 307 32.39 22.05 6.21
C PRO D 307 32.34 20.79 5.40
N GLY D 308 31.90 20.90 4.17
CA GLY D 308 31.85 19.74 3.30
C GLY D 308 30.54 18.96 3.36
N ILE D 309 29.63 19.30 4.27
CA ILE D 309 28.41 18.51 4.33
C ILE D 309 27.61 18.63 3.06
N ALA D 310 27.63 19.81 2.44
CA ALA D 310 26.86 20.01 1.24
C ALA D 310 27.38 19.15 0.10
N ASP D 311 28.67 18.92 0.04
CA ASP D 311 29.21 18.19 -1.08
C ASP D 311 29.04 16.72 -0.86
N ARG D 312 29.14 16.29 0.39
CA ARG D 312 28.95 14.90 0.63
C ARG D 312 27.50 14.53 0.38
N MET D 313 26.56 15.38 0.82
CA MET D 313 25.18 15.03 0.57
C MET D 313 24.90 15.07 -0.92
N GLN D 314 25.51 15.99 -1.67
CA GLN D 314 25.27 16.04 -3.09
C GLN D 314 25.68 14.73 -3.72
N LYS D 315 26.84 14.21 -3.31
CA LYS D 315 27.33 12.96 -3.84
C LYS D 315 26.40 11.81 -3.53
N GLU D 316 25.94 11.73 -2.28
CA GLU D 316 25.12 10.61 -1.88
C GLU D 316 23.74 10.62 -2.52
N ILE D 317 23.11 11.78 -2.62
CA ILE D 317 21.80 11.79 -3.21
C ILE D 317 21.95 11.48 -4.67
N THR D 318 22.95 12.06 -5.31
CA THR D 318 23.15 11.83 -6.73
C THR D 318 23.31 10.35 -6.99
N ALA D 319 24.07 9.65 -6.15
CA ALA D 319 24.24 8.22 -6.32
C ALA D 319 22.94 7.43 -6.21
N LEU D 320 22.02 7.86 -5.33
CA LEU D 320 20.76 7.14 -5.14
C LEU D 320 19.69 7.51 -6.17
N ALA D 321 19.73 8.75 -6.61
CA ALA D 321 18.80 9.34 -7.54
C ALA D 321 18.98 8.76 -8.96
N PRO D 322 17.97 8.82 -9.83
CA PRO D 322 18.06 8.47 -11.23
C PRO D 322 19.13 9.33 -11.89
N SER D 323 19.83 8.76 -12.85
CA SER D 323 20.95 9.43 -13.54
C SER D 323 20.59 10.62 -14.41
N THR D 324 19.32 10.77 -14.73
CA THR D 324 18.86 11.87 -15.55
C THR D 324 18.25 12.96 -14.70
N MET D 325 18.24 12.76 -13.39
CA MET D 325 17.65 13.71 -12.48
C MET D 325 18.64 14.79 -12.10
N LYS D 326 18.14 16.01 -11.93
CA LYS D 326 18.97 17.08 -11.43
C LYS D 326 18.85 17.16 -9.94
N ILE D 327 19.96 17.07 -9.25
CA ILE D 327 19.96 17.10 -7.81
C ILE D 327 20.74 18.28 -7.35
N LYS D 328 20.16 19.07 -6.47
CA LYS D 328 20.90 20.20 -5.95
C LYS D 328 20.72 20.38 -4.46
N ILE D 329 21.82 20.67 -3.80
CA ILE D 329 21.80 20.94 -2.38
C ILE D 329 21.85 22.43 -2.16
N ILE D 330 20.90 22.90 -1.40
CA ILE D 330 20.77 24.29 -1.07
C ILE D 330 21.24 24.47 0.34
N ALA D 331 22.32 25.22 0.50
CA ALA D 331 22.90 25.34 1.82
C ALA D 331 23.56 26.71 2.03
N PRO D 332 22.78 27.77 2.28
CA PRO D 332 23.20 29.15 2.47
C PRO D 332 24.07 29.26 3.72
N PRO D 333 24.88 30.29 3.88
CA PRO D 333 25.75 30.51 5.03
C PRO D 333 24.97 30.74 6.33
N GLU D 334 23.67 31.01 6.21
CA GLU D 334 22.79 31.31 7.32
C GLU D 334 21.97 30.12 7.84
N ARG D 335 22.30 28.89 7.43
CA ARG D 335 21.53 27.70 7.84
C ARG D 335 21.31 27.57 9.33
N LYS D 336 22.28 27.97 10.13
CA LYS D 336 22.21 27.87 11.57
C LYS D 336 20.99 28.61 12.14
N TYR D 337 20.61 29.71 11.51
CA TYR D 337 19.53 30.55 11.97
C TYR D 337 18.29 30.46 11.10
N SER D 338 18.21 29.47 10.22
CA SER D 338 17.09 29.42 9.31
C SER D 338 15.75 29.37 10.02
N VAL D 339 15.66 28.59 11.09
CA VAL D 339 14.40 28.49 11.78
C VAL D 339 14.03 29.81 12.40
N TRP D 340 14.98 30.47 13.04
CA TRP D 340 14.66 31.72 13.67
C TRP D 340 14.17 32.72 12.65
N ILE D 341 14.86 32.78 11.51
CA ILE D 341 14.53 33.74 10.46
C ILE D 341 13.16 33.45 9.92
N GLY D 342 12.86 32.19 9.66
CA GLY D 342 11.56 31.82 9.15
C GLY D 342 10.51 32.26 10.13
N GLY D 343 10.81 32.17 11.42
CA GLY D 343 9.92 32.59 12.47
C GLY D 343 9.60 34.06 12.32
N SER D 344 10.64 34.88 12.17
CA SER D 344 10.47 36.32 12.02
C SER D 344 9.60 36.64 10.82
N ILE D 345 9.86 35.94 9.71
CA ILE D 345 9.09 36.19 8.50
C ILE D 345 7.65 35.83 8.67
N LEU D 346 7.38 34.63 9.17
CA LEU D 346 6.01 34.19 9.28
C LEU D 346 5.24 35.05 10.23
N ALA D 347 5.87 35.39 11.34
CA ALA D 347 5.25 36.15 12.37
C ALA D 347 4.76 37.50 11.86
N SER D 348 5.46 38.08 10.89
CA SER D 348 5.07 39.36 10.34
C SER D 348 4.04 39.30 9.19
N LEU D 349 3.65 38.11 8.73
CA LEU D 349 2.73 38.05 7.60
C LEU D 349 1.28 38.22 8.05
N SER D 350 0.48 38.87 7.20
CA SER D 350 -0.94 39.13 7.46
C SER D 350 -1.80 37.88 7.47
N THR D 351 -1.27 36.82 6.91
CA THR D 351 -1.97 35.55 6.87
C THR D 351 -1.79 34.86 8.21
N PHE D 352 -0.63 35.05 8.79
CA PHE D 352 -0.28 34.42 10.04
C PHE D 352 -1.02 35.06 11.17
N GLN D 353 -1.28 36.34 11.00
CA GLN D 353 -1.98 37.12 12.01
C GLN D 353 -3.37 36.56 12.31
N GLN D 354 -3.90 35.72 11.42
CA GLN D 354 -5.22 35.14 11.61
C GLN D 354 -5.17 33.78 12.35
N MET D 355 -3.97 33.20 12.46
CA MET D 355 -3.78 31.84 13.00
C MET D 355 -3.46 31.72 14.48
N TRP D 356 -3.31 32.84 15.16
CA TRP D 356 -2.88 32.84 16.56
C TRP D 356 -3.91 32.26 17.52
N ILE D 357 -3.45 31.54 18.53
CA ILE D 357 -4.34 31.07 19.56
C ILE D 357 -4.34 32.14 20.59
N THR D 358 -5.49 32.72 20.86
CA THR D 358 -5.49 33.80 21.82
C THR D 358 -5.71 33.20 23.17
N LYS D 359 -5.43 33.96 24.22
CA LYS D 359 -5.69 33.42 25.53
C LYS D 359 -7.16 33.14 25.72
N GLN D 360 -8.02 33.99 25.19
CA GLN D 360 -9.43 33.76 25.42
C GLN D 360 -9.89 32.49 24.75
N GLU D 361 -9.42 32.23 23.53
CA GLU D 361 -9.87 31.01 22.87
C GLU D 361 -9.36 29.80 23.61
N TYR D 362 -8.13 29.87 24.10
CA TYR D 362 -7.57 28.78 24.86
C TYR D 362 -8.37 28.51 26.09
N ASP D 363 -8.68 29.55 26.85
CA ASP D 363 -9.40 29.32 28.08
C ASP D 363 -10.76 28.68 27.83
N GLU D 364 -11.43 29.05 26.74
CA GLU D 364 -12.72 28.43 26.46
C GLU D 364 -12.62 27.04 25.83
N ALA D 365 -11.66 26.84 24.92
CA ALA D 365 -11.52 25.58 24.19
C ALA D 365 -10.75 24.50 24.93
N GLY D 366 -9.80 24.91 25.75
CA GLY D 366 -8.92 24.00 26.46
C GLY D 366 -7.76 23.62 25.55
N PRO D 367 -6.84 22.76 26.03
CA PRO D 367 -5.62 22.32 25.39
C PRO D 367 -5.76 21.71 24.03
N SER D 368 -6.92 21.18 23.64
CA SER D 368 -7.03 20.56 22.33
C SER D 368 -6.79 21.55 21.21
N ILE D 369 -6.93 22.83 21.51
CA ILE D 369 -6.76 23.91 20.55
C ILE D 369 -5.35 23.97 19.99
N VAL D 370 -4.38 23.41 20.70
CA VAL D 370 -3.00 23.49 20.25
C VAL D 370 -2.78 22.65 19.01
N HIS D 371 -3.74 21.79 18.68
CA HIS D 371 -3.58 20.93 17.53
C HIS D 371 -4.37 21.51 16.36
N ARG D 372 -4.85 22.75 16.52
CA ARG D 372 -5.60 23.43 15.49
C ARG D 372 -4.72 23.77 14.30
N LYS D 373 -5.24 23.56 13.11
CA LYS D 373 -4.53 23.92 11.90
C LYS D 373 -5.36 24.96 11.15
N CYS D 374 -5.30 26.21 11.61
CA CYS D 374 -6.15 27.26 11.05
C CYS D 374 -5.86 27.61 9.61
N PHE D 375 -4.61 27.91 9.34
CA PHE D 375 -4.15 28.35 8.05
C PHE D 375 -5.18 29.19 7.34
N THR E 5 53.58 -23.82 24.45
CA THR E 5 53.05 -25.16 24.67
C THR E 5 51.70 -25.09 25.38
N THR E 6 51.68 -24.48 26.55
CA THR E 6 50.46 -24.29 27.31
C THR E 6 50.25 -22.81 27.41
N ALA E 7 49.11 -22.32 27.04
CA ALA E 7 49.01 -20.87 27.09
C ALA E 7 49.22 -20.39 28.50
N LEU E 8 49.92 -19.29 28.61
CA LEU E 8 50.19 -18.68 29.87
C LEU E 8 49.17 -17.57 30.04
N VAL E 9 48.62 -17.47 31.23
CA VAL E 9 47.63 -16.44 31.48
C VAL E 9 48.13 -15.44 32.50
N CYS E 10 48.11 -14.17 32.13
CA CYS E 10 48.60 -13.14 33.04
C CYS E 10 47.74 -11.91 33.07
N ASP E 11 47.05 -11.73 34.19
CA ASP E 11 46.14 -10.64 34.41
C ASP E 11 46.87 -9.47 35.08
N ASN E 12 47.20 -8.45 34.31
CA ASN E 12 47.95 -7.30 34.79
C ASN E 12 46.99 -6.30 35.38
N GLY E 13 46.33 -6.73 36.42
CA GLY E 13 45.31 -5.95 37.07
C GLY E 13 45.94 -4.82 37.83
N SER E 14 45.24 -3.72 37.98
CA SER E 14 45.87 -2.70 38.74
C SER E 14 46.02 -3.15 40.17
N GLY E 15 47.21 -2.97 40.67
CA GLY E 15 47.51 -3.27 42.04
C GLY E 15 47.81 -4.74 42.32
N LEU E 16 47.59 -5.65 41.38
CA LEU E 16 47.82 -7.05 41.70
C LEU E 16 48.03 -7.90 40.45
N VAL E 17 49.11 -8.64 40.42
CA VAL E 17 49.39 -9.48 39.27
C VAL E 17 48.96 -10.88 39.53
N LYS E 18 48.08 -11.39 38.68
CA LYS E 18 47.62 -12.75 38.87
C LYS E 18 47.99 -13.58 37.65
N ALA E 19 48.85 -14.57 37.84
CA ALA E 19 49.29 -15.35 36.70
C ALA E 19 49.41 -16.84 37.00
N GLY E 20 49.23 -17.65 35.97
CA GLY E 20 49.32 -19.10 36.06
C GLY E 20 49.17 -19.66 34.66
N PHE E 21 48.89 -20.95 34.54
CA PHE E 21 48.82 -21.50 33.19
C PHE E 21 47.43 -21.91 32.82
N ALA E 22 47.13 -21.85 31.55
CA ALA E 22 45.84 -22.28 31.11
C ALA E 22 45.65 -23.71 31.51
N GLY E 23 44.48 -24.01 32.01
CA GLY E 23 44.12 -25.34 32.46
C GLY E 23 44.19 -25.42 33.97
N ASP E 24 44.88 -24.45 34.57
CA ASP E 24 45.00 -24.33 36.06
C ASP E 24 43.76 -23.59 36.56
N ASP E 25 43.15 -24.05 37.65
CA ASP E 25 41.94 -23.45 38.16
C ASP E 25 42.20 -22.28 39.09
N ALA E 26 43.45 -21.89 39.16
CA ALA E 26 43.87 -20.79 40.00
C ALA E 26 45.19 -20.26 39.49
N PRO E 27 45.53 -19.00 39.72
CA PRO E 27 46.81 -18.45 39.39
C PRO E 27 47.82 -19.10 40.30
N ARG E 28 49.05 -19.22 39.86
CA ARG E 28 50.09 -19.79 40.69
C ARG E 28 50.82 -18.67 41.39
N ALA E 29 50.91 -17.54 40.70
CA ALA E 29 51.63 -16.39 41.15
C ALA E 29 50.70 -15.25 41.43
N VAL E 30 50.58 -14.88 42.69
CA VAL E 30 49.74 -13.77 43.04
C VAL E 30 50.53 -12.83 43.90
N PHE E 31 50.79 -11.63 43.41
CA PHE E 31 51.58 -10.69 44.19
C PHE E 31 51.23 -9.27 43.77
N PRO E 32 51.44 -8.25 44.60
CA PRO E 32 51.16 -6.86 44.29
C PRO E 32 51.88 -6.32 43.08
N SER E 33 51.21 -5.46 42.32
CA SER E 33 51.81 -4.83 41.13
C SER E 33 52.58 -3.61 41.57
N ILE E 34 53.57 -3.83 42.40
CA ILE E 34 54.33 -2.76 43.00
C ILE E 34 55.82 -2.80 42.85
N VAL E 35 56.37 -1.66 42.47
CA VAL E 35 57.81 -1.52 42.39
C VAL E 35 58.24 -0.48 43.42
N GLY E 36 59.14 -0.85 44.31
CA GLY E 36 59.60 0.07 45.33
C GLY E 36 61.04 0.47 45.18
N ARG E 37 61.38 1.65 45.71
CA ARG E 37 62.77 2.13 45.71
C ARG E 37 63.15 2.72 47.07
N PRO E 38 64.41 2.64 47.52
CA PRO E 38 64.87 3.18 48.79
C PRO E 38 64.50 4.64 48.97
N ARG E 39 64.00 4.96 50.17
CA ARG E 39 63.57 6.31 50.51
C ARG E 39 64.59 7.22 51.22
N HIS E 40 65.40 6.67 52.13
CA HIS E 40 66.26 7.51 52.96
C HIS E 40 67.74 7.60 52.64
N GLN E 41 68.23 6.79 51.73
CA GLN E 41 69.65 6.78 51.45
C GLN E 41 69.82 6.33 50.02
N GLY E 42 71.06 6.27 49.55
CA GLY E 42 71.29 5.81 48.21
C GLY E 42 71.46 4.30 48.26
N VAL E 43 71.82 3.71 47.14
CA VAL E 43 72.00 2.28 47.11
C VAL E 43 73.43 1.97 47.39
N MET E 44 73.67 1.09 48.34
CA MET E 44 75.05 0.75 48.64
C MET E 44 75.48 -0.26 47.61
N VAL E 45 75.81 0.24 46.43
CA VAL E 45 76.11 -0.58 45.25
C VAL E 45 77.34 -1.45 45.40
N GLY E 46 78.25 -1.07 46.30
CA GLY E 46 79.44 -1.85 46.55
C GLY E 46 79.17 -2.91 47.62
N MET E 47 77.93 -2.96 48.11
CA MET E 47 77.49 -3.87 49.16
C MET E 47 76.22 -4.61 48.74
N GLY E 48 75.64 -5.37 49.66
CA GLY E 48 74.43 -6.14 49.35
C GLY E 48 73.14 -5.32 49.31
N GLN E 49 73.06 -4.36 48.38
CA GLN E 49 71.84 -3.55 48.24
C GLN E 49 71.38 -3.45 46.80
N LYS E 50 70.06 -3.34 46.64
CA LYS E 50 69.39 -3.26 45.36
C LYS E 50 68.86 -1.88 45.04
N ASP E 51 68.60 -1.66 43.76
CA ASP E 51 68.03 -0.41 43.31
C ASP E 51 66.52 -0.38 43.47
N SER E 52 65.90 -1.54 43.37
CA SER E 52 64.47 -1.62 43.48
C SER E 52 64.04 -2.98 44.01
N TYR E 53 62.83 -3.02 44.53
CA TYR E 53 62.23 -4.22 45.07
C TYR E 53 60.87 -4.46 44.42
N VAL E 54 60.52 -5.71 44.15
CA VAL E 54 59.25 -5.94 43.47
C VAL E 54 58.28 -6.94 44.11
N GLY E 55 57.02 -6.53 44.17
CA GLY E 55 55.97 -7.40 44.67
C GLY E 55 56.14 -7.69 46.13
N ASP E 56 56.31 -8.95 46.47
CA ASP E 56 56.46 -9.28 47.87
C ASP E 56 57.66 -8.58 48.48
N GLU E 57 58.71 -8.35 47.71
CA GLU E 57 59.85 -7.69 48.31
C GLU E 57 59.46 -6.27 48.68
N ALA E 58 58.68 -5.64 47.81
CA ALA E 58 58.25 -4.27 47.97
C ALA E 58 57.39 -4.15 49.22
N GLN E 59 56.59 -5.17 49.51
CA GLN E 59 55.78 -5.14 50.71
C GLN E 59 56.55 -5.44 51.97
N SER E 60 57.45 -6.42 51.93
CA SER E 60 58.16 -6.79 53.14
C SER E 60 59.05 -5.68 53.64
N LYS E 61 59.59 -4.91 52.72
CA LYS E 61 60.49 -3.82 53.01
C LYS E 61 59.80 -2.47 52.85
N ARG E 62 58.47 -2.45 52.79
CA ARG E 62 57.77 -1.20 52.48
C ARG E 62 58.08 -0.07 53.42
N GLY E 63 58.42 -0.34 54.67
CA GLY E 63 58.69 0.76 55.58
C GLY E 63 59.91 1.60 55.20
N ILE E 64 60.75 1.14 54.28
CA ILE E 64 61.90 1.93 53.91
C ILE E 64 61.87 2.32 52.44
N LEU E 65 60.78 1.97 51.76
CA LEU E 65 60.69 2.19 50.34
C LEU E 65 59.57 3.12 49.94
N THR E 66 59.78 3.84 48.87
CA THR E 66 58.70 4.58 48.28
C THR E 66 58.10 3.61 47.29
N LEU E 67 56.80 3.41 47.32
CA LEU E 67 56.25 2.43 46.41
C LEU E 67 55.45 3.07 45.32
N LYS E 68 55.59 2.56 44.11
CA LYS E 68 54.84 3.06 42.98
C LYS E 68 54.05 1.97 42.27
N TYR E 69 52.91 2.40 41.77
CA TYR E 69 52.06 1.55 40.96
C TYR E 69 52.22 2.00 39.52
N PRO E 70 52.71 1.17 38.59
CA PRO E 70 52.94 1.51 37.21
C PRO E 70 51.65 1.70 36.42
N ILE E 71 50.53 1.23 37.00
CA ILE E 71 49.23 1.28 36.38
C ILE E 71 48.28 2.22 37.11
N GLU E 72 47.76 3.21 36.37
CA GLU E 72 46.83 4.19 36.90
C GLU E 72 45.58 4.20 36.05
N HIC E 73 44.43 3.98 36.71
CA HIC E 73 43.11 3.91 36.03
C HIC E 73 43.15 2.88 34.90
O HIC E 73 42.53 3.13 33.85
CB HIC E 73 42.67 5.30 35.54
CG HIC E 73 42.58 6.33 36.62
ND1 HIC E 73 41.40 6.51 37.31
CD2 HIC E 73 43.53 7.19 37.09
CE1 HIC E 73 41.65 7.46 38.19
NE2 HIC E 73 42.93 7.92 38.09
CZ HIC E 73 43.57 8.96 38.88
N GLY E 74 43.88 1.79 35.09
CA GLY E 74 43.95 0.72 34.11
C GLY E 74 44.95 0.95 32.99
N ILE E 75 45.67 2.05 33.02
CA ILE E 75 46.60 2.39 31.96
C ILE E 75 48.03 2.31 32.41
N ILE E 76 48.85 1.61 31.65
CA ILE E 76 50.22 1.52 32.05
C ILE E 76 50.90 2.78 31.63
N THR E 77 51.51 3.48 32.58
CA THR E 77 52.21 4.70 32.23
C THR E 77 53.67 4.56 32.54
N ASN E 78 54.01 3.72 33.51
CA ASN E 78 55.41 3.57 33.82
C ASN E 78 55.88 2.28 33.20
N TRP E 79 56.34 2.37 31.97
CA TRP E 79 56.68 1.20 31.21
C TRP E 79 57.92 0.51 31.72
N ASP E 80 58.82 1.24 32.35
CA ASP E 80 60.02 0.60 32.84
C ASP E 80 59.66 -0.27 34.03
N ASP E 81 58.77 0.23 34.88
CA ASP E 81 58.37 -0.55 36.03
C ASP E 81 57.49 -1.70 35.60
N MET E 82 56.72 -1.51 34.54
CA MET E 82 55.89 -2.60 34.10
C MET E 82 56.78 -3.73 33.62
N GLU E 83 57.89 -3.41 32.94
CA GLU E 83 58.77 -4.48 32.53
C GLU E 83 59.41 -5.14 33.74
N LYS E 84 59.72 -4.39 34.79
CA LYS E 84 60.32 -5.05 35.95
C LYS E 84 59.34 -6.07 36.53
N ILE E 85 58.07 -5.73 36.58
CA ILE E 85 57.10 -6.67 37.11
C ILE E 85 57.01 -7.89 36.23
N TRP E 86 56.94 -7.70 34.92
CA TRP E 86 56.86 -8.85 34.05
C TRP E 86 58.11 -9.69 34.14
N HIS E 87 59.26 -9.00 34.23
CA HIS E 87 60.57 -9.70 34.36
C HIS E 87 60.52 -10.68 35.53
N HIS E 88 59.95 -10.27 36.67
CA HIS E 88 59.85 -11.15 37.81
C HIS E 88 58.72 -12.16 37.64
N THR E 89 57.62 -11.76 37.03
CA THR E 89 56.52 -12.68 36.87
C THR E 89 56.98 -13.91 36.10
N PHE E 90 57.69 -13.67 35.01
CA PHE E 90 58.18 -14.77 34.19
C PHE E 90 59.36 -15.50 34.78
N TYR E 91 60.34 -14.80 35.35
CA TYR E 91 61.51 -15.53 35.78
C TYR E 91 61.62 -15.90 37.24
N ASN E 92 60.90 -15.23 38.14
CA ASN E 92 61.01 -15.58 39.54
C ASN E 92 59.75 -16.24 40.10
N GLU E 93 58.59 -15.84 39.61
CA GLU E 93 57.34 -16.36 40.16
C GLU E 93 56.83 -17.60 39.43
N LEU E 94 56.69 -17.52 38.12
CA LEU E 94 56.25 -18.68 37.36
C LEU E 94 57.46 -19.49 36.93
N ARG E 95 58.60 -18.80 36.84
CA ARG E 95 59.90 -19.37 36.46
C ARG E 95 59.88 -20.09 35.13
N VAL E 96 59.31 -19.42 34.15
CA VAL E 96 59.14 -19.92 32.80
C VAL E 96 59.68 -18.94 31.77
N ALA E 97 60.44 -19.39 30.78
CA ALA E 97 60.86 -18.39 29.81
C ALA E 97 59.67 -18.06 28.91
N PRO E 98 59.47 -16.80 28.50
CA PRO E 98 58.37 -16.40 27.64
C PRO E 98 58.37 -17.09 26.29
N GLU E 99 59.54 -17.52 25.84
CA GLU E 99 59.72 -18.20 24.56
C GLU E 99 59.06 -19.56 24.50
N GLU E 100 58.70 -20.09 25.66
CA GLU E 100 58.13 -21.41 25.75
C GLU E 100 56.60 -21.50 25.54
N HIS E 101 55.85 -20.45 25.91
CA HIS E 101 54.37 -20.52 25.83
C HIS E 101 53.78 -19.26 25.23
N PRO E 102 52.59 -19.32 24.60
CA PRO E 102 51.91 -18.12 24.10
C PRO E 102 51.27 -17.43 25.30
N THR E 103 51.03 -16.12 25.23
CA THR E 103 50.48 -15.46 26.41
C THR E 103 49.23 -14.61 26.20
N LEU E 104 48.28 -14.86 27.08
CA LEU E 104 47.03 -14.12 27.11
C LEU E 104 47.04 -13.03 28.17
N LEU E 105 46.86 -11.80 27.73
CA LEU E 105 46.84 -10.63 28.58
C LEU E 105 45.44 -10.11 28.66
N THR E 106 45.19 -9.27 29.64
CA THR E 106 43.88 -8.70 29.88
C THR E 106 43.91 -7.18 29.80
N GLU E 107 42.75 -6.57 29.54
CA GLU E 107 42.67 -5.11 29.52
C GLU E 107 41.25 -4.56 29.84
N ALA E 108 41.19 -3.37 30.44
CA ALA E 108 39.92 -2.69 30.62
C ALA E 108 39.51 -2.14 29.24
N PRO E 109 38.23 -2.00 28.91
CA PRO E 109 37.74 -1.43 27.68
C PRO E 109 37.95 0.06 27.66
N LEU E 110 37.96 0.62 26.45
CA LEU E 110 38.04 2.06 26.18
C LEU E 110 39.35 2.73 26.61
N ASN E 111 40.45 2.00 26.59
CA ASN E 111 41.74 2.58 26.91
C ASN E 111 42.36 3.24 25.68
N PRO E 112 43.52 3.91 25.78
CA PRO E 112 44.24 4.49 24.68
C PRO E 112 44.67 3.34 23.81
N LYS E 113 44.74 3.55 22.50
CA LYS E 113 45.19 2.48 21.64
C LYS E 113 46.60 2.07 21.98
N ALA E 114 47.39 3.05 22.36
CA ALA E 114 48.77 2.87 22.70
C ALA E 114 48.98 1.83 23.78
N ASN E 115 48.02 1.67 24.68
CA ASN E 115 48.25 0.73 25.75
C ASN E 115 48.39 -0.68 25.18
N ARG E 116 47.65 -1.00 24.11
CA ARG E 116 47.71 -2.35 23.56
C ARG E 116 48.91 -2.47 22.69
N GLU E 117 49.22 -1.37 22.00
CA GLU E 117 50.31 -1.38 21.07
C GLU E 117 51.63 -1.52 21.81
N LYS E 118 51.75 -0.87 22.98
CA LYS E 118 52.96 -0.97 23.77
C LYS E 118 53.06 -2.31 24.46
N MET E 119 51.95 -2.87 24.95
CA MET E 119 52.10 -4.16 25.58
C MET E 119 52.55 -5.16 24.54
N THR E 120 52.03 -5.01 23.32
CA THR E 120 52.39 -5.93 22.28
C THR E 120 53.84 -5.80 21.90
N GLN E 121 54.33 -4.58 21.74
CA GLN E 121 55.73 -4.42 21.39
C GLN E 121 56.62 -5.05 22.43
N ILE E 122 56.31 -4.86 23.70
CA ILE E 122 57.16 -5.42 24.75
C ILE E 122 57.13 -6.93 24.72
N MET E 123 55.95 -7.51 24.56
CA MET E 123 55.83 -8.94 24.52
C MET E 123 56.49 -9.56 23.29
N PHE E 124 56.67 -8.83 22.19
CA PHE E 124 57.40 -9.45 21.10
C PHE E 124 58.90 -9.04 21.04
N GLU E 125 59.27 -7.86 21.58
CA GLU E 125 60.66 -7.41 21.49
C GLU E 125 61.53 -7.56 22.77
N THR E 126 60.95 -7.51 23.97
CA THR E 126 61.74 -7.62 25.19
C THR E 126 61.65 -9.05 25.66
N PHE E 127 60.47 -9.60 25.56
CA PHE E 127 60.22 -10.96 25.95
C PHE E 127 59.94 -11.65 24.64
N ASN E 128 60.57 -12.75 24.31
CA ASN E 128 60.23 -13.29 23.01
C ASN E 128 59.01 -14.18 23.02
N VAL E 129 57.82 -13.61 23.16
CA VAL E 129 56.61 -14.41 23.28
C VAL E 129 56.17 -14.93 21.91
N PRO E 130 56.02 -16.25 21.70
CA PRO E 130 55.63 -16.86 20.42
C PRO E 130 54.40 -16.27 19.75
N ALA E 131 53.40 -15.96 20.58
CA ALA E 131 52.14 -15.40 20.14
C ALA E 131 51.44 -14.79 21.33
N MET E 132 50.55 -13.84 21.08
CA MET E 132 49.82 -13.25 22.18
C MET E 132 48.44 -12.77 21.81
N TYR E 133 47.67 -12.50 22.83
CA TYR E 133 46.35 -11.95 22.61
C TYR E 133 45.97 -11.07 23.78
N VAL E 134 45.32 -9.95 23.54
CA VAL E 134 44.88 -9.14 24.66
C VAL E 134 43.35 -9.09 24.69
N ALA E 135 42.78 -9.60 25.77
CA ALA E 135 41.34 -9.73 25.95
C ALA E 135 40.75 -8.72 26.90
N ILE E 136 39.47 -8.44 26.72
CA ILE E 136 38.75 -7.60 27.65
C ILE E 136 38.33 -8.42 28.84
N GLN E 137 38.57 -7.88 30.02
CA GLN E 137 38.27 -8.57 31.25
C GLN E 137 36.82 -8.92 31.48
N ALA E 138 35.91 -8.04 31.09
CA ALA E 138 34.50 -8.34 31.30
C ALA E 138 34.09 -9.60 30.53
N VAL E 139 34.68 -9.78 29.37
CA VAL E 139 34.36 -10.91 28.54
C VAL E 139 34.86 -12.16 29.20
N LEU E 140 36.10 -12.11 29.70
CA LEU E 140 36.64 -13.28 30.34
C LEU E 140 35.85 -13.62 31.58
N SER E 141 35.42 -12.62 32.31
CA SER E 141 34.66 -12.88 33.51
C SER E 141 33.38 -13.61 33.14
N LEU E 142 32.72 -13.21 32.06
CA LEU E 142 31.51 -13.93 31.74
C LEU E 142 31.87 -15.38 31.36
N TYR E 143 33.00 -15.61 30.65
CA TYR E 143 33.37 -17.00 30.33
C TYR E 143 33.52 -17.82 31.60
N ALA E 144 34.10 -17.22 32.64
CA ALA E 144 34.28 -17.89 33.91
C ALA E 144 32.95 -18.30 34.54
N SER E 145 31.89 -17.50 34.36
CA SER E 145 30.60 -17.88 34.97
C SER E 145 29.95 -18.98 34.16
N GLY E 146 30.26 -19.04 32.88
CA GLY E 146 29.75 -20.06 31.97
C GLY E 146 28.49 -19.62 31.22
N ARG E 147 28.01 -18.43 31.50
CA ARG E 147 26.83 -17.88 30.86
C ARG E 147 27.19 -17.24 29.54
N THR E 148 26.23 -17.13 28.62
CA THR E 148 26.47 -16.44 27.35
C THR E 148 25.80 -15.08 27.34
N THR E 149 24.86 -14.91 28.25
CA THR E 149 24.11 -13.68 28.36
C THR E 149 24.16 -13.17 29.77
N GLY E 150 24.44 -11.90 29.88
CA GLY E 150 24.46 -11.22 31.16
C GLY E 150 25.28 -9.97 31.07
N ILE E 151 25.22 -9.16 32.11
CA ILE E 151 26.01 -7.95 32.11
C ILE E 151 27.07 -8.09 33.15
N VAL E 152 28.30 -7.83 32.76
CA VAL E 152 29.36 -7.96 33.72
C VAL E 152 29.90 -6.66 34.23
N LEU E 153 29.88 -6.53 35.55
CA LEU E 153 30.39 -5.39 36.26
C LEU E 153 31.70 -5.77 36.90
N ASP E 154 32.81 -5.43 36.24
CA ASP E 154 34.16 -5.75 36.80
C ASP E 154 34.65 -4.53 37.56
N SER E 155 34.80 -4.64 38.89
CA SER E 155 35.23 -3.47 39.64
C SER E 155 36.50 -3.83 40.37
N GLY E 156 37.58 -3.27 39.86
CA GLY E 156 38.90 -3.59 40.34
C GLY E 156 39.52 -2.43 41.06
N ASP E 157 40.83 -2.38 40.94
CA ASP E 157 41.62 -1.40 41.57
C ASP E 157 41.66 -0.04 40.87
N GLY E 158 41.66 -0.03 39.54
CA GLY E 158 41.81 1.24 38.85
C GLY E 158 40.61 1.65 38.00
N VAL E 159 39.86 0.67 37.51
CA VAL E 159 38.70 0.94 36.66
C VAL E 159 37.51 0.12 37.05
N THR E 160 36.31 0.70 36.97
CA THR E 160 35.08 -0.07 37.10
C THR E 160 34.38 -0.02 35.75
N HIS E 161 34.03 -1.19 35.21
CA HIS E 161 33.37 -1.16 33.90
C HIS E 161 32.27 -2.17 33.71
N ASN E 162 31.34 -1.78 32.84
CA ASN E 162 30.15 -2.56 32.55
C ASN E 162 29.99 -2.91 31.10
N VAL E 163 30.11 -4.20 30.81
CA VAL E 163 29.99 -4.65 29.43
C VAL E 163 28.87 -5.66 29.27
N PRO E 164 27.71 -5.27 28.72
CA PRO E 164 26.63 -6.18 28.47
C PRO E 164 26.98 -7.06 27.30
N ILE E 165 26.68 -8.35 27.45
CA ILE E 165 26.89 -9.36 26.42
C ILE E 165 25.58 -10.14 26.23
N TYR E 166 25.14 -10.32 25.00
CA TYR E 166 23.91 -11.07 24.76
C TYR E 166 24.09 -12.20 23.78
N GLU E 167 23.81 -13.42 24.22
CA GLU E 167 23.94 -14.59 23.38
C GLU E 167 25.31 -14.67 22.72
N GLY E 168 26.33 -14.31 23.49
CA GLY E 168 27.71 -14.34 23.05
C GLY E 168 28.18 -13.09 22.32
N TYR E 169 27.29 -12.15 22.02
CA TYR E 169 27.67 -10.95 21.28
C TYR E 169 27.87 -9.76 22.18
N ALA E 170 28.82 -8.93 21.84
CA ALA E 170 28.99 -7.72 22.60
C ALA E 170 27.95 -6.70 22.18
N LEU E 171 27.59 -5.82 23.09
CA LEU E 171 26.75 -4.70 22.77
C LEU E 171 27.52 -3.42 23.09
N PRO E 172 28.56 -3.08 22.28
CA PRO E 172 29.56 -2.07 22.55
C PRO E 172 29.08 -0.65 22.72
N HIS E 173 27.92 -0.32 22.19
CA HIS E 173 27.45 1.04 22.32
C HIS E 173 26.99 1.31 23.74
N ALA E 174 26.80 0.23 24.52
CA ALA E 174 26.33 0.32 25.88
C ALA E 174 27.46 0.07 26.87
N ILE E 175 28.72 0.11 26.43
CA ILE E 175 29.78 -0.06 27.41
C ILE E 175 30.00 1.21 28.18
N MET E 176 30.00 1.06 29.49
CA MET E 176 30.19 2.20 30.36
C MET E 176 31.40 2.00 31.26
N ARG E 177 32.12 3.08 31.49
CA ARG E 177 33.30 3.05 32.33
C ARG E 177 33.34 4.16 33.34
N LEU E 178 33.65 3.79 34.57
CA LEU E 178 33.80 4.71 35.67
C LEU E 178 35.25 4.76 36.09
N ASP E 179 35.69 5.90 36.59
CA ASP E 179 37.05 5.97 37.10
C ASP E 179 37.09 5.44 38.52
N LEU E 180 35.98 5.57 39.23
CA LEU E 180 35.97 5.11 40.61
C LEU E 180 36.28 3.64 40.72
N ALA E 181 37.25 3.35 41.56
CA ALA E 181 37.72 2.00 41.80
C ALA E 181 38.35 1.85 43.19
N GLY E 182 38.85 0.65 43.51
CA GLY E 182 39.41 0.35 44.83
C GLY E 182 40.49 1.31 45.29
N ARG E 183 41.28 1.86 44.35
CA ARG E 183 42.33 2.79 44.67
C ARG E 183 41.76 4.06 45.31
N ASP E 184 40.55 4.47 44.87
CA ASP E 184 39.95 5.69 45.34
C ASP E 184 39.25 5.43 46.63
N LEU E 185 38.74 4.23 46.78
CA LEU E 185 38.04 3.93 48.01
C LEU E 185 39.06 3.98 49.13
N THR E 186 40.28 3.49 48.84
CA THR E 186 41.35 3.49 49.81
C THR E 186 41.72 4.92 50.14
N ASP E 187 41.85 5.77 49.13
CA ASP E 187 42.24 7.14 49.38
C ASP E 187 41.17 7.88 50.19
N TYR E 188 39.91 7.58 49.90
CA TYR E 188 38.83 8.22 50.62
C TYR E 188 38.88 7.81 52.07
N LEU E 189 39.10 6.53 52.33
CA LEU E 189 39.17 6.06 53.70
C LEU E 189 40.35 6.71 54.41
N MET E 190 41.48 6.88 53.73
CA MET E 190 42.60 7.54 54.39
C MET E 190 42.16 8.91 54.86
N LYS E 191 41.38 9.62 54.03
CA LYS E 191 40.90 10.92 54.45
C LYS E 191 39.85 10.80 55.55
N ILE E 192 38.97 9.81 55.49
CA ILE E 192 37.92 9.72 56.50
C ILE E 192 38.56 9.52 57.85
N LEU E 193 39.58 8.68 57.92
CA LEU E 193 40.19 8.34 59.18
C LEU E 193 40.89 9.48 59.89
N THR E 194 41.09 10.63 59.24
CA THR E 194 41.73 11.71 59.95
C THR E 194 40.75 12.26 60.97
N GLU E 195 39.47 11.94 60.81
CA GLU E 195 38.43 12.38 61.72
C GLU E 195 38.64 11.82 63.11
N ARG E 196 39.28 10.64 63.21
CA ARG E 196 39.48 10.01 64.50
C ARG E 196 40.91 10.26 64.96
N GLY E 197 41.62 11.10 64.23
CA GLY E 197 42.99 11.45 64.51
C GLY E 197 44.01 10.43 64.02
N TYR E 198 43.66 9.62 63.04
CA TYR E 198 44.63 8.65 62.58
C TYR E 198 45.13 9.09 61.24
N SER E 199 46.32 9.67 61.19
CA SER E 199 46.82 10.20 59.94
C SER E 199 47.80 9.29 59.24
N PHE E 200 47.38 8.87 58.06
CA PHE E 200 48.15 7.97 57.21
C PHE E 200 48.53 8.79 55.98
N VAL E 201 49.80 9.13 55.83
CA VAL E 201 50.19 9.98 54.71
C VAL E 201 51.28 9.42 53.83
N THR E 202 52.00 8.41 54.29
CA THR E 202 53.11 7.87 53.50
C THR E 202 52.57 6.74 52.67
N THR E 203 53.35 6.29 51.73
CA THR E 203 52.94 5.20 50.90
C THR E 203 52.75 3.93 51.71
N ALA E 204 53.67 3.59 52.61
CA ALA E 204 53.46 2.38 53.39
C ALA E 204 52.18 2.50 54.22
N GLU E 205 51.91 3.69 54.72
CA GLU E 205 50.71 3.91 55.49
C GLU E 205 49.46 3.68 54.63
N ARG E 206 49.54 4.00 53.34
CA ARG E 206 48.46 3.76 52.40
C ARG E 206 48.18 2.27 52.32
N GLU E 207 49.25 1.46 52.36
CA GLU E 207 49.12 0.02 52.27
C GLU E 207 48.43 -0.49 53.54
N ILE E 208 48.71 0.13 54.66
CA ILE E 208 48.05 -0.27 55.90
C ILE E 208 46.57 0.02 55.79
N VAL E 209 46.21 1.20 55.29
CA VAL E 209 44.79 1.50 55.17
C VAL E 209 44.15 0.52 54.25
N ARG E 210 44.81 0.18 53.15
CA ARG E 210 44.25 -0.82 52.28
C ARG E 210 43.97 -2.10 53.07
N ASP E 211 44.89 -2.53 53.92
CA ASP E 211 44.63 -3.75 54.69
C ASP E 211 43.44 -3.58 55.65
N ILE E 212 43.29 -2.38 56.23
CA ILE E 212 42.20 -2.15 57.15
C ILE E 212 40.89 -2.29 56.40
N LYS E 213 40.81 -1.66 55.24
CA LYS E 213 39.62 -1.69 54.41
C LYS E 213 39.21 -3.11 54.09
N GLU E 214 40.19 -3.92 53.71
CA GLU E 214 39.96 -5.28 53.30
C GLU E 214 39.39 -6.16 54.41
N LYS E 215 39.79 -5.89 55.65
CA LYS E 215 39.28 -6.69 56.75
C LYS E 215 38.06 -6.12 57.45
N LEU E 216 37.91 -4.81 57.54
CA LEU E 216 36.80 -4.26 58.29
C LEU E 216 35.58 -3.72 57.55
N CYS E 217 35.72 -3.32 56.29
CA CYS E 217 34.59 -2.67 55.64
C CYS E 217 33.52 -3.61 55.12
N TYR E 218 32.31 -3.07 55.07
CA TYR E 218 31.14 -3.79 54.57
C TYR E 218 30.18 -2.81 53.94
N VAL E 219 29.26 -3.32 53.15
CA VAL E 219 28.31 -2.45 52.53
C VAL E 219 27.04 -2.39 53.35
N ALA E 220 26.63 -1.20 53.72
CA ALA E 220 25.41 -1.09 54.47
C ALA E 220 24.27 -1.43 53.54
N LEU E 221 23.29 -2.17 54.02
CA LEU E 221 22.13 -2.40 53.17
C LEU E 221 21.35 -1.10 53.07
N ASP E 222 21.30 -0.38 54.17
CA ASP E 222 20.62 0.90 54.26
C ASP E 222 21.55 1.87 54.95
N PHE E 223 22.20 2.70 54.16
CA PHE E 223 23.24 3.57 54.66
C PHE E 223 22.79 4.51 55.75
N GLU E 224 21.67 5.16 55.52
CA GLU E 224 21.20 6.14 56.48
C GLU E 224 20.79 5.50 57.78
N ASN E 225 20.13 4.34 57.73
CA ASN E 225 19.73 3.72 58.97
C ASN E 225 20.94 3.11 59.66
N GLU E 226 21.92 2.66 58.88
CA GLU E 226 23.09 2.05 59.46
C GLU E 226 23.87 3.15 60.17
N MET E 227 23.94 4.32 59.52
CA MET E 227 24.62 5.46 60.09
C MET E 227 23.91 5.98 61.32
N ALA E 228 22.58 6.04 61.28
CA ALA E 228 21.87 6.49 62.45
C ALA E 228 22.10 5.53 63.61
N THR E 229 22.18 4.24 63.30
CA THR E 229 22.44 3.25 64.34
C THR E 229 23.83 3.45 64.90
N ALA E 230 24.80 3.64 64.01
CA ALA E 230 26.20 3.80 64.38
C ALA E 230 26.39 4.99 65.27
N ALA E 231 25.57 6.01 65.09
CA ALA E 231 25.66 7.20 65.89
C ALA E 231 25.51 6.92 67.38
N SER E 232 24.73 5.91 67.78
CA SER E 232 24.58 5.66 69.21
C SER E 232 25.06 4.28 69.65
N SER E 233 25.22 3.34 68.71
CA SER E 233 25.61 1.98 69.09
C SER E 233 27.07 1.63 68.92
N SER E 234 27.69 1.28 70.04
CA SER E 234 29.09 0.93 70.14
C SER E 234 29.39 -0.42 69.50
N SER E 235 28.34 -1.19 69.17
CA SER E 235 28.50 -2.52 68.58
C SER E 235 29.04 -2.42 67.16
N LEU E 236 28.99 -1.23 66.60
CA LEU E 236 29.49 -0.98 65.28
C LEU E 236 31.00 -0.89 65.24
N GLU E 237 31.63 -0.51 66.35
CA GLU E 237 33.06 -0.31 66.33
C GLU E 237 33.83 -1.61 66.39
N LYS E 238 34.95 -1.64 65.67
CA LYS E 238 35.85 -2.78 65.68
C LYS E 238 37.27 -2.29 65.89
N SER E 239 38.07 -3.09 66.57
CA SER E 239 39.46 -2.72 66.73
C SER E 239 40.30 -3.32 65.62
N TYR E 240 41.44 -2.70 65.38
CA TYR E 240 42.43 -3.19 64.45
C TYR E 240 43.82 -3.00 65.00
N GLU E 241 44.64 -4.04 64.91
CA GLU E 241 46.00 -3.90 65.39
C GLU E 241 46.95 -3.59 64.26
N LEU E 242 47.65 -2.49 64.42
CA LEU E 242 48.60 -1.98 63.47
C LEU E 242 49.87 -2.80 63.52
N PRO E 243 50.68 -2.82 62.47
CA PRO E 243 51.93 -3.54 62.41
C PRO E 243 52.89 -3.28 63.58
N ASP E 244 52.83 -2.11 64.22
CA ASP E 244 53.73 -1.84 65.32
C ASP E 244 53.13 -2.14 66.67
N GLY E 245 51.98 -2.77 66.71
CA GLY E 245 51.34 -3.12 67.97
C GLY E 245 50.37 -2.07 68.49
N GLN E 246 50.25 -0.93 67.84
CA GLN E 246 49.31 0.02 68.36
C GLN E 246 47.92 -0.40 67.91
N VAL E 247 46.91 -0.05 68.68
CA VAL E 247 45.56 -0.44 68.33
C VAL E 247 44.66 0.74 68.11
N ILE E 248 43.93 0.68 67.01
CA ILE E 248 42.99 1.74 66.66
C ILE E 248 41.58 1.25 66.52
N THR E 249 40.65 2.17 66.65
CA THR E 249 39.24 1.82 66.55
C THR E 249 38.59 2.43 65.33
N ILE E 250 37.91 1.59 64.58
CA ILE E 250 37.21 2.03 63.40
C ILE E 250 35.72 1.90 63.67
N GLY E 251 34.96 2.97 63.43
CA GLY E 251 33.53 3.02 63.68
C GLY E 251 32.72 2.96 62.40
N ASN E 252 32.04 4.04 62.06
CA ASN E 252 31.15 4.03 60.89
C ASN E 252 31.91 4.15 59.59
N GLU E 253 33.22 4.27 59.69
CA GLU E 253 34.07 4.37 58.55
C GLU E 253 34.05 3.03 57.84
N ARG E 254 33.65 1.98 58.59
CA ARG E 254 33.60 0.65 58.05
C ARG E 254 32.59 0.59 56.90
N PHE E 255 31.52 1.40 56.94
CA PHE E 255 30.59 1.36 55.83
C PHE E 255 30.57 2.66 55.03
N ARG E 256 31.14 3.73 55.57
CA ARG E 256 31.17 4.97 54.82
C ARG E 256 32.13 4.87 53.65
N CYS E 257 33.19 4.09 53.80
CA CYS E 257 34.09 3.94 52.68
C CYS E 257 33.42 3.33 51.44
N PRO E 258 32.90 2.07 51.44
CA PRO E 258 32.28 1.44 50.30
C PRO E 258 31.03 2.15 49.81
N GLU E 259 30.38 2.95 50.67
CA GLU E 259 29.21 3.69 50.25
C GLU E 259 29.52 4.57 49.05
N THR E 260 30.78 4.96 48.88
CA THR E 260 31.22 5.82 47.81
C THR E 260 30.79 5.22 46.46
N LEU E 261 30.77 3.89 46.37
CA LEU E 261 30.41 3.16 45.16
C LEU E 261 28.97 3.42 44.79
N PHE E 262 28.15 3.79 45.75
CA PHE E 262 26.76 4.05 45.47
C PHE E 262 26.60 5.56 45.37
N GLN E 263 27.47 6.30 46.04
CA GLN E 263 27.44 7.75 46.03
C GLN E 263 28.80 8.41 45.71
N PRO E 264 29.26 8.42 44.44
CA PRO E 264 30.55 8.92 43.97
C PRO E 264 30.75 10.39 44.25
N SER E 265 29.66 11.08 44.56
CA SER E 265 29.68 12.50 44.87
C SER E 265 30.46 12.73 46.16
N PHE E 266 30.68 11.68 46.96
CA PHE E 266 31.41 11.79 48.20
C PHE E 266 32.85 12.16 47.97
N ILE E 267 33.36 11.88 46.78
CA ILE E 267 34.73 12.19 46.44
C ILE E 267 34.80 13.21 45.32
N GLY E 268 33.67 13.91 45.07
CA GLY E 268 33.61 14.94 44.05
C GLY E 268 33.27 14.49 42.62
N MET E 269 32.88 13.24 42.38
CA MET E 269 32.58 12.83 41.02
C MET E 269 31.13 13.09 40.61
N GLU E 270 30.92 13.36 39.30
CA GLU E 270 29.58 13.51 38.69
C GLU E 270 29.05 12.18 38.23
N SER E 271 29.87 11.19 38.40
CA SER E 271 29.66 9.85 37.96
C SER E 271 28.46 9.20 38.58
N ALA E 272 27.89 8.30 37.80
CA ALA E 272 26.78 7.46 38.20
C ALA E 272 27.28 6.48 39.25
N GLY E 273 26.42 6.06 40.16
CA GLY E 273 26.86 5.07 41.13
C GLY E 273 26.91 3.74 40.41
N ILE E 274 27.41 2.70 41.06
CA ILE E 274 27.52 1.46 40.31
C ILE E 274 26.19 0.86 39.88
N HIS E 275 25.15 1.15 40.67
CA HIS E 275 23.78 0.66 40.41
C HIS E 275 23.09 1.52 39.35
N GLU E 276 23.62 2.71 39.06
CA GLU E 276 23.00 3.58 38.08
C GLU E 276 23.66 3.30 36.78
N THR E 277 24.95 2.98 36.88
CA THR E 277 25.74 2.70 35.72
C THR E 277 25.24 1.40 35.12
N THR E 278 25.01 0.40 35.96
CA THR E 278 24.52 -0.87 35.49
C THR E 278 23.17 -0.68 34.85
N TYR E 279 22.30 0.05 35.53
CA TYR E 279 20.98 0.29 35.02
C TYR E 279 21.02 0.98 33.68
N ASN E 280 21.82 2.04 33.55
CA ASN E 280 21.85 2.74 32.30
C ASN E 280 22.44 1.90 31.18
N SER E 281 23.41 1.05 31.47
CA SER E 281 23.94 0.21 30.41
C SER E 281 22.83 -0.68 29.90
N ILE E 282 22.01 -1.21 30.80
CA ILE E 282 20.89 -2.04 30.40
C ILE E 282 19.90 -1.20 29.59
N MET E 283 19.60 0.02 30.03
CA MET E 283 18.63 0.82 29.29
C MET E 283 19.11 1.21 27.88
N LYS E 284 20.42 1.24 27.66
CA LYS E 284 20.97 1.55 26.34
C LYS E 284 20.89 0.36 25.40
N CYS E 285 20.51 -0.79 25.93
CA CYS E 285 20.39 -2.00 25.18
C CYS E 285 18.95 -2.17 24.68
N ASP E 286 18.80 -2.94 23.64
CA ASP E 286 17.50 -3.19 23.03
C ASP E 286 16.48 -3.72 24.02
N ILE E 287 15.26 -3.28 23.86
CA ILE E 287 14.18 -3.69 24.74
C ILE E 287 14.00 -5.20 24.86
N ASP E 288 14.33 -5.97 23.83
CA ASP E 288 14.15 -7.41 23.91
C ASP E 288 15.35 -8.13 24.50
N ILE E 289 16.35 -7.38 24.88
CA ILE E 289 17.55 -7.87 25.52
C ILE E 289 17.48 -7.61 27.01
N ARG E 290 16.95 -6.43 27.35
CA ARG E 290 16.91 -5.95 28.72
C ARG E 290 16.43 -6.99 29.71
N LYS E 291 15.41 -7.76 29.36
CA LYS E 291 14.92 -8.73 30.31
C LYS E 291 15.98 -9.68 30.82
N ASP E 292 16.91 -10.10 29.97
CA ASP E 292 17.86 -11.07 30.40
C ASP E 292 18.98 -10.40 31.13
N LEU E 293 19.28 -9.18 30.76
CA LEU E 293 20.37 -8.54 31.45
C LEU E 293 19.95 -8.27 32.89
N TYR E 294 18.68 -7.93 33.13
CA TYR E 294 18.26 -7.68 34.51
C TYR E 294 18.34 -8.97 35.31
N ALA E 295 17.96 -10.06 34.66
CA ALA E 295 17.98 -11.37 35.26
C ALA E 295 19.37 -11.80 35.62
N ASN E 296 20.39 -11.38 34.86
CA ASN E 296 21.73 -11.83 35.16
C ASN E 296 22.78 -10.72 35.28
N ASN E 297 22.81 -10.07 36.44
CA ASN E 297 23.83 -9.06 36.71
C ASN E 297 24.99 -9.79 37.36
N VAL E 298 26.12 -9.84 36.69
CA VAL E 298 27.26 -10.60 37.15
C VAL E 298 28.37 -9.75 37.71
N MET E 299 28.71 -9.99 38.97
CA MET E 299 29.76 -9.26 39.62
C MET E 299 31.10 -9.93 39.50
N SER E 300 32.16 -9.12 39.39
CA SER E 300 33.52 -9.63 39.43
C SER E 300 34.49 -8.57 39.92
N GLY E 301 35.68 -9.00 40.35
CA GLY E 301 36.71 -8.05 40.75
C GLY E 301 36.77 -7.86 42.26
N GLY E 302 37.94 -7.43 42.73
CA GLY E 302 38.21 -7.25 44.15
C GLY E 302 37.30 -6.31 44.92
N THR E 303 36.71 -5.29 44.31
CA THR E 303 35.90 -4.43 45.17
C THR E 303 34.58 -5.06 45.50
N THR E 304 34.26 -6.18 44.88
CA THR E 304 32.97 -6.81 45.11
C THR E 304 33.10 -7.72 46.31
N MET E 305 34.28 -7.74 46.91
CA MET E 305 34.51 -8.51 48.10
C MET E 305 33.81 -7.92 49.31
N TYR E 306 33.50 -6.62 49.33
CA TYR E 306 32.89 -6.12 50.55
C TYR E 306 31.64 -6.93 50.87
N PRO E 307 31.48 -7.49 52.07
CA PRO E 307 30.32 -8.22 52.45
C PRO E 307 29.12 -7.35 52.30
N GLY E 308 28.04 -7.91 51.79
CA GLY E 308 26.82 -7.14 51.63
C GLY E 308 26.70 -6.43 50.29
N ILE E 309 27.73 -6.45 49.45
CA ILE E 309 27.60 -5.72 48.20
C ILE E 309 26.52 -6.31 47.33
N ALA E 310 26.36 -7.63 47.37
CA ALA E 310 25.36 -8.28 46.56
C ALA E 310 23.96 -7.88 46.96
N ASP E 311 23.73 -7.65 48.23
CA ASP E 311 22.39 -7.35 48.67
C ASP E 311 22.08 -5.91 48.44
N ARG E 312 23.08 -5.06 48.58
CA ARG E 312 22.81 -3.68 48.33
C ARG E 312 22.56 -3.46 46.85
N MET E 313 23.33 -4.12 45.98
CA MET E 313 23.08 -3.93 44.58
C MET E 313 21.72 -4.51 44.21
N GLN E 314 21.31 -5.63 44.83
CA GLN E 314 20.02 -6.19 44.51
C GLN E 314 18.93 -5.19 44.83
N LYS E 315 19.05 -4.52 45.96
CA LYS E 315 18.07 -3.53 46.36
C LYS E 315 18.01 -2.37 45.40
N GLU E 316 19.18 -1.86 45.00
CA GLU E 316 19.21 -0.69 44.14
C GLU E 316 18.72 -0.98 42.74
N ILE E 317 19.09 -2.11 42.16
CA ILE E 317 18.63 -2.36 40.82
C ILE E 317 17.16 -2.61 40.87
N THR E 318 16.69 -3.35 41.87
CA THR E 318 15.28 -3.63 41.98
C THR E 318 14.50 -2.35 42.05
N ALA E 319 14.96 -1.38 42.81
CA ALA E 319 14.29 -0.10 42.90
C ALA E 319 14.21 0.64 41.56
N LEU E 320 15.23 0.53 40.72
CA LEU E 320 15.25 1.24 39.43
C LEU E 320 14.50 0.49 38.33
N ALA E 321 14.53 -0.83 38.41
CA ALA E 321 13.94 -1.74 37.45
C ALA E 321 12.40 -1.71 37.53
N PRO E 322 11.68 -2.11 36.47
CA PRO E 322 10.25 -2.29 36.47
C PRO E 322 9.87 -3.29 37.54
N SER E 323 8.72 -3.09 38.17
CA SER E 323 8.24 -3.93 39.27
C SER E 323 7.88 -5.36 38.92
N THR E 324 7.74 -5.65 37.64
CA THR E 324 7.39 -6.99 37.21
C THR E 324 8.61 -7.73 36.70
N MET E 325 9.76 -7.06 36.76
CA MET E 325 10.99 -7.62 36.27
C MET E 325 11.66 -8.47 37.33
N LYS E 326 12.30 -9.55 36.92
CA LYS E 326 13.08 -10.36 37.83
C LYS E 326 14.52 -9.89 37.79
N ILE E 327 15.03 -9.52 38.93
CA ILE E 327 16.39 -9.03 39.02
C ILE E 327 17.19 -9.96 39.88
N LYS E 328 18.33 -10.38 39.39
CA LYS E 328 19.16 -11.23 40.21
C LYS E 328 20.62 -10.86 40.13
N ILE E 329 21.27 -10.86 41.28
CA ILE E 329 22.69 -10.60 41.36
C ILE E 329 23.43 -11.91 41.49
N ILE E 330 24.37 -12.10 40.61
CA ILE E 330 25.18 -13.28 40.58
C ILE E 330 26.53 -12.92 41.14
N ALA E 331 26.87 -13.53 42.25
CA ALA E 331 28.09 -13.16 42.92
C ALA E 331 28.74 -14.33 43.67
N PRO E 332 29.41 -15.25 42.95
CA PRO E 332 30.05 -16.46 43.46
C PRO E 332 31.19 -16.09 44.40
N PRO E 333 31.64 -16.97 45.27
CA PRO E 333 32.74 -16.73 46.21
C PRO E 333 34.09 -16.50 45.52
N GLU E 334 34.16 -16.82 44.23
CA GLU E 334 35.36 -16.73 43.43
C GLU E 334 35.49 -15.46 42.59
N ARG E 335 34.65 -14.45 42.82
CA ARG E 335 34.64 -13.21 42.02
C ARG E 335 36.01 -12.56 41.87
N LYS E 336 36.81 -12.62 42.91
CA LYS E 336 38.13 -12.01 42.91
C LYS E 336 39.02 -12.52 41.77
N TYR E 337 38.85 -13.79 41.40
CA TYR E 337 39.65 -14.44 40.40
C TYR E 337 38.91 -14.70 39.11
N SER E 338 37.73 -14.10 38.93
CA SER E 338 36.94 -14.40 37.75
C SER E 338 37.69 -14.15 36.46
N VAL E 339 38.40 -13.04 36.39
CA VAL E 339 39.11 -12.74 35.17
C VAL E 339 40.19 -13.75 34.90
N TRP E 340 40.94 -14.11 35.92
CA TRP E 340 42.00 -15.05 35.71
C TRP E 340 41.44 -16.37 35.21
N ILE E 341 40.35 -16.82 35.84
CA ILE E 341 39.75 -18.09 35.49
C ILE E 341 39.25 -18.06 34.09
N GLY E 342 38.57 -16.99 33.70
CA GLY E 342 38.06 -16.87 32.37
C GLY E 342 39.20 -16.95 31.39
N GLY E 343 40.35 -16.40 31.77
CA GLY E 343 41.54 -16.42 30.96
C GLY E 343 41.95 -17.86 30.71
N SER E 344 42.02 -18.66 31.78
CA SER E 344 42.42 -20.06 31.68
C SER E 344 41.47 -20.81 30.76
N ILE E 345 40.17 -20.55 30.91
CA ILE E 345 39.20 -21.25 30.10
C ILE E 345 39.33 -20.89 28.65
N LEU E 346 39.39 -19.60 28.34
CA LEU E 346 39.43 -19.19 26.96
C LEU E 346 40.67 -19.66 26.30
N ALA E 347 41.77 -19.56 27.01
CA ALA E 347 43.06 -19.92 26.48
C ALA E 347 43.11 -21.38 26.03
N SER E 348 42.36 -22.24 26.70
CA SER E 348 42.34 -23.66 26.35
C SER E 348 41.32 -24.05 25.26
N LEU E 349 40.49 -23.11 24.78
CA LEU E 349 39.48 -23.49 23.80
C LEU E 349 40.06 -23.52 22.39
N SER E 350 39.56 -24.46 21.58
CA SER E 350 40.00 -24.65 20.19
C SER E 350 39.62 -23.52 19.26
N THR E 351 38.67 -22.71 19.70
CA THR E 351 38.24 -21.56 18.95
C THR E 351 39.22 -20.42 19.16
N PHE E 352 39.75 -20.35 20.35
CA PHE E 352 40.66 -19.30 20.75
C PHE E 352 42.00 -19.52 20.11
N GLN E 353 42.32 -20.78 19.90
CA GLN E 353 43.59 -21.16 19.30
C GLN E 353 43.76 -20.57 17.90
N GLN E 354 42.68 -20.13 17.27
CA GLN E 354 42.74 -19.55 15.96
C GLN E 354 42.93 -18.02 15.97
N MET E 355 42.75 -17.40 17.14
CA MET E 355 42.75 -15.94 17.29
C MET E 355 44.06 -15.28 17.69
N TRP E 356 45.08 -16.06 17.93
CA TRP E 356 46.35 -15.55 18.44
C TRP E 356 47.10 -14.69 17.45
N ILE E 357 47.75 -13.64 17.92
CA ILE E 357 48.61 -12.87 17.05
C ILE E 357 49.95 -13.49 17.17
N THR E 358 50.50 -13.97 16.07
CA THR E 358 51.78 -14.62 16.17
C THR E 358 52.84 -13.58 15.99
N LYS E 359 54.06 -13.90 16.38
CA LYS E 359 55.10 -12.93 16.16
C LYS E 359 55.29 -12.64 14.69
N GLN E 360 55.15 -13.66 13.86
CA GLN E 360 55.39 -13.41 12.46
C GLN E 360 54.35 -12.48 11.89
N GLU E 361 53.09 -12.65 12.27
CA GLU E 361 52.07 -11.78 11.72
C GLU E 361 52.27 -10.36 12.21
N TYR E 362 52.68 -10.21 13.46
CA TYR E 362 52.95 -8.91 14.03
C TYR E 362 54.07 -8.23 13.27
N ASP E 363 55.16 -8.94 13.07
CA ASP E 363 56.27 -8.30 12.40
C ASP E 363 55.90 -7.83 11.00
N GLU E 364 55.08 -8.58 10.29
CA GLU E 364 54.69 -8.16 8.95
C GLU E 364 53.60 -7.08 8.93
N ALA E 365 52.61 -7.20 9.83
CA ALA E 365 51.47 -6.28 9.87
C ALA E 365 51.72 -4.98 10.62
N GLY E 366 52.56 -5.03 11.64
CA GLY E 366 52.83 -3.91 12.50
C GLY E 366 51.76 -3.85 13.60
N PRO E 367 51.83 -2.86 14.49
CA PRO E 367 50.99 -2.64 15.65
C PRO E 367 49.51 -2.57 15.40
N SER E 368 49.06 -2.24 14.20
CA SER E 368 47.62 -2.14 13.99
C SER E 368 46.91 -3.47 14.21
N ILE E 369 47.66 -4.56 14.15
CA ILE E 369 47.14 -5.89 14.33
C ILE E 369 46.54 -6.11 15.69
N VAL E 370 46.92 -5.31 16.68
CA VAL E 370 46.44 -5.51 18.03
C VAL E 370 44.97 -5.16 18.14
N HIS E 371 44.42 -4.52 17.12
CA HIS E 371 43.03 -4.14 17.16
C HIS E 371 42.21 -5.12 16.34
N ARG E 372 42.83 -6.23 15.94
CA ARG E 372 42.18 -7.26 15.17
C ARG E 372 41.12 -7.98 16.00
N LYS E 373 39.98 -8.23 15.40
CA LYS E 373 38.93 -8.97 16.06
C LYS E 373 38.66 -10.23 15.25
N CYS E 374 39.54 -11.23 15.39
CA CYS E 374 39.45 -12.44 14.58
C CYS E 374 38.22 -13.27 14.80
N PHE E 375 37.98 -13.61 16.05
CA PHE E 375 36.90 -14.48 16.45
C PHE E 375 36.62 -15.55 15.43
PB ADP F . -42.84 -17.91 -30.21
O1B ADP F . -42.33 -19.02 -29.39
O2B ADP F . -44.20 -18.28 -30.84
O3B ADP F . -41.86 -17.27 -31.13
PA ADP F . -44.52 -16.63 -28.49
O1A ADP F . -44.91 -17.91 -27.89
O2A ADP F . -45.49 -16.03 -29.41
O3A ADP F . -43.16 -16.80 -29.19
O5' ADP F . -44.21 -15.55 -27.39
C5' ADP F . -42.85 -15.19 -27.15
C4' ADP F . -42.71 -13.70 -27.45
O4' ADP F . -43.83 -13.03 -26.98
C3' ADP F . -41.57 -13.05 -26.73
O3' ADP F . -41.06 -12.06 -27.62
C2' ADP F . -42.20 -12.46 -25.53
O2' ADP F . -41.54 -11.32 -24.97
C1' ADP F . -43.50 -12.01 -26.07
N9 ADP F . -44.52 -11.90 -25.04
C8 ADP F . -45.00 -12.87 -24.28
N7 ADP F . -45.93 -12.42 -23.43
C5 ADP F . -46.02 -11.12 -23.65
C6 ADP F . -46.80 -10.03 -23.10
N6 ADP F . -47.70 -10.23 -22.11
N1 ADP F . -46.61 -8.83 -23.62
C2 ADP F . -45.74 -8.61 -24.58
N3 ADP F . -45.00 -9.56 -25.12
C4 ADP F . -45.11 -10.80 -24.70
P PO4 G . -41.88 -17.83 -34.49
O1 PO4 G . -40.55 -17.67 -33.78
O2 PO4 G . -41.69 -18.01 -35.95
O3 PO4 G . -42.60 -18.95 -33.90
O4 PO4 G . -42.68 -16.68 -34.01
MG MG H . -45.03 -18.72 -32.97
C40 9ZK I . -30.71 -18.60 -44.76
C41 9ZK I . -31.25 -19.88 -44.31
C35 9ZK I . -38.46 -13.89 -45.19
C34 9ZK I . -38.58 -15.04 -46.11
C33 9ZK I . -37.40 -15.88 -46.42
C32 9ZK I . -36.10 -15.56 -45.78
C42 9ZK I . -31.63 -20.91 -45.28
C31 9ZK I . -36.00 -14.39 -44.83
C39 9ZK I . -30.53 -18.28 -46.23
C30 9ZK I . -37.15 -13.56 -44.53
C28 9ZK I . -35.49 -12.76 -43.40
C27 9ZK I . -34.99 -13.84 -44.08
C38 9ZK I . -29.93 -16.84 -46.59
C26 9ZK I . -33.56 -14.41 -44.05
C25 9ZK I . -32.50 -14.01 -45.17
C24 9ZK I . -31.51 -11.88 -43.85
C22 9ZK I . -32.55 -11.53 -46.23
C20 9ZK I . -35.70 -7.04 -44.31
C19 9ZK I . -35.62 -8.61 -44.23
C18 9ZK I . -34.77 -9.39 -45.28
C17 9ZK I . -33.22 -9.09 -45.31
C16 9ZK I . -32.33 -9.93 -46.28
C14 9ZK I . -31.57 -8.84 -48.63
C13 9ZK I . -31.73 -7.61 -51.06
C12 9ZK I . -32.29 -8.62 -50.01
C11 9ZK I . -32.52 -10.08 -50.63
C10 9ZK I . -30.77 -11.24 -52.22
C44 9ZK I . -31.47 -20.65 -46.74
C36 9ZK I . -31.28 -14.95 -45.22
N23 9ZK I . -32.18 -12.48 -45.09
N15 9ZK I . -32.46 -9.46 -47.67
C09 9ZK I . -31.33 -11.12 -50.83
C08 9ZK I . -30.82 -11.87 -49.79
C07 9ZK I . -29.70 -12.90 -49.67
C06 9ZK I . -28.33 -12.50 -49.15
C02 9ZK I . -27.19 -13.57 -49.39
C01 9ZK I . -26.40 -13.48 -50.77
O03 9ZK I . -27.64 -14.98 -49.26
C04 9ZK I . -27.93 -15.71 -48.08
C46 9ZK I . -29.16 -16.57 -47.99
N37 9ZK I . -31.04 -15.82 -46.36
N29 9ZK I . -36.80 -12.59 -43.67
O47 9ZK I . -30.53 -14.99 -44.32
C45 9ZK I . -30.92 -19.34 -47.21
O43 9ZK I . -32.12 -22.10 -44.82
O05 9ZK I . -27.21 -15.65 -47.17
O49 9ZK I . -30.43 -8.56 -48.45
N21 9ZK I . -36.77 -6.44 -43.46
O48 9ZK I . -33.10 -11.98 -47.23
C40 9ZK J . -27.19 9.43 -15.47
C41 9ZK J . -27.19 10.77 -16.04
C35 9ZK J . -25.34 4.66 -22.97
C34 9ZK J . -26.61 5.39 -23.20
C33 9ZK J . -27.27 6.10 -22.08
C32 9ZK J . -26.67 6.07 -20.74
C42 9ZK J . -28.44 11.37 -16.53
C31 9ZK J . -25.35 5.33 -20.52
C39 9ZK J . -28.44 8.61 -15.35
C30 9ZK J . -24.71 4.63 -21.61
C28 9ZK J . -23.48 4.35 -19.86
C27 9ZK J . -24.54 5.12 -19.45
C38 9ZK J . -28.30 7.15 -14.70
C26 9ZK J . -24.81 5.70 -18.04
C25 9ZK J . -25.79 4.95 -17.03
C24 9ZK J . -23.86 3.48 -15.85
C22 9ZK J . -25.87 2.25 -17.02
C20 9ZK J . -22.26 -1.32 -19.81
C19 9ZK J . -22.75 0.17 -19.81
C18 9ZK J . -24.07 0.54 -19.06
C17 9ZK J . -24.09 0.29 -17.50
C16 9ZK J . -25.36 0.75 -16.71
C14 9ZK J . -27.22 -1.08 -16.02
C13 9ZK J . -29.03 -3.12 -16.26
C12 9ZK J . -28.38 -1.82 -16.81
C11 9ZK J . -29.47 -0.68 -17.16
C10 9ZK J . -31.49 -0.13 -15.56
C44 9ZK J . -29.70 10.61 -16.44
C36 9ZK J . -26.25 5.86 -15.87
N23 9ZK J . -25.19 3.57 -16.63
N15 9ZK J . -26.48 -0.19 -16.90
C09 9ZK J . -30.10 0.25 -16.03
C08 9ZK J . -29.44 1.34 -15.50
C07 9ZK J . -29.78 2.37 -14.43
C06 9ZK J . -29.26 2.22 -13.02
C02 9ZK J . -29.94 3.18 -11.95
C01 9ZK J . -31.25 2.61 -11.24
O03 9ZK J . -30.29 4.51 -12.47
C04 9ZK J . -29.43 5.62 -12.73
C46 9ZK J . -29.57 6.43 -14.01
N37 9ZK J . -27.65 6.25 -15.74
N29 9ZK J . -23.57 4.05 -21.16
O47 9ZK J . -25.49 6.23 -15.07
C45 9ZK J . -29.72 9.23 -15.85
O43 9ZK J . -28.39 12.63 -17.06
O05 9ZK J . -28.62 5.91 -11.96
O49 9ZK J . -27.04 -1.26 -14.87
N21 9ZK J . -21.17 -1.60 -20.79
O48 9ZK J . -26.93 2.30 -17.64
PB ADP K . -12.53 13.70 -26.71
O1B ADP K . -12.20 15.05 -26.20
O2B ADP K . -13.15 13.78 -28.11
O3B ADP K . -13.22 12.79 -25.75
PA ADP K . -10.35 13.07 -28.21
O1A ADP K . -10.22 14.48 -28.63
O2A ADP K . -10.92 12.16 -29.20
O3A ADP K . -11.16 13.03 -26.91
O5' ADP K . -8.96 12.48 -27.78
C5' ADP K . -8.70 12.27 -26.40
C4' ADP K . -8.46 10.78 -26.19
O4' ADP K . -7.69 10.29 -27.26
C3' ADP K . -7.64 10.46 -24.98
O3' ADP K . -8.15 9.23 -24.48
C2' ADP K . -6.26 10.32 -25.52
O2' ADP K . -5.38 9.49 -24.77
C1' ADP K . -6.51 9.67 -26.81
N9 ADP K . -5.44 9.92 -27.77
C8 ADP K . -5.05 11.08 -28.25
N7 ADP K . -4.03 10.94 -29.12
C5 ADP K . -3.75 9.65 -29.15
C6 ADP K . -2.80 8.82 -29.84
N6 ADP K . -1.89 9.32 -30.68
N1 ADP K . -2.86 7.51 -29.61
C2 ADP K . -3.75 6.98 -28.78
N3 ADP K . -4.64 7.69 -28.12
C4 ADP K . -4.69 8.99 -28.28
P PO4 L . -16.55 12.11 -25.99
O1 PO4 L . -15.92 12.25 -24.61
O2 PO4 L . -17.98 11.75 -25.89
O3 PO4 L . -16.35 13.34 -26.73
O4 PO4 L . -15.64 11.18 -26.69
MG MG M . -15.23 13.40 -29.09
C40 9ZK N . 9.88 -6.01 -8.83
C41 9ZK N . 9.83 -7.47 -8.79
C35 9ZK N . 1.05 -4.23 -7.66
C34 9ZK N . 1.20 -5.02 -8.90
C33 9ZK N . 2.54 -5.29 -9.46
C32 9ZK N . 3.74 -4.77 -8.78
C42 9ZK N . 9.67 -8.23 -10.04
C31 9ZK N . 3.57 -3.96 -7.50
C39 9ZK N . 9.79 -5.23 -10.12
C30 9ZK N . 2.26 -3.68 -6.96
C28 9ZK N . 3.70 -2.75 -5.65
C27 9ZK N . 4.45 -3.35 -6.65
C38 9ZK N . 9.86 -3.64 -10.02
C26 9ZK N . 5.98 -3.39 -6.81
C25 9ZK N . 6.73 -2.36 -7.77
C24 9ZK N . 7.15 -0.50 -5.85
C22 9ZK N . 5.77 0.16 -7.99
C20 9ZK N . 1.63 2.59 -4.72
C19 9ZK N . 2.20 1.18 -5.15
C18 9ZK N . 3.13 1.08 -6.40
C17 9ZK N . 4.49 1.87 -6.35
C16 9ZK N . 5.48 1.69 -7.55
C14 9ZK N . 5.59 3.58 -9.46
C13 9ZK N . 4.77 5.34 -11.37
C12 9ZK N . 4.68 3.95 -10.69
C11 9ZK N . 4.85 2.74 -11.73
C10 9ZK N . 6.68 2.75 -13.62
C44 9ZK N . 9.59 -7.53 -11.34
C36 9ZK N . 8.16 -2.79 -8.12
N23 9ZK N . 6.55 -0.91 -7.21
N15 9ZK N . 5.05 2.46 -8.71
C09 9ZK N . 6.28 2.26 -12.25
C08 9ZK N . 7.11 1.45 -11.50
C07 9ZK N . 8.49 0.86 -11.73
C06 9ZK N . 9.71 1.54 -11.13
C02 9ZK N . 11.11 1.02 -11.71
C01 9ZK N . 11.66 1.76 -13.01
O03 9ZK N . 11.14 -0.43 -12.02
C04 9ZK N . 11.22 -1.54 -11.12
C46 9ZK N . 10.34 -2.74 -11.29
N37 9ZK N . 8.52 -3.16 -9.47
N29 9ZK N . 2.40 -2.94 -5.83
O47 9ZK N . 8.98 -2.83 -7.28
C45 9ZK N . 9.64 -6.04 -11.38
O43 9ZK N . 9.64 -9.60 -9.95
O05 9ZK N . 11.99 -1.50 -10.24
O49 9ZK N . 6.60 4.18 -9.21
N21 9ZK N . 0.53 2.52 -3.72
O48 9ZK N . 5.29 -0.14 -9.08
PB ADP O . -0.10 -13.63 5.37
O1B ADP O . 0.84 -14.70 5.81
O2B ADP O . -1.33 -14.23 4.68
O3B ADP O . 0.52 -12.45 4.69
PA ADP O . -1.87 -13.53 7.43
O1A ADP O . -1.77 -14.99 7.61
O2A ADP O . -3.09 -13.05 6.76
O3A ADP O . -0.62 -13.04 6.69
O5' ADP O . -1.79 -12.77 8.80
C5' ADP O . -0.60 -12.07 9.13
C4' ADP O . -0.95 -10.60 9.31
O4' ADP O . -2.18 -10.50 9.98
C3' ADP O . 0.00 -9.85 10.18
O3' ADP O . 0.06 -8.53 9.63
C2' ADP O . -0.65 -9.87 11.52
O2' ADP O . -0.32 -8.80 12.39
C1' ADP O . -2.07 -9.74 11.16
N9 ADP O . -2.95 -10.28 12.18
C8 ADP O . -3.01 -11.54 12.61
N7 ADP O . -3.93 -11.68 13.57
C5 ADP O . -4.45 -10.48 13.77
C6 ADP O . -5.46 -9.93 14.65
N6 ADP O . -6.13 -10.68 15.54
N1 ADP O . -5.71 -8.63 14.53
C2 ADP O . -5.06 -7.86 13.66
N3 ADP O . -4.14 -8.31 12.84
C4 ADP O . -3.80 -9.58 12.86
P PO4 P . 0.29 -12.00 1.32
O1 PO4 P . 1.58 -11.61 2.03
O2 PO4 P . 0.36 -11.67 -0.13
O3 PO4 P . 0.03 -13.40 1.54
O4 PO4 P . -0.77 -11.36 2.14
MG MG Q . -2.22 -14.28 2.53
C40 9ZK R . 7.88 11.84 27.69
C41 9ZK R . 7.39 13.21 27.56
C35 9ZK R . 10.24 10.35 19.05
C34 9ZK R . 8.78 10.65 19.08
C33 9ZK R . 8.07 10.74 20.37
C32 9ZK R . 8.80 10.54 21.63
C42 9ZK R . 5.97 13.47 27.31
C31 9ZK R . 10.30 10.23 21.58
C39 9ZK R . 6.96 10.65 27.56
C30 9ZK R . 10.99 10.14 20.32
C28 9ZK R . 12.44 9.77 21.88
C27 9ZK R . 11.25 10.01 22.53
C38 9ZK R . 7.62 9.20 27.73
C26 9ZK R . 10.98 10.03 24.05
C25 9ZK R . 10.39 8.73 24.79
C24 9ZK R . 12.82 7.71 25.42
C22 9ZK R . 11.17 6.29 23.97
C20 9ZK R . 15.36 5.08 20.15
C19 9ZK R . 14.43 6.25 20.61
C18 9ZK R . 13.15 5.93 21.46
C17 9ZK R . 13.39 5.24 22.87
C16 9ZK R . 12.14 5.01 23.78
C14 9ZK R . 11.04 2.55 23.89
C13 9ZK R . 9.95 0.20 23.04
C12 9ZK R . 10.09 1.74 22.92
C11 9ZK R . 8.67 2.50 22.96
C10 9ZK R . 6.78 1.86 24.69
C44 9ZK R . 5.02 12.35 27.17
C36 9ZK R . 9.81 9.05 26.19
N23 9ZK R . 11.44 7.58 24.74
N15 9ZK R . 11.37 3.85 23.32
C09 9ZK R . 7.91 2.80 24.33
C08 9ZK R . 8.26 3.85 25.16
C07 9ZK R . 7.74 4.35 26.51
C06 9ZK R . 8.45 3.98 27.80
C02 9ZK R . 7.63 4.29 29.12
C01 9ZK R . 6.65 3.15 29.63
O03 9ZK R . 6.82 5.53 29.05
C04 9ZK R . 7.25 6.88 29.13
C46 9ZK R . 6.72 7.93 28.18
N37 9ZK R . 8.39 8.91 26.45
N29 9ZK R . 12.29 9.85 20.56
O47 9ZK R . 10.51 9.41 27.05
C45 9ZK R . 5.51 10.94 27.30
O43 9ZK R . 5.56 14.78 27.19
O05 9ZK R . 8.02 7.19 29.95
O49 9ZK R . 11.41 2.12 24.93
N21 9ZK R . 16.36 5.47 19.11
O48 9ZK R . 10.08 6.15 23.41
PB ADP S . 19.07 23.80 18.14
O1B ADP S . 19.03 24.96 19.03
O2B ADP S . 18.30 24.06 16.84
O3B ADP S . 18.81 22.47 18.78
PA ADP S . 21.15 24.39 16.49
O1A ADP S . 20.79 25.82 16.52
O2A ADP S . 20.78 23.66 15.27
O3A ADP S . 20.55 23.70 17.72
O5' ADP S . 22.70 24.19 16.69
C5' ADP S . 23.17 23.68 17.93
C4' ADP S . 23.89 22.37 17.67
O4' ADP S . 24.63 22.48 16.49
C3' ADP S . 24.89 22.01 18.71
O3' ADP S . 24.85 20.59 18.81
C2' ADP S . 26.18 22.49 18.13
O2' ADP S . 27.36 21.82 18.57
C1' ADP S . 25.99 22.21 16.70
N9 ADP S . 26.82 23.05 15.86
C8 ADP S . 26.77 24.37 15.75
N7 ADP S . 27.68 24.83 14.88
C5 ADP S . 28.33 23.77 14.43
C6 ADP S . 29.41 23.53 13.51
N6 ADP S . 30.02 24.54 12.86
N1 ADP S . 29.78 22.28 13.32
C2 ADP S . 29.20 21.28 13.96
N3 ADP S . 28.22 21.41 14.81
C4 ADP S . 27.76 22.62 15.08
P PO4 T . 15.85 20.81 18.38
O1 PO4 T . 16.57 20.75 19.72
O2 PO4 T . 14.63 19.99 18.39
O3 PO4 T . 15.57 22.20 18.07
O4 PO4 T . 16.93 20.50 17.41
MG MG U . 16.34 23.31 15.83
C40 9ZK V . 48.41 8.35 28.69
C41 9ZK V . 48.82 7.01 28.27
C35 9ZK V . 39.66 6.68 30.47
C34 9ZK V . 39.90 6.37 29.03
C33 9ZK V . 41.19 6.73 28.40
C32 9ZK V . 42.24 7.40 29.20
C42 9ZK V . 48.76 6.63 26.84
C31 9ZK V . 41.97 7.70 30.66
C39 9ZK V . 47.93 9.38 27.71
C30 9ZK V . 40.72 7.36 31.29
C28 9ZK V . 41.93 8.30 32.80
C27 9ZK V . 42.71 8.29 31.67
C38 9ZK V . 47.51 10.82 28.29
C26 9ZK V . 44.15 8.81 31.48
C25 9ZK V . 44.41 10.27 30.87
C24 9ZK V . 44.46 11.52 33.26
C22 9ZK V . 42.72 12.28 31.46
C20 9ZK V . 38.42 12.14 35.38
C19 9ZK V . 39.35 11.19 34.53
C18 9ZK V . 40.12 11.75 33.29
C17 9ZK V . 41.16 12.91 33.57
C16 9ZK V . 42.02 13.42 32.36
C14 9ZK V . 41.31 15.72 31.14
C13 9ZK V . 39.76 17.58 29.87
C12 9ZK V . 40.20 16.10 30.09
C11 9ZK V . 40.60 15.36 28.72
C10 9ZK V . 42.11 16.53 26.90
C44 9ZK V . 48.31 7.61 25.83
C36 9ZK V . 45.87 10.46 30.39
N23 9ZK V . 43.87 11.35 31.85
N15 9ZK V . 41.24 14.32 31.50
C09 9ZK V . 42.03 15.57 28.06
C08 9ZK V . 43.16 14.90 28.50
C07 9ZK V . 44.63 14.90 28.08
C06 9ZK V . 45.64 15.73 28.85
C02 9ZK V . 47.05 15.90 28.12
C01 9ZK V . 47.19 17.11 27.11
O03 9ZK V . 47.48 14.69 27.37
C04 9ZK V . 48.02 13.47 27.89
C46 9ZK V . 47.54 12.14 27.36
N37 9ZK V . 46.16 10.64 28.98
N29 9ZK V . 40.74 7.74 32.58
O47 9ZK V . 46.75 10.45 31.15
C45 9ZK V . 47.90 8.97 26.25
O43 9ZK V . 49.17 5.36 26.50
O05 9ZK V . 48.83 13.50 28.71
O49 9ZK V . 42.10 16.51 31.55
N21 9ZK V . 37.53 11.43 36.33
O48 9ZK V . 42.23 12.16 30.34
PB ADP W . 43.01 -5.92 39.94
O1B ADP W . 44.27 -6.69 40.00
O2B ADP W . 41.95 -6.66 39.11
O3B ADP W . 43.14 -4.47 39.65
PA ADP W . 41.54 -7.02 41.94
O1A ADP W . 42.10 -8.34 41.66
O2A ADP W . 40.17 -6.79 41.47
O3A ADP W . 42.48 -5.94 41.38
O5' ADP W . 41.54 -6.71 43.49
C5' ADP W . 42.48 -5.77 44.00
C4' ADP W . 41.71 -4.63 44.63
O4' ADP W . 40.61 -5.14 45.33
C3' ADP W . 42.48 -3.89 45.68
O3' ADP W . 42.06 -2.53 45.58
C2' ADP W . 42.02 -4.51 46.95
O2' ADP W . 42.11 -3.69 48.12
C1' ADP W . 40.60 -4.76 46.67
N9 ADP W . 40.06 -5.84 47.50
C8 ADP W . 40.44 -7.10 47.51
N7 ADP W . 39.73 -7.82 48.39
C5 ADP W . 38.89 -6.97 48.95
C6 ADP W . 37.86 -7.06 49.97
N6 ADP W . 37.58 -8.21 50.59
N1 ADP W . 37.22 -5.94 50.27
C2 ADP W . 37.48 -4.80 49.67
N3 ADP W . 38.40 -4.65 48.74
C4 ADP W . 39.11 -5.68 48.36
P PO4 X . 42.39 -3.15 36.59
O1 PO4 X . 43.57 -2.59 37.36
O2 PO4 X . 42.20 -2.42 35.32
O3 PO4 X . 42.62 -4.56 36.36
O4 PO4 X . 41.30 -3.17 37.59
MG MG Y . 40.88 -6.38 37.06
#